data_2OTA
# 
_entry.id   2OTA 
# 
_audit_conform.dict_name       mmcif_pdbx.dic 
_audit_conform.dict_version    5.397 
_audit_conform.dict_location   http://mmcif.pdb.org/dictionaries/ascii/mmcif_pdbx.dic 
# 
loop_
_database_2.database_id 
_database_2.database_code 
_database_2.pdbx_database_accession 
_database_2.pdbx_DOI 
PDB   2OTA         pdb_00002ota 10.2210/pdb2ota/pdb 
RCSB  RCSB041558   ?            ?                   
WWPDB D_1000041558 ?            ?                   
# 
loop_
_pdbx_audit_revision_history.ordinal 
_pdbx_audit_revision_history.data_content_type 
_pdbx_audit_revision_history.major_revision 
_pdbx_audit_revision_history.minor_revision 
_pdbx_audit_revision_history.revision_date 
1 'Structure model' 1 0 2007-02-20 
2 'Structure model' 1 1 2007-10-01 
3 'Structure model' 1 2 2011-07-13 
4 'Structure model' 1 3 2017-10-18 
5 'Structure model' 1 4 2018-01-24 
6 'Structure model' 1 5 2024-10-16 
# 
_pdbx_audit_revision_details.ordinal             1 
_pdbx_audit_revision_details.revision_ordinal    1 
_pdbx_audit_revision_details.data_content_type   'Structure model' 
_pdbx_audit_revision_details.provider            repository 
_pdbx_audit_revision_details.type                'Initial release' 
_pdbx_audit_revision_details.description         ? 
_pdbx_audit_revision_details.details             ? 
# 
loop_
_pdbx_audit_revision_group.ordinal 
_pdbx_audit_revision_group.revision_ordinal 
_pdbx_audit_revision_group.data_content_type 
_pdbx_audit_revision_group.group 
1  2 'Structure model' 'Version format compliance' 
2  3 'Structure model' 'Derived calculations'      
3  3 'Structure model' 'Source and taxonomy'       
4  3 'Structure model' 'Version format compliance' 
5  4 'Structure model' 'Refinement description'    
6  5 'Structure model' 'Database references'       
7  5 'Structure model' 'Structure summary'         
8  6 'Structure model' 'Data collection'           
9  6 'Structure model' 'Database references'       
10 6 'Structure model' 'Derived calculations'      
11 6 'Structure model' 'Structure summary'         
# 
loop_
_pdbx_audit_revision_category.ordinal 
_pdbx_audit_revision_category.revision_ordinal 
_pdbx_audit_revision_category.data_content_type 
_pdbx_audit_revision_category.category 
1  4 'Structure model' software                  
2  5 'Structure model' audit_author              
3  5 'Structure model' citation_author           
4  6 'Structure model' chem_comp_atom            
5  6 'Structure model' chem_comp_bond            
6  6 'Structure model' database_2                
7  6 'Structure model' pdbx_entry_details        
8  6 'Structure model' pdbx_modification_feature 
9  6 'Structure model' struct_conn               
10 6 'Structure model' struct_ref_seq_dif        
# 
loop_
_pdbx_audit_revision_item.ordinal 
_pdbx_audit_revision_item.revision_ordinal 
_pdbx_audit_revision_item.data_content_type 
_pdbx_audit_revision_item.item 
1 4 'Structure model' '_software.name'                      
2 5 'Structure model' '_audit_author.name'                  
3 5 'Structure model' '_citation_author.name'               
4 6 'Structure model' '_database_2.pdbx_DOI'                
5 6 'Structure model' '_database_2.pdbx_database_accession' 
6 6 'Structure model' '_struct_conn.pdbx_leaving_atom_flag' 
7 6 'Structure model' '_struct_ref_seq_dif.details'         
# 
_pdbx_database_status.status_code                     REL 
_pdbx_database_status.entry_id                        2OTA 
_pdbx_database_status.recvd_initial_deposition_date   2007-02-07 
_pdbx_database_status.deposit_site                    RCSB 
_pdbx_database_status.process_site                    RCSB 
_pdbx_database_status.status_code_sf                  REL 
_pdbx_database_status.status_code_mr                  ? 
_pdbx_database_status.SG_entry                        Y 
_pdbx_database_status.pdb_format_compatible           Y 
_pdbx_database_status.status_code_cs                  ? 
_pdbx_database_status.methods_development_category    ? 
_pdbx_database_status.status_code_nmr_data            ? 
# 
_pdbx_database_related.db_name        TargetDB 
_pdbx_database_related.db_id          CsR4 
_pdbx_database_related.details        . 
_pdbx_database_related.content_type   unspecified 
# 
loop_
_audit_author.name 
_audit_author.pdbx_ordinal 
'Vorobiev, S.M.'                                  1  
'Zhou, W.'                                        2  
'Su, M.'                                          3  
'Seetharaman, J.'                                 4  
'Wang, H.'                                        5  
'Janjua, H.'                                      6  
'Cunningham, K.'                                  7  
'Ma, L.-C.'                                       8  
'Xiao, R.'                                        9  
'Liu, C.'                                         10 
'Acton, T.B.'                                     11 
'Montelione, G.T.'                                12 
'Tong, L.'                                        13 
'Hunt, J.F.'                                      14 
'Northeast Structural Genomics Consortium (NESG)' 15 
# 
_citation.id                        primary 
_citation.title                     
'Crystal structure of the UPF0352 protein CPS_2611 from Colwellia psychrerythraea. NESG target CsR4.' 
_citation.journal_abbrev            'To be Published' 
_citation.journal_volume            ? 
_citation.page_first                ? 
_citation.page_last                 ? 
_citation.year                      ? 
_citation.journal_id_ASTM           ? 
_citation.country                   ? 
_citation.journal_id_ISSN           ? 
_citation.journal_id_CSD            0353 
_citation.book_publisher            ? 
_citation.pdbx_database_id_PubMed   ? 
_citation.pdbx_database_id_DOI      ? 
# 
loop_
_citation_author.citation_id 
_citation_author.name 
_citation_author.ordinal 
_citation_author.identifier_ORCID 
primary 'Vorobiev, S.M.'   1  ? 
primary 'Zhou, W.'         2  ? 
primary 'Su, M.'           3  ? 
primary 'Seetharaman, J.'  4  ? 
primary 'Wang, H.'         5  ? 
primary 'Janjua, H.'       6  ? 
primary 'Cunningham, K.'   7  ? 
primary 'Ma, L.-C.'        8  ? 
primary 'Liu, C.'          9  ? 
primary 'Acton, T.B.'      10 ? 
primary 'Xiao, R.'         11 ? 
primary 'Montelione, G.T.' 12 ? 
primary 'Tong, L.'         13 ? 
primary 'Hunt, J.F.'       14 ? 
# 
loop_
_entity.id 
_entity.type 
_entity.src_method 
_entity.pdbx_description 
_entity.formula_weight 
_entity.pdbx_number_of_molecules 
_entity.pdbx_ec 
_entity.pdbx_mutation 
_entity.pdbx_fragment 
_entity.details 
1 polymer man 'UPF0352 protein CPS_2611' 8698.764 2  ? ? ? ? 
2 water   nat water                      18.015   92 ? ? ? ? 
# 
_entity_poly.entity_id                      1 
_entity_poly.type                           'polypeptide(L)' 
_entity_poly.nstd_linkage                   no 
_entity_poly.nstd_monomer                   yes 
_entity_poly.pdbx_seq_one_letter_code       
;(MSE)PIVSKYSNERVEKIIQDLLDVLVKEEVTPDLAL(MSE)CLGNAVTNIIAQVPESKRVAVVDNFTKALKQSVLEHH
HHHH
;
_entity_poly.pdbx_seq_one_letter_code_can   MPIVSKYSNERVEKIIQDLLDVLVKEEVTPDLALMCLGNAVTNIIAQVPESKRVAVVDNFTKALKQSVLEHHHHHH 
_entity_poly.pdbx_strand_id                 A,B 
_entity_poly.pdbx_target_identifier         CsR4 
# 
_pdbx_entity_nonpoly.entity_id   2 
_pdbx_entity_nonpoly.name        water 
_pdbx_entity_nonpoly.comp_id     HOH 
# 
loop_
_entity_poly_seq.entity_id 
_entity_poly_seq.num 
_entity_poly_seq.mon_id 
_entity_poly_seq.hetero 
1 1  MSE n 
1 2  PRO n 
1 3  ILE n 
1 4  VAL n 
1 5  SER n 
1 6  LYS n 
1 7  TYR n 
1 8  SER n 
1 9  ASN n 
1 10 GLU n 
1 11 ARG n 
1 12 VAL n 
1 13 GLU n 
1 14 LYS n 
1 15 ILE n 
1 16 ILE n 
1 17 GLN n 
1 18 ASP n 
1 19 LEU n 
1 20 LEU n 
1 21 ASP n 
1 22 VAL n 
1 23 LEU n 
1 24 VAL n 
1 25 LYS n 
1 26 GLU n 
1 27 GLU n 
1 28 VAL n 
1 29 THR n 
1 30 PRO n 
1 31 ASP n 
1 32 LEU n 
1 33 ALA n 
1 34 LEU n 
1 35 MSE n 
1 36 CYS n 
1 37 LEU n 
1 38 GLY n 
1 39 ASN n 
1 40 ALA n 
1 41 VAL n 
1 42 THR n 
1 43 ASN n 
1 44 ILE n 
1 45 ILE n 
1 46 ALA n 
1 47 GLN n 
1 48 VAL n 
1 49 PRO n 
1 50 GLU n 
1 51 SER n 
1 52 LYS n 
1 53 ARG n 
1 54 VAL n 
1 55 ALA n 
1 56 VAL n 
1 57 VAL n 
1 58 ASP n 
1 59 ASN n 
1 60 PHE n 
1 61 THR n 
1 62 LYS n 
1 63 ALA n 
1 64 LEU n 
1 65 LYS n 
1 66 GLN n 
1 67 SER n 
1 68 VAL n 
1 69 LEU n 
1 70 GLU n 
1 71 HIS n 
1 72 HIS n 
1 73 HIS n 
1 74 HIS n 
1 75 HIS n 
1 76 HIS n 
# 
_entity_src_gen.entity_id                          1 
_entity_src_gen.pdbx_src_id                        1 
_entity_src_gen.pdbx_alt_source_flag               sample 
_entity_src_gen.pdbx_seq_type                      ? 
_entity_src_gen.pdbx_beg_seq_num                   ? 
_entity_src_gen.pdbx_end_seq_num                   ? 
_entity_src_gen.gene_src_common_name               ? 
_entity_src_gen.gene_src_genus                     Colwellia 
_entity_src_gen.pdbx_gene_src_gene                 CPS_2611 
_entity_src_gen.gene_src_species                   'Colwellia psychrerythraea' 
_entity_src_gen.gene_src_strain                    34H 
_entity_src_gen.gene_src_tissue                    ? 
_entity_src_gen.gene_src_tissue_fraction           ? 
_entity_src_gen.gene_src_details                   ? 
_entity_src_gen.pdbx_gene_src_fragment             ? 
_entity_src_gen.pdbx_gene_src_scientific_name      'Colwellia psychrerythraea' 
_entity_src_gen.pdbx_gene_src_ncbi_taxonomy_id     167879 
_entity_src_gen.pdbx_gene_src_variant              ? 
_entity_src_gen.pdbx_gene_src_cell_line            ? 
_entity_src_gen.pdbx_gene_src_atcc                 BAA-681 
_entity_src_gen.pdbx_gene_src_organ                ? 
_entity_src_gen.pdbx_gene_src_organelle            ? 
_entity_src_gen.pdbx_gene_src_cell                 ? 
_entity_src_gen.pdbx_gene_src_cellular_location    ? 
_entity_src_gen.host_org_common_name               ? 
_entity_src_gen.pdbx_host_org_scientific_name      'Escherichia coli' 
_entity_src_gen.pdbx_host_org_ncbi_taxonomy_id     562 
_entity_src_gen.host_org_genus                     Escherichia 
_entity_src_gen.pdbx_host_org_gene                 ? 
_entity_src_gen.pdbx_host_org_organ                ? 
_entity_src_gen.host_org_species                   ? 
_entity_src_gen.pdbx_host_org_tissue               ? 
_entity_src_gen.pdbx_host_org_tissue_fraction      ? 
_entity_src_gen.pdbx_host_org_strain               'BL21(DE3)+Magic' 
_entity_src_gen.pdbx_host_org_variant              ? 
_entity_src_gen.pdbx_host_org_cell_line            ? 
_entity_src_gen.pdbx_host_org_atcc                 ? 
_entity_src_gen.pdbx_host_org_culture_collection   ? 
_entity_src_gen.pdbx_host_org_cell                 ? 
_entity_src_gen.pdbx_host_org_organelle            ? 
_entity_src_gen.pdbx_host_org_cellular_location    ? 
_entity_src_gen.pdbx_host_org_vector_type          Plasmid 
_entity_src_gen.pdbx_host_org_vector               ? 
_entity_src_gen.host_org_details                   ? 
_entity_src_gen.expression_system_id               ? 
_entity_src_gen.plasmid_name                       pET21 
_entity_src_gen.plasmid_details                    ? 
_entity_src_gen.pdbx_description                   ? 
# 
loop_
_chem_comp.id 
_chem_comp.type 
_chem_comp.mon_nstd_flag 
_chem_comp.name 
_chem_comp.pdbx_synonyms 
_chem_comp.formula 
_chem_comp.formula_weight 
ALA 'L-peptide linking' y ALANINE          ? 'C3 H7 N O2'     89.093  
ARG 'L-peptide linking' y ARGININE         ? 'C6 H15 N4 O2 1' 175.209 
ASN 'L-peptide linking' y ASPARAGINE       ? 'C4 H8 N2 O3'    132.118 
ASP 'L-peptide linking' y 'ASPARTIC ACID'  ? 'C4 H7 N O4'     133.103 
CYS 'L-peptide linking' y CYSTEINE         ? 'C3 H7 N O2 S'   121.158 
GLN 'L-peptide linking' y GLUTAMINE        ? 'C5 H10 N2 O3'   146.144 
GLU 'L-peptide linking' y 'GLUTAMIC ACID'  ? 'C5 H9 N O4'     147.129 
GLY 'peptide linking'   y GLYCINE          ? 'C2 H5 N O2'     75.067  
HIS 'L-peptide linking' y HISTIDINE        ? 'C6 H10 N3 O2 1' 156.162 
HOH non-polymer         . WATER            ? 'H2 O'           18.015  
ILE 'L-peptide linking' y ISOLEUCINE       ? 'C6 H13 N O2'    131.173 
LEU 'L-peptide linking' y LEUCINE          ? 'C6 H13 N O2'    131.173 
LYS 'L-peptide linking' y LYSINE           ? 'C6 H15 N2 O2 1' 147.195 
MET 'L-peptide linking' y METHIONINE       ? 'C5 H11 N O2 S'  149.211 
MSE 'L-peptide linking' n SELENOMETHIONINE ? 'C5 H11 N O2 Se' 196.106 
PHE 'L-peptide linking' y PHENYLALANINE    ? 'C9 H11 N O2'    165.189 
PRO 'L-peptide linking' y PROLINE          ? 'C5 H9 N O2'     115.130 
SER 'L-peptide linking' y SERINE           ? 'C3 H7 N O3'     105.093 
THR 'L-peptide linking' y THREONINE        ? 'C4 H9 N O3'     119.119 
TYR 'L-peptide linking' y TYROSINE         ? 'C9 H11 N O3'    181.189 
VAL 'L-peptide linking' y VALINE           ? 'C5 H11 N O2'    117.146 
# 
loop_
_pdbx_poly_seq_scheme.asym_id 
_pdbx_poly_seq_scheme.entity_id 
_pdbx_poly_seq_scheme.seq_id 
_pdbx_poly_seq_scheme.mon_id 
_pdbx_poly_seq_scheme.ndb_seq_num 
_pdbx_poly_seq_scheme.pdb_seq_num 
_pdbx_poly_seq_scheme.auth_seq_num 
_pdbx_poly_seq_scheme.pdb_mon_id 
_pdbx_poly_seq_scheme.auth_mon_id 
_pdbx_poly_seq_scheme.pdb_strand_id 
_pdbx_poly_seq_scheme.pdb_ins_code 
_pdbx_poly_seq_scheme.hetero 
A 1 1  MSE 1  1  ?  ?   ?   A . n 
A 1 2  PRO 2  2  ?  ?   ?   A . n 
A 1 3  ILE 3  3  ?  ?   ?   A . n 
A 1 4  VAL 4  4  ?  ?   ?   A . n 
A 1 5  SER 5  5  ?  ?   ?   A . n 
A 1 6  LYS 6  6  ?  ?   ?   A . n 
A 1 7  TYR 7  7  7  TYR TYR A . n 
A 1 8  SER 8  8  8  SER SER A . n 
A 1 9  ASN 9  9  9  ASN ALA A . n 
A 1 10 GLU 10 10 10 GLU ALA A . n 
A 1 11 ARG 11 11 11 ARG ARG A . n 
A 1 12 VAL 12 12 12 VAL VAL A . n 
A 1 13 GLU 13 13 13 GLU GLU A . n 
A 1 14 LYS 14 14 14 LYS ALA A . n 
A 1 15 ILE 15 15 15 ILE ILE A . n 
A 1 16 ILE 16 16 16 ILE ILE A . n 
A 1 17 GLN 17 17 17 GLN GLN A . n 
A 1 18 ASP 18 18 18 ASP ASP A . n 
A 1 19 LEU 19 19 19 LEU LEU A . n 
A 1 20 LEU 20 20 20 LEU LEU A . n 
A 1 21 ASP 21 21 21 ASP ASP A . n 
A 1 22 VAL 22 22 22 VAL VAL A . n 
A 1 23 LEU 23 23 23 LEU LEU A . n 
A 1 24 VAL 24 24 24 VAL VAL A . n 
A 1 25 LYS 25 25 25 LYS LYS A . n 
A 1 26 GLU 26 26 26 GLU GLU A . n 
A 1 27 GLU 27 27 27 GLU GLU A . n 
A 1 28 VAL 28 28 28 VAL VAL A . n 
A 1 29 THR 29 29 29 THR THR A . n 
A 1 30 PRO 30 30 30 PRO PRO A . n 
A 1 31 ASP 31 31 31 ASP ASP A . n 
A 1 32 LEU 32 32 32 LEU LEU A . n 
A 1 33 ALA 33 33 33 ALA ALA A . n 
A 1 34 LEU 34 34 34 LEU LEU A . n 
A 1 35 MSE 35 35 35 MSE MSE A . n 
A 1 36 CYS 36 36 36 CYS CYS A . n 
A 1 37 LEU 37 37 37 LEU LEU A . n 
A 1 38 GLY 38 38 38 GLY GLY A . n 
A 1 39 ASN 39 39 39 ASN ASN A . n 
A 1 40 ALA 40 40 40 ALA ALA A . n 
A 1 41 VAL 41 41 41 VAL VAL A . n 
A 1 42 THR 42 42 42 THR THR A . n 
A 1 43 ASN 43 43 43 ASN ASN A . n 
A 1 44 ILE 44 44 44 ILE ILE A . n 
A 1 45 ILE 45 45 45 ILE ILE A . n 
A 1 46 ALA 46 46 46 ALA ALA A . n 
A 1 47 GLN 47 47 47 GLN GLN A . n 
A 1 48 VAL 48 48 48 VAL VAL A . n 
A 1 49 PRO 49 49 49 PRO PRO A . n 
A 1 50 GLU 50 50 50 GLU GLU A . n 
A 1 51 SER 51 51 51 SER SER A . n 
A 1 52 LYS 52 52 52 LYS LYS A . n 
A 1 53 ARG 53 53 53 ARG ARG A . n 
A 1 54 VAL 54 54 54 VAL VAL A . n 
A 1 55 ALA 55 55 55 ALA ALA A . n 
A 1 56 VAL 56 56 56 VAL VAL A . n 
A 1 57 VAL 57 57 57 VAL VAL A . n 
A 1 58 ASP 58 58 58 ASP ASP A . n 
A 1 59 ASN 59 59 59 ASN ASN A . n 
A 1 60 PHE 60 60 60 PHE PHE A . n 
A 1 61 THR 61 61 61 THR THR A . n 
A 1 62 LYS 62 62 62 LYS LYS A . n 
A 1 63 ALA 63 63 63 ALA ALA A . n 
A 1 64 LEU 64 64 64 LEU LEU A . n 
A 1 65 LYS 65 65 65 LYS ALA A . n 
A 1 66 GLN 66 66 66 GLN ALA A . n 
A 1 67 SER 67 67 67 SER ALA A . n 
A 1 68 VAL 68 68 68 VAL VAL A . n 
A 1 69 LEU 69 69 69 LEU LEU A . n 
A 1 70 GLU 70 70 70 GLU GLU A . n 
A 1 71 HIS 71 71 71 HIS HIS A . n 
A 1 72 HIS 72 72 72 HIS ALA A . n 
A 1 73 HIS 73 73 73 HIS HIS A . n 
A 1 74 HIS 74 74 ?  ?   ?   A . n 
A 1 75 HIS 75 75 ?  ?   ?   A . n 
A 1 76 HIS 76 76 ?  ?   ?   A . n 
B 1 1  MSE 1  1  ?  ?   ?   B . n 
B 1 2  PRO 2  2  ?  ?   ?   B . n 
B 1 3  ILE 3  3  ?  ?   ?   B . n 
B 1 4  VAL 4  4  ?  ?   ?   B . n 
B 1 5  SER 5  5  ?  ?   ?   B . n 
B 1 6  LYS 6  6  ?  ?   ?   B . n 
B 1 7  TYR 7  7  ?  ?   ?   B . n 
B 1 8  SER 8  8  ?  ?   ?   B . n 
B 1 9  ASN 9  9  9  ASN ALA B . n 
B 1 10 GLU 10 10 10 GLU ALA B . n 
B 1 11 ARG 11 11 11 ARG ARG B . n 
B 1 12 VAL 12 12 12 VAL VAL B . n 
B 1 13 GLU 13 13 13 GLU GLU B . n 
B 1 14 LYS 14 14 14 LYS ALA B . n 
B 1 15 ILE 15 15 15 ILE ILE B . n 
B 1 16 ILE 16 16 16 ILE ILE B . n 
B 1 17 GLN 17 17 17 GLN GLN B . n 
B 1 18 ASP 18 18 18 ASP ASP B . n 
B 1 19 LEU 19 19 19 LEU LEU B . n 
B 1 20 LEU 20 20 20 LEU LEU B . n 
B 1 21 ASP 21 21 21 ASP ASP B . n 
B 1 22 VAL 22 22 22 VAL VAL B . n 
B 1 23 LEU 23 23 23 LEU LEU B . n 
B 1 24 VAL 24 24 24 VAL VAL B . n 
B 1 25 LYS 25 25 25 LYS LYS B . n 
B 1 26 GLU 26 26 26 GLU GLU B . n 
B 1 27 GLU 27 27 27 GLU GLU B . n 
B 1 28 VAL 28 28 28 VAL VAL B . n 
B 1 29 THR 29 29 29 THR THR B . n 
B 1 30 PRO 30 30 30 PRO PRO B . n 
B 1 31 ASP 31 31 31 ASP ASP B . n 
B 1 32 LEU 32 32 32 LEU LEU B . n 
B 1 33 ALA 33 33 33 ALA ALA B . n 
B 1 34 LEU 34 34 34 LEU LEU B . n 
B 1 35 MSE 35 35 35 MSE MSE B . n 
B 1 36 CYS 36 36 36 CYS CYS B . n 
B 1 37 LEU 37 37 37 LEU LEU B . n 
B 1 38 GLY 38 38 38 GLY GLY B . n 
B 1 39 ASN 39 39 39 ASN ASN B . n 
B 1 40 ALA 40 40 40 ALA ALA B . n 
B 1 41 VAL 41 41 41 VAL VAL B . n 
B 1 42 THR 42 42 42 THR THR B . n 
B 1 43 ASN 43 43 43 ASN ASN B . n 
B 1 44 ILE 44 44 44 ILE ILE B . n 
B 1 45 ILE 45 45 45 ILE ILE B . n 
B 1 46 ALA 46 46 46 ALA ALA B . n 
B 1 47 GLN 47 47 47 GLN GLN B . n 
B 1 48 VAL 48 48 48 VAL VAL B . n 
B 1 49 PRO 49 49 49 PRO PRO B . n 
B 1 50 GLU 50 50 50 GLU GLU B . n 
B 1 51 SER 51 51 51 SER SER B . n 
B 1 52 LYS 52 52 52 LYS LYS B . n 
B 1 53 ARG 53 53 53 ARG ARG B . n 
B 1 54 VAL 54 54 54 VAL VAL B . n 
B 1 55 ALA 55 55 55 ALA ALA B . n 
B 1 56 VAL 56 56 56 VAL VAL B . n 
B 1 57 VAL 57 57 57 VAL VAL B . n 
B 1 58 ASP 58 58 58 ASP ASP B . n 
B 1 59 ASN 59 59 59 ASN ASN B . n 
B 1 60 PHE 60 60 60 PHE PHE B . n 
B 1 61 THR 61 61 61 THR THR B . n 
B 1 62 LYS 62 62 62 LYS LYS B . n 
B 1 63 ALA 63 63 63 ALA ALA B . n 
B 1 64 LEU 64 64 64 LEU LEU B . n 
B 1 65 LYS 65 65 65 LYS LYS B . n 
B 1 66 GLN 66 66 66 GLN GLN B . n 
B 1 67 SER 67 67 67 SER ALA B . n 
B 1 68 VAL 68 68 68 VAL VAL B . n 
B 1 69 LEU 69 69 69 LEU LEU B . n 
B 1 70 GLU 70 70 ?  ?   ?   B . n 
B 1 71 HIS 71 71 ?  ?   ?   B . n 
B 1 72 HIS 72 72 ?  ?   ?   B . n 
B 1 73 HIS 73 73 ?  ?   ?   B . n 
B 1 74 HIS 74 74 ?  ?   ?   B . n 
B 1 75 HIS 75 75 ?  ?   ?   B . n 
B 1 76 HIS 76 76 ?  ?   ?   B . n 
# 
loop_
_pdbx_nonpoly_scheme.asym_id 
_pdbx_nonpoly_scheme.entity_id 
_pdbx_nonpoly_scheme.mon_id 
_pdbx_nonpoly_scheme.ndb_seq_num 
_pdbx_nonpoly_scheme.pdb_seq_num 
_pdbx_nonpoly_scheme.auth_seq_num 
_pdbx_nonpoly_scheme.pdb_mon_id 
_pdbx_nonpoly_scheme.auth_mon_id 
_pdbx_nonpoly_scheme.pdb_strand_id 
_pdbx_nonpoly_scheme.pdb_ins_code 
C 2 HOH 1  77  101 HOH WAT A . 
C 2 HOH 2  78  110 HOH WAT A . 
C 2 HOH 3  79  111 HOH WAT A . 
C 2 HOH 4  80  112 HOH WAT A . 
C 2 HOH 5  81  114 HOH WAT A . 
C 2 HOH 6  82  115 HOH WAT A . 
C 2 HOH 7  83  117 HOH WAT A . 
C 2 HOH 8  84  121 HOH WAT A . 
C 2 HOH 9  85  122 HOH WAT A . 
C 2 HOH 10 86  123 HOH WAT A . 
C 2 HOH 11 87  126 HOH WAT A . 
C 2 HOH 12 88  129 HOH WAT A . 
C 2 HOH 13 89  131 HOH WAT A . 
C 2 HOH 14 90  132 HOH WAT A . 
C 2 HOH 15 91  136 HOH WAT A . 
C 2 HOH 16 92  139 HOH WAT A . 
C 2 HOH 17 93  146 HOH WAT A . 
C 2 HOH 18 94  147 HOH WAT A . 
C 2 HOH 19 95  148 HOH WAT A . 
C 2 HOH 20 96  154 HOH WAT A . 
C 2 HOH 21 97  158 HOH WAT A . 
C 2 HOH 22 98  159 HOH WAT A . 
C 2 HOH 23 99  160 HOH WAT A . 
C 2 HOH 24 100 162 HOH WAT A . 
C 2 HOH 25 101 165 HOH WAT A . 
C 2 HOH 26 102 166 HOH WAT A . 
C 2 HOH 27 103 170 HOH WAT A . 
C 2 HOH 28 104 173 HOH WAT A . 
C 2 HOH 29 105 175 HOH WAT A . 
C 2 HOH 30 106 176 HOH WAT A . 
C 2 HOH 31 107 177 HOH WAT A . 
C 2 HOH 32 108 178 HOH WAT A . 
C 2 HOH 33 109 180 HOH WAT A . 
C 2 HOH 34 110 182 HOH WAT A . 
C 2 HOH 35 111 184 HOH WAT A . 
C 2 HOH 36 112 186 HOH WAT A . 
C 2 HOH 37 113 187 HOH WAT A . 
C 2 HOH 38 114 188 HOH WAT A . 
C 2 HOH 39 115 189 HOH WAT A . 
C 2 HOH 40 116 191 HOH WAT A . 
C 2 HOH 41 117 195 HOH WAT A . 
C 2 HOH 42 118 198 HOH WAT A . 
C 2 HOH 43 119 200 HOH WAT A . 
C 2 HOH 44 120 201 HOH WAT A . 
C 2 HOH 45 121 204 HOH WAT A . 
C 2 HOH 46 122 206 HOH WAT A . 
C 2 HOH 47 123 207 HOH WAT A . 
C 2 HOH 48 124 209 HOH WAT A . 
C 2 HOH 49 125 212 HOH WAT A . 
C 2 HOH 50 126 214 HOH WAT A . 
C 2 HOH 51 127 215 HOH WAT A . 
C 2 HOH 52 128 216 HOH WAT A . 
C 2 HOH 53 129 217 HOH WAT A . 
C 2 HOH 54 130 220 HOH WAT A . 
C 2 HOH 55 131 221 HOH WAT A . 
C 2 HOH 56 132 223 HOH WAT A . 
D 2 HOH 1  77  102 HOH WAT B . 
D 2 HOH 2  78  104 HOH WAT B . 
D 2 HOH 3  79  105 HOH WAT B . 
D 2 HOH 4  80  109 HOH WAT B . 
D 2 HOH 5  81  113 HOH WAT B . 
D 2 HOH 6  82  118 HOH WAT B . 
D 2 HOH 7  83  125 HOH WAT B . 
D 2 HOH 8  84  128 HOH WAT B . 
D 2 HOH 9  85  130 HOH WAT B . 
D 2 HOH 10 86  134 HOH WAT B . 
D 2 HOH 11 87  138 HOH WAT B . 
D 2 HOH 12 88  142 HOH WAT B . 
D 2 HOH 13 89  143 HOH WAT B . 
D 2 HOH 14 90  144 HOH WAT B . 
D 2 HOH 15 91  151 HOH WAT B . 
D 2 HOH 16 92  152 HOH WAT B . 
D 2 HOH 17 93  153 HOH WAT B . 
D 2 HOH 18 94  156 HOH WAT B . 
D 2 HOH 19 95  157 HOH WAT B . 
D 2 HOH 20 96  163 HOH WAT B . 
D 2 HOH 21 97  164 HOH WAT B . 
D 2 HOH 22 98  168 HOH WAT B . 
D 2 HOH 23 99  169 HOH WAT B . 
D 2 HOH 24 100 171 HOH WAT B . 
D 2 HOH 25 101 174 HOH WAT B . 
D 2 HOH 26 102 181 HOH WAT B . 
D 2 HOH 27 103 190 HOH WAT B . 
D 2 HOH 28 104 192 HOH WAT B . 
D 2 HOH 29 105 193 HOH WAT B . 
D 2 HOH 30 106 202 HOH WAT B . 
D 2 HOH 31 107 208 HOH WAT B . 
D 2 HOH 32 108 211 HOH WAT B . 
D 2 HOH 33 109 213 HOH WAT B . 
D 2 HOH 34 110 218 HOH WAT B . 
D 2 HOH 35 111 219 HOH WAT B . 
D 2 HOH 36 112 222 HOH WAT B . 
# 
loop_
_pdbx_unobs_or_zero_occ_atoms.id 
_pdbx_unobs_or_zero_occ_atoms.PDB_model_num 
_pdbx_unobs_or_zero_occ_atoms.polymer_flag 
_pdbx_unobs_or_zero_occ_atoms.occupancy_flag 
_pdbx_unobs_or_zero_occ_atoms.auth_asym_id 
_pdbx_unobs_or_zero_occ_atoms.auth_comp_id 
_pdbx_unobs_or_zero_occ_atoms.auth_seq_id 
_pdbx_unobs_or_zero_occ_atoms.PDB_ins_code 
_pdbx_unobs_or_zero_occ_atoms.auth_atom_id 
_pdbx_unobs_or_zero_occ_atoms.label_alt_id 
_pdbx_unobs_or_zero_occ_atoms.label_asym_id 
_pdbx_unobs_or_zero_occ_atoms.label_comp_id 
_pdbx_unobs_or_zero_occ_atoms.label_seq_id 
_pdbx_unobs_or_zero_occ_atoms.label_atom_id 
1  1 Y 1 A ASN 9  ? CG  ? A ASN 9  CG  
2  1 Y 1 A ASN 9  ? OD1 ? A ASN 9  OD1 
3  1 Y 1 A ASN 9  ? ND2 ? A ASN 9  ND2 
4  1 Y 1 A GLU 10 ? CG  ? A GLU 10 CG  
5  1 Y 1 A GLU 10 ? CD  ? A GLU 10 CD  
6  1 Y 1 A GLU 10 ? OE1 ? A GLU 10 OE1 
7  1 Y 1 A GLU 10 ? OE2 ? A GLU 10 OE2 
8  1 Y 1 A LYS 14 ? CG  ? A LYS 14 CG  
9  1 Y 1 A LYS 14 ? CD  ? A LYS 14 CD  
10 1 Y 1 A LYS 14 ? CE  ? A LYS 14 CE  
11 1 Y 1 A LYS 14 ? NZ  ? A LYS 14 NZ  
12 1 Y 1 A LYS 65 ? CG  ? A LYS 65 CG  
13 1 Y 1 A LYS 65 ? CD  ? A LYS 65 CD  
14 1 Y 1 A LYS 65 ? CE  ? A LYS 65 CE  
15 1 Y 1 A LYS 65 ? NZ  ? A LYS 65 NZ  
16 1 Y 1 A GLN 66 ? CG  ? A GLN 66 CG  
17 1 Y 1 A GLN 66 ? CD  ? A GLN 66 CD  
18 1 Y 1 A GLN 66 ? OE1 ? A GLN 66 OE1 
19 1 Y 1 A GLN 66 ? NE2 ? A GLN 66 NE2 
20 1 Y 1 A SER 67 ? OG  ? A SER 67 OG  
21 1 Y 1 A HIS 72 ? CG  ? A HIS 72 CG  
22 1 Y 1 A HIS 72 ? ND1 ? A HIS 72 ND1 
23 1 Y 1 A HIS 72 ? CD2 ? A HIS 72 CD2 
24 1 Y 1 A HIS 72 ? CE1 ? A HIS 72 CE1 
25 1 Y 1 A HIS 72 ? NE2 ? A HIS 72 NE2 
26 1 Y 1 B ASN 9  ? CG  ? B ASN 9  CG  
27 1 Y 1 B ASN 9  ? OD1 ? B ASN 9  OD1 
28 1 Y 1 B ASN 9  ? ND2 ? B ASN 9  ND2 
29 1 Y 1 B GLU 10 ? CG  ? B GLU 10 CG  
30 1 Y 1 B GLU 10 ? CD  ? B GLU 10 CD  
31 1 Y 1 B GLU 10 ? OE1 ? B GLU 10 OE1 
32 1 Y 1 B GLU 10 ? OE2 ? B GLU 10 OE2 
33 1 Y 1 B LYS 14 ? CG  ? B LYS 14 CG  
34 1 Y 1 B LYS 14 ? CD  ? B LYS 14 CD  
35 1 Y 1 B LYS 14 ? CE  ? B LYS 14 CE  
36 1 Y 1 B LYS 14 ? NZ  ? B LYS 14 NZ  
37 1 Y 1 B SER 67 ? OG  ? B SER 67 OG  
# 
loop_
_software.name 
_software.classification 
_software.version 
_software.citation_id 
_software.pdbx_ordinal 
CNS       refinement        1.1 ? 1 
HKL-2000  'data collection' .   ? 2 
DENZO     'data reduction'  .   ? 3 
SCALEPACK 'data scaling'    .   ? 4 
SnB       phasing           .   ? 5 
RESOLVE   phasing           .   ? 6 
# 
_cell.entry_id           2OTA 
_cell.length_a           37.739 
_cell.length_b           58.470 
_cell.length_c           59.650 
_cell.angle_alpha        90.00 
_cell.angle_beta         90.00 
_cell.angle_gamma        90.00 
_cell.Z_PDB              8 
_cell.pdbx_unique_axis   ? 
_cell.length_a_esd       ? 
_cell.length_b_esd       ? 
_cell.length_c_esd       ? 
_cell.angle_alpha_esd    ? 
_cell.angle_beta_esd     ? 
_cell.angle_gamma_esd    ? 
# 
_symmetry.entry_id                         2OTA 
_symmetry.space_group_name_H-M             'P 21 21 21' 
_symmetry.pdbx_full_space_group_name_H-M   ? 
_symmetry.cell_setting                     ? 
_symmetry.Int_Tables_number                19 
_symmetry.space_group_name_Hall            ? 
# 
_exptl.entry_id          2OTA 
_exptl.method            'X-RAY DIFFRACTION' 
_exptl.crystals_number   1 
# 
_exptl_crystal.id                    1 
_exptl_crystal.density_meas          ? 
_exptl_crystal.density_Matthews      1.89 
_exptl_crystal.density_percent_sol   34.95 
_exptl_crystal.description           'THE STRUCTURE FACTOR FILE CONTAINS FRIEDEL PAIRS' 
_exptl_crystal.F_000                 ? 
_exptl_crystal.preparation           ? 
# 
_exptl_crystal_grow.crystal_id      1 
_exptl_crystal_grow.method          'VAPOR DIFFUSION, HANGING DROP' 
_exptl_crystal_grow.temp            293 
_exptl_crystal_grow.temp_details    ? 
_exptl_crystal_grow.pH              6.5 
_exptl_crystal_grow.pdbx_details    
'25 % PEG 3350, 0.2 M Ammonium sulfate, 0.1 M Bis-Tris, pH 6.5, VAPOR DIFFUSION, HANGING DROP, temperature 293K' 
_exptl_crystal_grow.pdbx_pH_range   . 
# 
_diffrn.id                     1 
_diffrn.ambient_temp           100 
_diffrn.ambient_temp_details   ? 
_diffrn.crystal_id             1 
# 
_diffrn_detector.diffrn_id              1 
_diffrn_detector.detector               CCD 
_diffrn_detector.type                   'ADSC QUANTUM 4' 
_diffrn_detector.pdbx_collection_date   2007-01-31 
_diffrn_detector.details                ? 
# 
_diffrn_radiation.diffrn_id                        1 
_diffrn_radiation.wavelength_id                    1 
_diffrn_radiation.pdbx_monochromatic_or_laue_m_l   M 
_diffrn_radiation.monochromator                    ? 
_diffrn_radiation.pdbx_diffrn_protocol             MAD 
_diffrn_radiation.pdbx_scattering_type             x-ray 
# 
loop_
_diffrn_radiation_wavelength.id 
_diffrn_radiation_wavelength.wavelength 
_diffrn_radiation_wavelength.wt 
1 0.97903 1.0 
2 0.97921 1.0 
3 0.96862 1.0 
# 
_diffrn_source.diffrn_id                   1 
_diffrn_source.source                      SYNCHROTRON 
_diffrn_source.type                        'NSLS BEAMLINE X4A' 
_diffrn_source.pdbx_synchrotron_site       NSLS 
_diffrn_source.pdbx_synchrotron_beamline   X4A 
_diffrn_source.pdbx_wavelength             ? 
_diffrn_source.pdbx_wavelength_list        '0.97903, 0.97921, 0.96862' 
# 
_reflns.entry_id                     2OTA 
_reflns.observed_criterion_sigma_I   0.0 
_reflns.observed_criterion_sigma_F   0.0 
_reflns.d_resolution_low             30.0 
_reflns.d_resolution_high            2.2 
_reflns.number_obs                   12604 
_reflns.number_all                   12604 
_reflns.percent_possible_obs         96.7 
_reflns.pdbx_Rmerge_I_obs            0.047 
_reflns.pdbx_Rsym_value              ? 
_reflns.pdbx_netI_over_sigmaI        50.9 
_reflns.B_iso_Wilson_estimate        8.7 
_reflns.pdbx_redundancy              6.9 
_reflns.R_free_details               ? 
_reflns.limit_h_max                  ? 
_reflns.limit_h_min                  ? 
_reflns.limit_k_max                  ? 
_reflns.limit_k_min                  ? 
_reflns.limit_l_max                  ? 
_reflns.limit_l_min                  ? 
_reflns.observed_criterion_F_max     ? 
_reflns.observed_criterion_F_min     ? 
_reflns.pdbx_chi_squared             ? 
_reflns.pdbx_scaling_rejects         ? 
_reflns.pdbx_ordinal                 1 
_reflns.pdbx_diffrn_id               1 
# 
_reflns_shell.d_res_high             2.20 
_reflns_shell.d_res_low              2.28 
_reflns_shell.percent_possible_all   81.4 
_reflns_shell.Rmerge_I_obs           0.079 
_reflns_shell.pdbx_Rsym_value        ? 
_reflns_shell.meanI_over_sigI_obs    21.1 
_reflns_shell.pdbx_redundancy        4.3 
_reflns_shell.percent_possible_obs   ? 
_reflns_shell.number_unique_all      1053 
_reflns_shell.number_measured_all    ? 
_reflns_shell.number_measured_obs    ? 
_reflns_shell.number_unique_obs      ? 
_reflns_shell.pdbx_chi_squared       ? 
_reflns_shell.pdbx_ordinal           1 
_reflns_shell.pdbx_diffrn_id         1 
# 
_refine.entry_id                                 2OTA 
_refine.ls_number_reflns_obs                     12302 
_refine.ls_number_reflns_all                     12604 
_refine.pdbx_ls_sigma_I                          ? 
_refine.pdbx_ls_sigma_F                          2.0 
_refine.pdbx_data_cutoff_high_absF               462891.36 
_refine.pdbx_data_cutoff_low_absF                0.000000 
_refine.pdbx_data_cutoff_high_rms_absF           ? 
_refine.ls_d_res_low                             29.83 
_refine.ls_d_res_high                            2.20 
_refine.ls_percent_reflns_obs                    95.1 
_refine.ls_R_factor_obs                          0.235 
_refine.ls_R_factor_all                          ? 
_refine.ls_R_factor_R_work                       0.235 
_refine.ls_R_factor_R_free                       0.261 
_refine.ls_R_factor_R_free_error                 0.011 
_refine.ls_R_factor_R_free_error_details         ? 
_refine.ls_percent_reflns_R_free                 5.0 
_refine.ls_number_reflns_R_free                  611 
_refine.ls_number_parameters                     ? 
_refine.ls_number_restraints                     ? 
_refine.occupancy_min                            ? 
_refine.occupancy_max                            ? 
_refine.correlation_coeff_Fo_to_Fc               ? 
_refine.correlation_coeff_Fo_to_Fc_free          ? 
_refine.B_iso_mean                               19.6 
_refine.aniso_B[1][1]                            -1.97 
_refine.aniso_B[2][2]                            -1.81 
_refine.aniso_B[3][3]                            3.78 
_refine.aniso_B[1][2]                            0.00 
_refine.aniso_B[1][3]                            0.00 
_refine.aniso_B[2][3]                            0.00 
_refine.solvent_model_details                    'FLAT MODEL' 
_refine.solvent_model_param_ksol                 0.376731 
_refine.solvent_model_param_bsol                 58.2151 
_refine.pdbx_solvent_vdw_probe_radii             ? 
_refine.pdbx_solvent_ion_probe_radii             ? 
_refine.pdbx_solvent_shrinkage_radii             ? 
_refine.pdbx_ls_cross_valid_method               THROUGHOUT 
_refine.details                                  'THE FRIEDEL PAIRS WERE USED FOR PHASING' 
_refine.pdbx_starting_model                      ? 
_refine.pdbx_method_to_determine_struct          MAD 
_refine.pdbx_isotropic_thermal_model             RESTRAINED 
_refine.pdbx_stereochemistry_target_values       'Engh & Huber' 
_refine.pdbx_stereochem_target_val_spec_case     ? 
_refine.pdbx_R_Free_selection_details            RANDOM 
_refine.pdbx_overall_ESU_R                       ? 
_refine.pdbx_overall_ESU_R_Free                  ? 
_refine.overall_SU_ML                            ? 
_refine.overall_SU_B                             ? 
_refine.ls_redundancy_reflns_obs                 ? 
_refine.B_iso_min                                ? 
_refine.B_iso_max                                ? 
_refine.overall_SU_R_Cruickshank_DPI             ? 
_refine.overall_SU_R_free                        ? 
_refine.ls_wR_factor_R_free                      ? 
_refine.ls_wR_factor_R_work                      ? 
_refine.overall_FOM_free_R_set                   ? 
_refine.overall_FOM_work_R_set                   ? 
_refine.pdbx_refine_id                           'X-RAY DIFFRACTION' 
_refine.pdbx_diffrn_id                           1 
_refine.pdbx_TLS_residual_ADP_flag               ? 
_refine.pdbx_overall_phase_error                 ? 
_refine.pdbx_overall_SU_R_free_Cruickshank_DPI   ? 
_refine.pdbx_overall_SU_R_Blow_DPI               ? 
_refine.pdbx_overall_SU_R_free_Blow_DPI          ? 
# 
_refine_analyze.entry_id                        2OTA 
_refine_analyze.Luzzati_coordinate_error_obs    0.27 
_refine_analyze.Luzzati_sigma_a_obs             0.06 
_refine_analyze.Luzzati_d_res_low_obs           5.00 
_refine_analyze.Luzzati_coordinate_error_free   0.32 
_refine_analyze.Luzzati_sigma_a_free            0.21 
_refine_analyze.Luzzati_d_res_low_free          ? 
_refine_analyze.number_disordered_residues      ? 
_refine_analyze.occupancy_sum_hydrogen          ? 
_refine_analyze.occupancy_sum_non_hydrogen      ? 
_refine_analyze.pdbx_Luzzati_d_res_high_obs     ? 
_refine_analyze.pdbx_refine_id                  'X-RAY DIFFRACTION' 
# 
_refine_hist.pdbx_refine_id                   'X-RAY DIFFRACTION' 
_refine_hist.cycle_id                         LAST 
_refine_hist.pdbx_number_atoms_protein        960 
_refine_hist.pdbx_number_atoms_nucleic_acid   0 
_refine_hist.pdbx_number_atoms_ligand         0 
_refine_hist.number_atoms_solvent             92 
_refine_hist.number_atoms_total               1052 
_refine_hist.d_res_high                       2.20 
_refine_hist.d_res_low                        29.83 
# 
loop_
_refine_ls_restr.type 
_refine_ls_restr.dev_ideal 
_refine_ls_restr.dev_ideal_target 
_refine_ls_restr.weight 
_refine_ls_restr.number 
_refine_ls_restr.pdbx_refine_id 
_refine_ls_restr.pdbx_restraint_function 
c_bond_d                0.007 ? ? ? 'X-RAY DIFFRACTION' ? 
c_bond_d_na             ?     ? ? ? 'X-RAY DIFFRACTION' ? 
c_bond_d_prot           ?     ? ? ? 'X-RAY DIFFRACTION' ? 
c_angle_d               ?     ? ? ? 'X-RAY DIFFRACTION' ? 
c_angle_d_na            ?     ? ? ? 'X-RAY DIFFRACTION' ? 
c_angle_d_prot          ?     ? ? ? 'X-RAY DIFFRACTION' ? 
c_angle_deg             1.3   ? ? ? 'X-RAY DIFFRACTION' ? 
c_angle_deg_na          ?     ? ? ? 'X-RAY DIFFRACTION' ? 
c_angle_deg_prot        ?     ? ? ? 'X-RAY DIFFRACTION' ? 
c_dihedral_angle_d      17.8  ? ? ? 'X-RAY DIFFRACTION' ? 
c_dihedral_angle_d_na   ?     ? ? ? 'X-RAY DIFFRACTION' ? 
c_dihedral_angle_d_prot ?     ? ? ? 'X-RAY DIFFRACTION' ? 
c_improper_angle_d      1.26  ? ? ? 'X-RAY DIFFRACTION' ? 
c_improper_angle_d_na   ?     ? ? ? 'X-RAY DIFFRACTION' ? 
c_improper_angle_d_prot ?     ? ? ? 'X-RAY DIFFRACTION' ? 
c_mcbond_it             ?     ? ? ? 'X-RAY DIFFRACTION' ? 
c_mcangle_it            ?     ? ? ? 'X-RAY DIFFRACTION' ? 
c_scbond_it             ?     ? ? ? 'X-RAY DIFFRACTION' ? 
c_scangle_it            ?     ? ? ? 'X-RAY DIFFRACTION' ? 
# 
_refine_ls_shell.pdbx_total_number_of_bins_used   6 
_refine_ls_shell.d_res_high                       2.20 
_refine_ls_shell.d_res_low                        2.34 
_refine_ls_shell.number_reflns_R_work             1634 
_refine_ls_shell.R_factor_R_work                  0.223 
_refine_ls_shell.percent_reflns_obs               80.4 
_refine_ls_shell.R_factor_R_free                  0.284 
_refine_ls_shell.R_factor_R_free_error            0.030 
_refine_ls_shell.percent_reflns_R_free            5.2 
_refine_ls_shell.number_reflns_R_free             89 
_refine_ls_shell.number_reflns_all                ? 
_refine_ls_shell.R_factor_all                     ? 
_refine_ls_shell.number_reflns_obs                ? 
_refine_ls_shell.redundancy_reflns_obs            ? 
_refine_ls_shell.pdbx_refine_id                   'X-RAY DIFFRACTION' 
# 
loop_
_pdbx_xplor_file.serial_no 
_pdbx_xplor_file.param_file 
_pdbx_xplor_file.topol_file 
_pdbx_xplor_file.pdbx_refine_id 
1 protein_rep.param protein.top 'X-RAY DIFFRACTION' 
2 water_rep.param   water.top   'X-RAY DIFFRACTION' 
3 ion.param         ion.top     'X-RAY DIFFRACTION' 
# 
_struct.entry_id                  2OTA 
_struct.title                     
'Crystal structure of the UPF0352 protein CPS_2611 from Colwellia psychrerythraea. NESG target CsR4.' 
_struct.pdbx_model_details        ? 
_struct.pdbx_CASP_flag            ? 
_struct.pdbx_model_type_details   ? 
# 
_struct_keywords.entry_id        2OTA 
_struct_keywords.pdbx_keywords   'STRUCTURAL GENOMICS, UNKNOWN FUNCTION' 
_struct_keywords.text            
;NESG, Y2611_COLP3, UPF0352, CPS_2611, Structural Genomics, PSI-2, Protein Structure Initiative, Northeast Structural Genomics Consortium, UNKNOWN FUNCTION
;
# 
loop_
_struct_asym.id 
_struct_asym.pdbx_blank_PDB_chainid_flag 
_struct_asym.pdbx_modified 
_struct_asym.entity_id 
_struct_asym.details 
A N N 1 ? 
B N N 1 ? 
C N N 2 ? 
D N N 2 ? 
# 
_struct_ref.id                         1 
_struct_ref.db_name                    UNP 
_struct_ref.db_code                    Y2611_COLP3 
_struct_ref.pdbx_db_accession          Q481E4 
_struct_ref.entity_id                  1 
_struct_ref.pdbx_seq_one_letter_code   MPIVSKYSNERVEKIIQDLLDVLVKEEVTPDLALMCLGNAVTNIIAQVPESKRVAVVDNFTKALKQSV 
_struct_ref.pdbx_align_begin           1 
_struct_ref.pdbx_db_isoform            ? 
# 
loop_
_struct_ref_seq.align_id 
_struct_ref_seq.ref_id 
_struct_ref_seq.pdbx_PDB_id_code 
_struct_ref_seq.pdbx_strand_id 
_struct_ref_seq.seq_align_beg 
_struct_ref_seq.pdbx_seq_align_beg_ins_code 
_struct_ref_seq.seq_align_end 
_struct_ref_seq.pdbx_seq_align_end_ins_code 
_struct_ref_seq.pdbx_db_accession 
_struct_ref_seq.db_align_beg 
_struct_ref_seq.pdbx_db_align_beg_ins_code 
_struct_ref_seq.db_align_end 
_struct_ref_seq.pdbx_db_align_end_ins_code 
_struct_ref_seq.pdbx_auth_seq_align_beg 
_struct_ref_seq.pdbx_auth_seq_align_end 
1 1 2OTA A 1 ? 68 ? Q481E4 1 ? 68 ? 1 68 
2 1 2OTA B 1 ? 68 ? Q481E4 1 ? 68 ? 1 68 
# 
loop_
_struct_ref_seq_dif.align_id 
_struct_ref_seq_dif.pdbx_pdb_id_code 
_struct_ref_seq_dif.mon_id 
_struct_ref_seq_dif.pdbx_pdb_strand_id 
_struct_ref_seq_dif.seq_num 
_struct_ref_seq_dif.pdbx_pdb_ins_code 
_struct_ref_seq_dif.pdbx_seq_db_name 
_struct_ref_seq_dif.pdbx_seq_db_accession_code 
_struct_ref_seq_dif.db_mon_id 
_struct_ref_seq_dif.pdbx_seq_db_seq_num 
_struct_ref_seq_dif.details 
_struct_ref_seq_dif.pdbx_auth_seq_num 
_struct_ref_seq_dif.pdbx_ordinal 
1 2OTA MSE A 1  ? UNP Q481E4 MET 1  'modified residue' 1  1  
1 2OTA MSE A 35 ? UNP Q481E4 MET 35 'modified residue' 35 2  
1 2OTA LEU A 69 ? UNP Q481E4 ?   ?  'expression tag'   69 3  
1 2OTA GLU A 70 ? UNP Q481E4 ?   ?  'expression tag'   70 4  
1 2OTA HIS A 71 ? UNP Q481E4 ?   ?  'expression tag'   71 5  
1 2OTA HIS A 72 ? UNP Q481E4 ?   ?  'expression tag'   72 6  
1 2OTA HIS A 73 ? UNP Q481E4 ?   ?  'expression tag'   73 7  
1 2OTA HIS A 74 ? UNP Q481E4 ?   ?  'expression tag'   74 8  
1 2OTA HIS A 75 ? UNP Q481E4 ?   ?  'expression tag'   75 9  
1 2OTA HIS A 76 ? UNP Q481E4 ?   ?  'expression tag'   76 10 
2 2OTA MSE B 1  ? UNP Q481E4 MET 1  'modified residue' 1  11 
2 2OTA MSE B 35 ? UNP Q481E4 MET 35 'modified residue' 35 12 
2 2OTA LEU B 69 ? UNP Q481E4 ?   ?  'expression tag'   69 13 
2 2OTA GLU B 70 ? UNP Q481E4 ?   ?  'expression tag'   70 14 
2 2OTA HIS B 71 ? UNP Q481E4 ?   ?  'expression tag'   71 15 
2 2OTA HIS B 72 ? UNP Q481E4 ?   ?  'expression tag'   72 16 
2 2OTA HIS B 73 ? UNP Q481E4 ?   ?  'expression tag'   73 17 
2 2OTA HIS B 74 ? UNP Q481E4 ?   ?  'expression tag'   74 18 
2 2OTA HIS B 75 ? UNP Q481E4 ?   ?  'expression tag'   75 19 
2 2OTA HIS B 76 ? UNP Q481E4 ?   ?  'expression tag'   76 20 
# 
_pdbx_struct_assembly.id                   1 
_pdbx_struct_assembly.details              author_and_software_defined_assembly 
_pdbx_struct_assembly.method_details       PISA,PQS 
_pdbx_struct_assembly.oligomeric_details   dimeric 
_pdbx_struct_assembly.oligomeric_count     2 
# 
loop_
_pdbx_struct_assembly_prop.biol_id 
_pdbx_struct_assembly_prop.type 
_pdbx_struct_assembly_prop.value 
_pdbx_struct_assembly_prop.details 
1 'ABSA (A^2)' 4090 ? 
1 MORE         -51  ? 
1 'SSA (A^2)'  7290 ? 
# 
_pdbx_struct_assembly_gen.assembly_id       1 
_pdbx_struct_assembly_gen.oper_expression   1 
_pdbx_struct_assembly_gen.asym_id_list      A,B,C,D 
# 
_pdbx_struct_oper_list.id                   1 
_pdbx_struct_oper_list.type                 'identity operation' 
_pdbx_struct_oper_list.name                 1_555 
_pdbx_struct_oper_list.symmetry_operation   x,y,z 
_pdbx_struct_oper_list.matrix[1][1]         1.0000000000 
_pdbx_struct_oper_list.matrix[1][2]         0.0000000000 
_pdbx_struct_oper_list.matrix[1][3]         0.0000000000 
_pdbx_struct_oper_list.vector[1]            0.0000000000 
_pdbx_struct_oper_list.matrix[2][1]         0.0000000000 
_pdbx_struct_oper_list.matrix[2][2]         1.0000000000 
_pdbx_struct_oper_list.matrix[2][3]         0.0000000000 
_pdbx_struct_oper_list.vector[2]            0.0000000000 
_pdbx_struct_oper_list.matrix[3][1]         0.0000000000 
_pdbx_struct_oper_list.matrix[3][2]         0.0000000000 
_pdbx_struct_oper_list.matrix[3][3]         1.0000000000 
_pdbx_struct_oper_list.vector[3]            0.0000000000 
# 
_struct_biol.id        1 
_struct_biol.details   'Dimer in solution' 
# 
loop_
_struct_conf.conf_type_id 
_struct_conf.id 
_struct_conf.pdbx_PDB_helix_id 
_struct_conf.beg_label_comp_id 
_struct_conf.beg_label_asym_id 
_struct_conf.beg_label_seq_id 
_struct_conf.pdbx_beg_PDB_ins_code 
_struct_conf.end_label_comp_id 
_struct_conf.end_label_asym_id 
_struct_conf.end_label_seq_id 
_struct_conf.pdbx_end_PDB_ins_code 
_struct_conf.beg_auth_comp_id 
_struct_conf.beg_auth_asym_id 
_struct_conf.beg_auth_seq_id 
_struct_conf.end_auth_comp_id 
_struct_conf.end_auth_asym_id 
_struct_conf.end_auth_seq_id 
_struct_conf.pdbx_PDB_helix_class 
_struct_conf.details 
_struct_conf.pdbx_PDB_helix_length 
HELX_P HELX_P1 1 SER A 8  ? GLU A 26 ? SER A 8  GLU A 26 1 ? 19 
HELX_P HELX_P2 2 THR A 29 ? ALA A 46 ? THR A 29 ALA A 46 1 ? 18 
HELX_P HELX_P3 3 GLN A 47 ? VAL A 48 ? GLN A 47 VAL A 48 5 ? 2  
HELX_P HELX_P4 4 PRO A 49 ? SER A 51 ? PRO A 49 SER A 51 5 ? 3  
HELX_P HELX_P5 5 LYS A 52 ? HIS A 71 ? LYS A 52 HIS A 71 1 ? 20 
HELX_P HELX_P6 6 GLU B 10 ? GLU B 26 ? GLU B 10 GLU B 26 1 ? 17 
HELX_P HELX_P7 7 THR B 29 ? ALA B 46 ? THR B 29 ALA B 46 1 ? 18 
HELX_P HELX_P8 8 PRO B 49 ? LEU B 69 ? PRO B 49 LEU B 69 1 ? 21 
# 
_struct_conf_type.id          HELX_P 
_struct_conf_type.criteria    ? 
_struct_conf_type.reference   ? 
# 
loop_
_struct_conn.id 
_struct_conn.conn_type_id 
_struct_conn.pdbx_leaving_atom_flag 
_struct_conn.pdbx_PDB_id 
_struct_conn.ptnr1_label_asym_id 
_struct_conn.ptnr1_label_comp_id 
_struct_conn.ptnr1_label_seq_id 
_struct_conn.ptnr1_label_atom_id 
_struct_conn.pdbx_ptnr1_label_alt_id 
_struct_conn.pdbx_ptnr1_PDB_ins_code 
_struct_conn.pdbx_ptnr1_standard_comp_id 
_struct_conn.ptnr1_symmetry 
_struct_conn.ptnr2_label_asym_id 
_struct_conn.ptnr2_label_comp_id 
_struct_conn.ptnr2_label_seq_id 
_struct_conn.ptnr2_label_atom_id 
_struct_conn.pdbx_ptnr2_label_alt_id 
_struct_conn.pdbx_ptnr2_PDB_ins_code 
_struct_conn.ptnr1_auth_asym_id 
_struct_conn.ptnr1_auth_comp_id 
_struct_conn.ptnr1_auth_seq_id 
_struct_conn.ptnr2_auth_asym_id 
_struct_conn.ptnr2_auth_comp_id 
_struct_conn.ptnr2_auth_seq_id 
_struct_conn.ptnr2_symmetry 
_struct_conn.pdbx_ptnr3_label_atom_id 
_struct_conn.pdbx_ptnr3_label_seq_id 
_struct_conn.pdbx_ptnr3_label_comp_id 
_struct_conn.pdbx_ptnr3_label_asym_id 
_struct_conn.pdbx_ptnr3_label_alt_id 
_struct_conn.pdbx_ptnr3_PDB_ins_code 
_struct_conn.details 
_struct_conn.pdbx_dist_value 
_struct_conn.pdbx_value_order 
_struct_conn.pdbx_role 
covale1 covale both ? A LEU 34 C ? ? ? 1_555 A MSE 35 N ? ? A LEU 34 A MSE 35 1_555 ? ? ? ? ? ? ? 1.326 ? ? 
covale2 covale both ? A MSE 35 C ? ? ? 1_555 A CYS 36 N ? ? A MSE 35 A CYS 36 1_555 ? ? ? ? ? ? ? 1.325 ? ? 
covale3 covale both ? B LEU 34 C ? ? ? 1_555 B MSE 35 N ? ? B LEU 34 B MSE 35 1_555 ? ? ? ? ? ? ? 1.325 ? ? 
covale4 covale both ? B MSE 35 C ? ? ? 1_555 B CYS 36 N ? ? B MSE 35 B CYS 36 1_555 ? ? ? ? ? ? ? 1.327 ? ? 
# 
_struct_conn_type.id          covale 
_struct_conn_type.criteria    ? 
_struct_conn_type.reference   ? 
# 
loop_
_pdbx_modification_feature.ordinal 
_pdbx_modification_feature.label_comp_id 
_pdbx_modification_feature.label_asym_id 
_pdbx_modification_feature.label_seq_id 
_pdbx_modification_feature.label_alt_id 
_pdbx_modification_feature.modified_residue_label_comp_id 
_pdbx_modification_feature.modified_residue_label_asym_id 
_pdbx_modification_feature.modified_residue_label_seq_id 
_pdbx_modification_feature.modified_residue_label_alt_id 
_pdbx_modification_feature.auth_comp_id 
_pdbx_modification_feature.auth_asym_id 
_pdbx_modification_feature.auth_seq_id 
_pdbx_modification_feature.PDB_ins_code 
_pdbx_modification_feature.symmetry 
_pdbx_modification_feature.modified_residue_auth_comp_id 
_pdbx_modification_feature.modified_residue_auth_asym_id 
_pdbx_modification_feature.modified_residue_auth_seq_id 
_pdbx_modification_feature.modified_residue_PDB_ins_code 
_pdbx_modification_feature.modified_residue_symmetry 
_pdbx_modification_feature.comp_id_linking_atom 
_pdbx_modification_feature.modified_residue_id_linking_atom 
_pdbx_modification_feature.modified_residue_id 
_pdbx_modification_feature.ref_pcm_id 
_pdbx_modification_feature.ref_comp_id 
_pdbx_modification_feature.type 
_pdbx_modification_feature.category 
1 MSE A 35 ? . . . . MSE A 35 ? 1_555 . . . . . . . MET 1 MSE Selenomethionine 'Named protein modification' 
2 MSE B 35 ? . . . . MSE B 35 ? 1_555 . . . . . . . MET 1 MSE Selenomethionine 'Named protein modification' 
# 
_pdbx_entry_details.entry_id                   2OTA 
_pdbx_entry_details.compound_details           ? 
_pdbx_entry_details.source_details             ? 
_pdbx_entry_details.nonpolymer_details         ? 
_pdbx_entry_details.sequence_details           ? 
_pdbx_entry_details.has_ligand_of_interest     ? 
_pdbx_entry_details.has_protein_modification   Y 
# 
_pdbx_validate_rmsd_angle.id                         1 
_pdbx_validate_rmsd_angle.PDB_model_num              1 
_pdbx_validate_rmsd_angle.auth_atom_id_1             N 
_pdbx_validate_rmsd_angle.auth_asym_id_1             B 
_pdbx_validate_rmsd_angle.auth_comp_id_1             GLU 
_pdbx_validate_rmsd_angle.auth_seq_id_1              10 
_pdbx_validate_rmsd_angle.PDB_ins_code_1             ? 
_pdbx_validate_rmsd_angle.label_alt_id_1             ? 
_pdbx_validate_rmsd_angle.auth_atom_id_2             CA 
_pdbx_validate_rmsd_angle.auth_asym_id_2             B 
_pdbx_validate_rmsd_angle.auth_comp_id_2             GLU 
_pdbx_validate_rmsd_angle.auth_seq_id_2              10 
_pdbx_validate_rmsd_angle.PDB_ins_code_2             ? 
_pdbx_validate_rmsd_angle.label_alt_id_2             ? 
_pdbx_validate_rmsd_angle.auth_atom_id_3             CB 
_pdbx_validate_rmsd_angle.auth_asym_id_3             B 
_pdbx_validate_rmsd_angle.auth_comp_id_3             GLU 
_pdbx_validate_rmsd_angle.auth_seq_id_3              10 
_pdbx_validate_rmsd_angle.PDB_ins_code_3             ? 
_pdbx_validate_rmsd_angle.label_alt_id_3             ? 
_pdbx_validate_rmsd_angle.angle_value                124.87 
_pdbx_validate_rmsd_angle.angle_target_value         110.60 
_pdbx_validate_rmsd_angle.angle_deviation            14.27 
_pdbx_validate_rmsd_angle.angle_standard_deviation   1.80 
_pdbx_validate_rmsd_angle.linker_flag                N 
# 
_pdbx_validate_peptide_omega.id               1 
_pdbx_validate_peptide_omega.PDB_model_num    1 
_pdbx_validate_peptide_omega.auth_comp_id_1   ASN 
_pdbx_validate_peptide_omega.auth_asym_id_1   B 
_pdbx_validate_peptide_omega.auth_seq_id_1    9 
_pdbx_validate_peptide_omega.PDB_ins_code_1   ? 
_pdbx_validate_peptide_omega.label_alt_id_1   ? 
_pdbx_validate_peptide_omega.auth_comp_id_2   GLU 
_pdbx_validate_peptide_omega.auth_asym_id_2   B 
_pdbx_validate_peptide_omega.auth_seq_id_2    10 
_pdbx_validate_peptide_omega.PDB_ins_code_2   ? 
_pdbx_validate_peptide_omega.label_alt_id_2   ? 
_pdbx_validate_peptide_omega.omega            144.46 
# 
_pdbx_SG_project.id                    1 
_pdbx_SG_project.project_name          'PSI, Protein Structure Initiative' 
_pdbx_SG_project.full_name_of_center   'Northeast Structural Genomics Consortium' 
_pdbx_SG_project.initial_of_center     NESG 
# 
loop_
_pdbx_struct_mod_residue.id 
_pdbx_struct_mod_residue.label_asym_id 
_pdbx_struct_mod_residue.label_comp_id 
_pdbx_struct_mod_residue.label_seq_id 
_pdbx_struct_mod_residue.auth_asym_id 
_pdbx_struct_mod_residue.auth_comp_id 
_pdbx_struct_mod_residue.auth_seq_id 
_pdbx_struct_mod_residue.PDB_ins_code 
_pdbx_struct_mod_residue.parent_comp_id 
_pdbx_struct_mod_residue.details 
1 A MSE 35 A MSE 35 ? MET SELENOMETHIONINE 
2 B MSE 35 B MSE 35 ? MET SELENOMETHIONINE 
# 
_pdbx_database_remark.id     300 
_pdbx_database_remark.text   
;
BIOMOLECULE: 1
THIS ENTRY CONTAINS THE CRYSTALLOGRAPHIC ASYMMETRIC UNIT
WHICH CONSISTS OF 2 CHAIN(S). SEE REMARK 350 FOR
INFORMATION ON GENERATING THE BIOLOGICAL MOLECULE(S).
AUTHORS STATE THAT THEIR LIGHT SCATTERING DATA CONFIRM
THAT THE PROTEIN IS A DIMER IN SOLUTION.
;
# 
loop_
_pdbx_unobs_or_zero_occ_residues.id 
_pdbx_unobs_or_zero_occ_residues.PDB_model_num 
_pdbx_unobs_or_zero_occ_residues.polymer_flag 
_pdbx_unobs_or_zero_occ_residues.occupancy_flag 
_pdbx_unobs_or_zero_occ_residues.auth_asym_id 
_pdbx_unobs_or_zero_occ_residues.auth_comp_id 
_pdbx_unobs_or_zero_occ_residues.auth_seq_id 
_pdbx_unobs_or_zero_occ_residues.PDB_ins_code 
_pdbx_unobs_or_zero_occ_residues.label_asym_id 
_pdbx_unobs_or_zero_occ_residues.label_comp_id 
_pdbx_unobs_or_zero_occ_residues.label_seq_id 
1  1 Y 1 A MSE 1  ? A MSE 1  
2  1 Y 1 A PRO 2  ? A PRO 2  
3  1 Y 1 A ILE 3  ? A ILE 3  
4  1 Y 1 A VAL 4  ? A VAL 4  
5  1 Y 1 A SER 5  ? A SER 5  
6  1 Y 1 A LYS 6  ? A LYS 6  
7  1 Y 1 A HIS 74 ? A HIS 74 
8  1 Y 1 A HIS 75 ? A HIS 75 
9  1 Y 1 A HIS 76 ? A HIS 76 
10 1 Y 1 B MSE 1  ? B MSE 1  
11 1 Y 1 B PRO 2  ? B PRO 2  
12 1 Y 1 B ILE 3  ? B ILE 3  
13 1 Y 1 B VAL 4  ? B VAL 4  
14 1 Y 1 B SER 5  ? B SER 5  
15 1 Y 1 B LYS 6  ? B LYS 6  
16 1 Y 1 B TYR 7  ? B TYR 7  
17 1 Y 1 B SER 8  ? B SER 8  
18 1 Y 1 B GLU 70 ? B GLU 70 
19 1 Y 1 B HIS 71 ? B HIS 71 
20 1 Y 1 B HIS 72 ? B HIS 72 
21 1 Y 1 B HIS 73 ? B HIS 73 
22 1 Y 1 B HIS 74 ? B HIS 74 
23 1 Y 1 B HIS 75 ? B HIS 75 
24 1 Y 1 B HIS 76 ? B HIS 76 
# 
loop_
_chem_comp_atom.comp_id 
_chem_comp_atom.atom_id 
_chem_comp_atom.type_symbol 
_chem_comp_atom.pdbx_aromatic_flag 
_chem_comp_atom.pdbx_stereo_config 
_chem_comp_atom.pdbx_ordinal 
ALA N    N  N N 1   
ALA CA   C  N S 2   
ALA C    C  N N 3   
ALA O    O  N N 4   
ALA CB   C  N N 5   
ALA OXT  O  N N 6   
ALA H    H  N N 7   
ALA H2   H  N N 8   
ALA HA   H  N N 9   
ALA HB1  H  N N 10  
ALA HB2  H  N N 11  
ALA HB3  H  N N 12  
ALA HXT  H  N N 13  
ARG N    N  N N 14  
ARG CA   C  N S 15  
ARG C    C  N N 16  
ARG O    O  N N 17  
ARG CB   C  N N 18  
ARG CG   C  N N 19  
ARG CD   C  N N 20  
ARG NE   N  N N 21  
ARG CZ   C  N N 22  
ARG NH1  N  N N 23  
ARG NH2  N  N N 24  
ARG OXT  O  N N 25  
ARG H    H  N N 26  
ARG H2   H  N N 27  
ARG HA   H  N N 28  
ARG HB2  H  N N 29  
ARG HB3  H  N N 30  
ARG HG2  H  N N 31  
ARG HG3  H  N N 32  
ARG HD2  H  N N 33  
ARG HD3  H  N N 34  
ARG HE   H  N N 35  
ARG HH11 H  N N 36  
ARG HH12 H  N N 37  
ARG HH21 H  N N 38  
ARG HH22 H  N N 39  
ARG HXT  H  N N 40  
ASN N    N  N N 41  
ASN CA   C  N S 42  
ASN C    C  N N 43  
ASN O    O  N N 44  
ASN CB   C  N N 45  
ASN CG   C  N N 46  
ASN OD1  O  N N 47  
ASN ND2  N  N N 48  
ASN OXT  O  N N 49  
ASN H    H  N N 50  
ASN H2   H  N N 51  
ASN HA   H  N N 52  
ASN HB2  H  N N 53  
ASN HB3  H  N N 54  
ASN HD21 H  N N 55  
ASN HD22 H  N N 56  
ASN HXT  H  N N 57  
ASP N    N  N N 58  
ASP CA   C  N S 59  
ASP C    C  N N 60  
ASP O    O  N N 61  
ASP CB   C  N N 62  
ASP CG   C  N N 63  
ASP OD1  O  N N 64  
ASP OD2  O  N N 65  
ASP OXT  O  N N 66  
ASP H    H  N N 67  
ASP H2   H  N N 68  
ASP HA   H  N N 69  
ASP HB2  H  N N 70  
ASP HB3  H  N N 71  
ASP HD2  H  N N 72  
ASP HXT  H  N N 73  
CYS N    N  N N 74  
CYS CA   C  N R 75  
CYS C    C  N N 76  
CYS O    O  N N 77  
CYS CB   C  N N 78  
CYS SG   S  N N 79  
CYS OXT  O  N N 80  
CYS H    H  N N 81  
CYS H2   H  N N 82  
CYS HA   H  N N 83  
CYS HB2  H  N N 84  
CYS HB3  H  N N 85  
CYS HG   H  N N 86  
CYS HXT  H  N N 87  
GLN N    N  N N 88  
GLN CA   C  N S 89  
GLN C    C  N N 90  
GLN O    O  N N 91  
GLN CB   C  N N 92  
GLN CG   C  N N 93  
GLN CD   C  N N 94  
GLN OE1  O  N N 95  
GLN NE2  N  N N 96  
GLN OXT  O  N N 97  
GLN H    H  N N 98  
GLN H2   H  N N 99  
GLN HA   H  N N 100 
GLN HB2  H  N N 101 
GLN HB3  H  N N 102 
GLN HG2  H  N N 103 
GLN HG3  H  N N 104 
GLN HE21 H  N N 105 
GLN HE22 H  N N 106 
GLN HXT  H  N N 107 
GLU N    N  N N 108 
GLU CA   C  N S 109 
GLU C    C  N N 110 
GLU O    O  N N 111 
GLU CB   C  N N 112 
GLU CG   C  N N 113 
GLU CD   C  N N 114 
GLU OE1  O  N N 115 
GLU OE2  O  N N 116 
GLU OXT  O  N N 117 
GLU H    H  N N 118 
GLU H2   H  N N 119 
GLU HA   H  N N 120 
GLU HB2  H  N N 121 
GLU HB3  H  N N 122 
GLU HG2  H  N N 123 
GLU HG3  H  N N 124 
GLU HE2  H  N N 125 
GLU HXT  H  N N 126 
GLY N    N  N N 127 
GLY CA   C  N N 128 
GLY C    C  N N 129 
GLY O    O  N N 130 
GLY OXT  O  N N 131 
GLY H    H  N N 132 
GLY H2   H  N N 133 
GLY HA2  H  N N 134 
GLY HA3  H  N N 135 
GLY HXT  H  N N 136 
HIS N    N  N N 137 
HIS CA   C  N S 138 
HIS C    C  N N 139 
HIS O    O  N N 140 
HIS CB   C  N N 141 
HIS CG   C  Y N 142 
HIS ND1  N  Y N 143 
HIS CD2  C  Y N 144 
HIS CE1  C  Y N 145 
HIS NE2  N  Y N 146 
HIS OXT  O  N N 147 
HIS H    H  N N 148 
HIS H2   H  N N 149 
HIS HA   H  N N 150 
HIS HB2  H  N N 151 
HIS HB3  H  N N 152 
HIS HD1  H  N N 153 
HIS HD2  H  N N 154 
HIS HE1  H  N N 155 
HIS HE2  H  N N 156 
HIS HXT  H  N N 157 
HOH O    O  N N 158 
HOH H1   H  N N 159 
HOH H2   H  N N 160 
ILE N    N  N N 161 
ILE CA   C  N S 162 
ILE C    C  N N 163 
ILE O    O  N N 164 
ILE CB   C  N S 165 
ILE CG1  C  N N 166 
ILE CG2  C  N N 167 
ILE CD1  C  N N 168 
ILE OXT  O  N N 169 
ILE H    H  N N 170 
ILE H2   H  N N 171 
ILE HA   H  N N 172 
ILE HB   H  N N 173 
ILE HG12 H  N N 174 
ILE HG13 H  N N 175 
ILE HG21 H  N N 176 
ILE HG22 H  N N 177 
ILE HG23 H  N N 178 
ILE HD11 H  N N 179 
ILE HD12 H  N N 180 
ILE HD13 H  N N 181 
ILE HXT  H  N N 182 
LEU N    N  N N 183 
LEU CA   C  N S 184 
LEU C    C  N N 185 
LEU O    O  N N 186 
LEU CB   C  N N 187 
LEU CG   C  N N 188 
LEU CD1  C  N N 189 
LEU CD2  C  N N 190 
LEU OXT  O  N N 191 
LEU H    H  N N 192 
LEU H2   H  N N 193 
LEU HA   H  N N 194 
LEU HB2  H  N N 195 
LEU HB3  H  N N 196 
LEU HG   H  N N 197 
LEU HD11 H  N N 198 
LEU HD12 H  N N 199 
LEU HD13 H  N N 200 
LEU HD21 H  N N 201 
LEU HD22 H  N N 202 
LEU HD23 H  N N 203 
LEU HXT  H  N N 204 
LYS N    N  N N 205 
LYS CA   C  N S 206 
LYS C    C  N N 207 
LYS O    O  N N 208 
LYS CB   C  N N 209 
LYS CG   C  N N 210 
LYS CD   C  N N 211 
LYS CE   C  N N 212 
LYS NZ   N  N N 213 
LYS OXT  O  N N 214 
LYS H    H  N N 215 
LYS H2   H  N N 216 
LYS HA   H  N N 217 
LYS HB2  H  N N 218 
LYS HB3  H  N N 219 
LYS HG2  H  N N 220 
LYS HG3  H  N N 221 
LYS HD2  H  N N 222 
LYS HD3  H  N N 223 
LYS HE2  H  N N 224 
LYS HE3  H  N N 225 
LYS HZ1  H  N N 226 
LYS HZ2  H  N N 227 
LYS HZ3  H  N N 228 
LYS HXT  H  N N 229 
MET N    N  N N 230 
MET CA   C  N S 231 
MET C    C  N N 232 
MET O    O  N N 233 
MET CB   C  N N 234 
MET CG   C  N N 235 
MET SD   S  N N 236 
MET CE   C  N N 237 
MET OXT  O  N N 238 
MET H    H  N N 239 
MET H2   H  N N 240 
MET HA   H  N N 241 
MET HB2  H  N N 242 
MET HB3  H  N N 243 
MET HG2  H  N N 244 
MET HG3  H  N N 245 
MET HE1  H  N N 246 
MET HE2  H  N N 247 
MET HE3  H  N N 248 
MET HXT  H  N N 249 
MSE N    N  N N 250 
MSE CA   C  N S 251 
MSE C    C  N N 252 
MSE O    O  N N 253 
MSE OXT  O  N N 254 
MSE CB   C  N N 255 
MSE CG   C  N N 256 
MSE SE   SE N N 257 
MSE CE   C  N N 258 
MSE H    H  N N 259 
MSE H2   H  N N 260 
MSE HA   H  N N 261 
MSE HXT  H  N N 262 
MSE HB2  H  N N 263 
MSE HB3  H  N N 264 
MSE HG2  H  N N 265 
MSE HG3  H  N N 266 
MSE HE1  H  N N 267 
MSE HE2  H  N N 268 
MSE HE3  H  N N 269 
PHE N    N  N N 270 
PHE CA   C  N S 271 
PHE C    C  N N 272 
PHE O    O  N N 273 
PHE CB   C  N N 274 
PHE CG   C  Y N 275 
PHE CD1  C  Y N 276 
PHE CD2  C  Y N 277 
PHE CE1  C  Y N 278 
PHE CE2  C  Y N 279 
PHE CZ   C  Y N 280 
PHE OXT  O  N N 281 
PHE H    H  N N 282 
PHE H2   H  N N 283 
PHE HA   H  N N 284 
PHE HB2  H  N N 285 
PHE HB3  H  N N 286 
PHE HD1  H  N N 287 
PHE HD2  H  N N 288 
PHE HE1  H  N N 289 
PHE HE2  H  N N 290 
PHE HZ   H  N N 291 
PHE HXT  H  N N 292 
PRO N    N  N N 293 
PRO CA   C  N S 294 
PRO C    C  N N 295 
PRO O    O  N N 296 
PRO CB   C  N N 297 
PRO CG   C  N N 298 
PRO CD   C  N N 299 
PRO OXT  O  N N 300 
PRO H    H  N N 301 
PRO HA   H  N N 302 
PRO HB2  H  N N 303 
PRO HB3  H  N N 304 
PRO HG2  H  N N 305 
PRO HG3  H  N N 306 
PRO HD2  H  N N 307 
PRO HD3  H  N N 308 
PRO HXT  H  N N 309 
SER N    N  N N 310 
SER CA   C  N S 311 
SER C    C  N N 312 
SER O    O  N N 313 
SER CB   C  N N 314 
SER OG   O  N N 315 
SER OXT  O  N N 316 
SER H    H  N N 317 
SER H2   H  N N 318 
SER HA   H  N N 319 
SER HB2  H  N N 320 
SER HB3  H  N N 321 
SER HG   H  N N 322 
SER HXT  H  N N 323 
THR N    N  N N 324 
THR CA   C  N S 325 
THR C    C  N N 326 
THR O    O  N N 327 
THR CB   C  N R 328 
THR OG1  O  N N 329 
THR CG2  C  N N 330 
THR OXT  O  N N 331 
THR H    H  N N 332 
THR H2   H  N N 333 
THR HA   H  N N 334 
THR HB   H  N N 335 
THR HG1  H  N N 336 
THR HG21 H  N N 337 
THR HG22 H  N N 338 
THR HG23 H  N N 339 
THR HXT  H  N N 340 
TYR N    N  N N 341 
TYR CA   C  N S 342 
TYR C    C  N N 343 
TYR O    O  N N 344 
TYR CB   C  N N 345 
TYR CG   C  Y N 346 
TYR CD1  C  Y N 347 
TYR CD2  C  Y N 348 
TYR CE1  C  Y N 349 
TYR CE2  C  Y N 350 
TYR CZ   C  Y N 351 
TYR OH   O  N N 352 
TYR OXT  O  N N 353 
TYR H    H  N N 354 
TYR H2   H  N N 355 
TYR HA   H  N N 356 
TYR HB2  H  N N 357 
TYR HB3  H  N N 358 
TYR HD1  H  N N 359 
TYR HD2  H  N N 360 
TYR HE1  H  N N 361 
TYR HE2  H  N N 362 
TYR HH   H  N N 363 
TYR HXT  H  N N 364 
VAL N    N  N N 365 
VAL CA   C  N S 366 
VAL C    C  N N 367 
VAL O    O  N N 368 
VAL CB   C  N N 369 
VAL CG1  C  N N 370 
VAL CG2  C  N N 371 
VAL OXT  O  N N 372 
VAL H    H  N N 373 
VAL H2   H  N N 374 
VAL HA   H  N N 375 
VAL HB   H  N N 376 
VAL HG11 H  N N 377 
VAL HG12 H  N N 378 
VAL HG13 H  N N 379 
VAL HG21 H  N N 380 
VAL HG22 H  N N 381 
VAL HG23 H  N N 382 
VAL HXT  H  N N 383 
# 
loop_
_chem_comp_bond.comp_id 
_chem_comp_bond.atom_id_1 
_chem_comp_bond.atom_id_2 
_chem_comp_bond.value_order 
_chem_comp_bond.pdbx_aromatic_flag 
_chem_comp_bond.pdbx_stereo_config 
_chem_comp_bond.pdbx_ordinal 
ALA N   CA   sing N N 1   
ALA N   H    sing N N 2   
ALA N   H2   sing N N 3   
ALA CA  C    sing N N 4   
ALA CA  CB   sing N N 5   
ALA CA  HA   sing N N 6   
ALA C   O    doub N N 7   
ALA C   OXT  sing N N 8   
ALA CB  HB1  sing N N 9   
ALA CB  HB2  sing N N 10  
ALA CB  HB3  sing N N 11  
ALA OXT HXT  sing N N 12  
ARG N   CA   sing N N 13  
ARG N   H    sing N N 14  
ARG N   H2   sing N N 15  
ARG CA  C    sing N N 16  
ARG CA  CB   sing N N 17  
ARG CA  HA   sing N N 18  
ARG C   O    doub N N 19  
ARG C   OXT  sing N N 20  
ARG CB  CG   sing N N 21  
ARG CB  HB2  sing N N 22  
ARG CB  HB3  sing N N 23  
ARG CG  CD   sing N N 24  
ARG CG  HG2  sing N N 25  
ARG CG  HG3  sing N N 26  
ARG CD  NE   sing N N 27  
ARG CD  HD2  sing N N 28  
ARG CD  HD3  sing N N 29  
ARG NE  CZ   sing N N 30  
ARG NE  HE   sing N N 31  
ARG CZ  NH1  sing N N 32  
ARG CZ  NH2  doub N N 33  
ARG NH1 HH11 sing N N 34  
ARG NH1 HH12 sing N N 35  
ARG NH2 HH21 sing N N 36  
ARG NH2 HH22 sing N N 37  
ARG OXT HXT  sing N N 38  
ASN N   CA   sing N N 39  
ASN N   H    sing N N 40  
ASN N   H2   sing N N 41  
ASN CA  C    sing N N 42  
ASN CA  CB   sing N N 43  
ASN CA  HA   sing N N 44  
ASN C   O    doub N N 45  
ASN C   OXT  sing N N 46  
ASN CB  CG   sing N N 47  
ASN CB  HB2  sing N N 48  
ASN CB  HB3  sing N N 49  
ASN CG  OD1  doub N N 50  
ASN CG  ND2  sing N N 51  
ASN ND2 HD21 sing N N 52  
ASN ND2 HD22 sing N N 53  
ASN OXT HXT  sing N N 54  
ASP N   CA   sing N N 55  
ASP N   H    sing N N 56  
ASP N   H2   sing N N 57  
ASP CA  C    sing N N 58  
ASP CA  CB   sing N N 59  
ASP CA  HA   sing N N 60  
ASP C   O    doub N N 61  
ASP C   OXT  sing N N 62  
ASP CB  CG   sing N N 63  
ASP CB  HB2  sing N N 64  
ASP CB  HB3  sing N N 65  
ASP CG  OD1  doub N N 66  
ASP CG  OD2  sing N N 67  
ASP OD2 HD2  sing N N 68  
ASP OXT HXT  sing N N 69  
CYS N   CA   sing N N 70  
CYS N   H    sing N N 71  
CYS N   H2   sing N N 72  
CYS CA  C    sing N N 73  
CYS CA  CB   sing N N 74  
CYS CA  HA   sing N N 75  
CYS C   O    doub N N 76  
CYS C   OXT  sing N N 77  
CYS CB  SG   sing N N 78  
CYS CB  HB2  sing N N 79  
CYS CB  HB3  sing N N 80  
CYS SG  HG   sing N N 81  
CYS OXT HXT  sing N N 82  
GLN N   CA   sing N N 83  
GLN N   H    sing N N 84  
GLN N   H2   sing N N 85  
GLN CA  C    sing N N 86  
GLN CA  CB   sing N N 87  
GLN CA  HA   sing N N 88  
GLN C   O    doub N N 89  
GLN C   OXT  sing N N 90  
GLN CB  CG   sing N N 91  
GLN CB  HB2  sing N N 92  
GLN CB  HB3  sing N N 93  
GLN CG  CD   sing N N 94  
GLN CG  HG2  sing N N 95  
GLN CG  HG3  sing N N 96  
GLN CD  OE1  doub N N 97  
GLN CD  NE2  sing N N 98  
GLN NE2 HE21 sing N N 99  
GLN NE2 HE22 sing N N 100 
GLN OXT HXT  sing N N 101 
GLU N   CA   sing N N 102 
GLU N   H    sing N N 103 
GLU N   H2   sing N N 104 
GLU CA  C    sing N N 105 
GLU CA  CB   sing N N 106 
GLU CA  HA   sing N N 107 
GLU C   O    doub N N 108 
GLU C   OXT  sing N N 109 
GLU CB  CG   sing N N 110 
GLU CB  HB2  sing N N 111 
GLU CB  HB3  sing N N 112 
GLU CG  CD   sing N N 113 
GLU CG  HG2  sing N N 114 
GLU CG  HG3  sing N N 115 
GLU CD  OE1  doub N N 116 
GLU CD  OE2  sing N N 117 
GLU OE2 HE2  sing N N 118 
GLU OXT HXT  sing N N 119 
GLY N   CA   sing N N 120 
GLY N   H    sing N N 121 
GLY N   H2   sing N N 122 
GLY CA  C    sing N N 123 
GLY CA  HA2  sing N N 124 
GLY CA  HA3  sing N N 125 
GLY C   O    doub N N 126 
GLY C   OXT  sing N N 127 
GLY OXT HXT  sing N N 128 
HIS N   CA   sing N N 129 
HIS N   H    sing N N 130 
HIS N   H2   sing N N 131 
HIS CA  C    sing N N 132 
HIS CA  CB   sing N N 133 
HIS CA  HA   sing N N 134 
HIS C   O    doub N N 135 
HIS C   OXT  sing N N 136 
HIS CB  CG   sing N N 137 
HIS CB  HB2  sing N N 138 
HIS CB  HB3  sing N N 139 
HIS CG  ND1  sing Y N 140 
HIS CG  CD2  doub Y N 141 
HIS ND1 CE1  doub Y N 142 
HIS ND1 HD1  sing N N 143 
HIS CD2 NE2  sing Y N 144 
HIS CD2 HD2  sing N N 145 
HIS CE1 NE2  sing Y N 146 
HIS CE1 HE1  sing N N 147 
HIS NE2 HE2  sing N N 148 
HIS OXT HXT  sing N N 149 
HOH O   H1   sing N N 150 
HOH O   H2   sing N N 151 
ILE N   CA   sing N N 152 
ILE N   H    sing N N 153 
ILE N   H2   sing N N 154 
ILE CA  C    sing N N 155 
ILE CA  CB   sing N N 156 
ILE CA  HA   sing N N 157 
ILE C   O    doub N N 158 
ILE C   OXT  sing N N 159 
ILE CB  CG1  sing N N 160 
ILE CB  CG2  sing N N 161 
ILE CB  HB   sing N N 162 
ILE CG1 CD1  sing N N 163 
ILE CG1 HG12 sing N N 164 
ILE CG1 HG13 sing N N 165 
ILE CG2 HG21 sing N N 166 
ILE CG2 HG22 sing N N 167 
ILE CG2 HG23 sing N N 168 
ILE CD1 HD11 sing N N 169 
ILE CD1 HD12 sing N N 170 
ILE CD1 HD13 sing N N 171 
ILE OXT HXT  sing N N 172 
LEU N   CA   sing N N 173 
LEU N   H    sing N N 174 
LEU N   H2   sing N N 175 
LEU CA  C    sing N N 176 
LEU CA  CB   sing N N 177 
LEU CA  HA   sing N N 178 
LEU C   O    doub N N 179 
LEU C   OXT  sing N N 180 
LEU CB  CG   sing N N 181 
LEU CB  HB2  sing N N 182 
LEU CB  HB3  sing N N 183 
LEU CG  CD1  sing N N 184 
LEU CG  CD2  sing N N 185 
LEU CG  HG   sing N N 186 
LEU CD1 HD11 sing N N 187 
LEU CD1 HD12 sing N N 188 
LEU CD1 HD13 sing N N 189 
LEU CD2 HD21 sing N N 190 
LEU CD2 HD22 sing N N 191 
LEU CD2 HD23 sing N N 192 
LEU OXT HXT  sing N N 193 
LYS N   CA   sing N N 194 
LYS N   H    sing N N 195 
LYS N   H2   sing N N 196 
LYS CA  C    sing N N 197 
LYS CA  CB   sing N N 198 
LYS CA  HA   sing N N 199 
LYS C   O    doub N N 200 
LYS C   OXT  sing N N 201 
LYS CB  CG   sing N N 202 
LYS CB  HB2  sing N N 203 
LYS CB  HB3  sing N N 204 
LYS CG  CD   sing N N 205 
LYS CG  HG2  sing N N 206 
LYS CG  HG3  sing N N 207 
LYS CD  CE   sing N N 208 
LYS CD  HD2  sing N N 209 
LYS CD  HD3  sing N N 210 
LYS CE  NZ   sing N N 211 
LYS CE  HE2  sing N N 212 
LYS CE  HE3  sing N N 213 
LYS NZ  HZ1  sing N N 214 
LYS NZ  HZ2  sing N N 215 
LYS NZ  HZ3  sing N N 216 
LYS OXT HXT  sing N N 217 
MET N   CA   sing N N 218 
MET N   H    sing N N 219 
MET N   H2   sing N N 220 
MET CA  C    sing N N 221 
MET CA  CB   sing N N 222 
MET CA  HA   sing N N 223 
MET C   O    doub N N 224 
MET C   OXT  sing N N 225 
MET CB  CG   sing N N 226 
MET CB  HB2  sing N N 227 
MET CB  HB3  sing N N 228 
MET CG  SD   sing N N 229 
MET CG  HG2  sing N N 230 
MET CG  HG3  sing N N 231 
MET SD  CE   sing N N 232 
MET CE  HE1  sing N N 233 
MET CE  HE2  sing N N 234 
MET CE  HE3  sing N N 235 
MET OXT HXT  sing N N 236 
MSE N   CA   sing N N 237 
MSE N   H    sing N N 238 
MSE N   H2   sing N N 239 
MSE CA  C    sing N N 240 
MSE CA  CB   sing N N 241 
MSE CA  HA   sing N N 242 
MSE C   O    doub N N 243 
MSE C   OXT  sing N N 244 
MSE OXT HXT  sing N N 245 
MSE CB  CG   sing N N 246 
MSE CB  HB2  sing N N 247 
MSE CB  HB3  sing N N 248 
MSE CG  SE   sing N N 249 
MSE CG  HG2  sing N N 250 
MSE CG  HG3  sing N N 251 
MSE SE  CE   sing N N 252 
MSE CE  HE1  sing N N 253 
MSE CE  HE2  sing N N 254 
MSE CE  HE3  sing N N 255 
PHE N   CA   sing N N 256 
PHE N   H    sing N N 257 
PHE N   H2   sing N N 258 
PHE CA  C    sing N N 259 
PHE CA  CB   sing N N 260 
PHE CA  HA   sing N N 261 
PHE C   O    doub N N 262 
PHE C   OXT  sing N N 263 
PHE CB  CG   sing N N 264 
PHE CB  HB2  sing N N 265 
PHE CB  HB3  sing N N 266 
PHE CG  CD1  doub Y N 267 
PHE CG  CD2  sing Y N 268 
PHE CD1 CE1  sing Y N 269 
PHE CD1 HD1  sing N N 270 
PHE CD2 CE2  doub Y N 271 
PHE CD2 HD2  sing N N 272 
PHE CE1 CZ   doub Y N 273 
PHE CE1 HE1  sing N N 274 
PHE CE2 CZ   sing Y N 275 
PHE CE2 HE2  sing N N 276 
PHE CZ  HZ   sing N N 277 
PHE OXT HXT  sing N N 278 
PRO N   CA   sing N N 279 
PRO N   CD   sing N N 280 
PRO N   H    sing N N 281 
PRO CA  C    sing N N 282 
PRO CA  CB   sing N N 283 
PRO CA  HA   sing N N 284 
PRO C   O    doub N N 285 
PRO C   OXT  sing N N 286 
PRO CB  CG   sing N N 287 
PRO CB  HB2  sing N N 288 
PRO CB  HB3  sing N N 289 
PRO CG  CD   sing N N 290 
PRO CG  HG2  sing N N 291 
PRO CG  HG3  sing N N 292 
PRO CD  HD2  sing N N 293 
PRO CD  HD3  sing N N 294 
PRO OXT HXT  sing N N 295 
SER N   CA   sing N N 296 
SER N   H    sing N N 297 
SER N   H2   sing N N 298 
SER CA  C    sing N N 299 
SER CA  CB   sing N N 300 
SER CA  HA   sing N N 301 
SER C   O    doub N N 302 
SER C   OXT  sing N N 303 
SER CB  OG   sing N N 304 
SER CB  HB2  sing N N 305 
SER CB  HB3  sing N N 306 
SER OG  HG   sing N N 307 
SER OXT HXT  sing N N 308 
THR N   CA   sing N N 309 
THR N   H    sing N N 310 
THR N   H2   sing N N 311 
THR CA  C    sing N N 312 
THR CA  CB   sing N N 313 
THR CA  HA   sing N N 314 
THR C   O    doub N N 315 
THR C   OXT  sing N N 316 
THR CB  OG1  sing N N 317 
THR CB  CG2  sing N N 318 
THR CB  HB   sing N N 319 
THR OG1 HG1  sing N N 320 
THR CG2 HG21 sing N N 321 
THR CG2 HG22 sing N N 322 
THR CG2 HG23 sing N N 323 
THR OXT HXT  sing N N 324 
TYR N   CA   sing N N 325 
TYR N   H    sing N N 326 
TYR N   H2   sing N N 327 
TYR CA  C    sing N N 328 
TYR CA  CB   sing N N 329 
TYR CA  HA   sing N N 330 
TYR C   O    doub N N 331 
TYR C   OXT  sing N N 332 
TYR CB  CG   sing N N 333 
TYR CB  HB2  sing N N 334 
TYR CB  HB3  sing N N 335 
TYR CG  CD1  doub Y N 336 
TYR CG  CD2  sing Y N 337 
TYR CD1 CE1  sing Y N 338 
TYR CD1 HD1  sing N N 339 
TYR CD2 CE2  doub Y N 340 
TYR CD2 HD2  sing N N 341 
TYR CE1 CZ   doub Y N 342 
TYR CE1 HE1  sing N N 343 
TYR CE2 CZ   sing Y N 344 
TYR CE2 HE2  sing N N 345 
TYR CZ  OH   sing N N 346 
TYR OH  HH   sing N N 347 
TYR OXT HXT  sing N N 348 
VAL N   CA   sing N N 349 
VAL N   H    sing N N 350 
VAL N   H2   sing N N 351 
VAL CA  C    sing N N 352 
VAL CA  CB   sing N N 353 
VAL CA  HA   sing N N 354 
VAL C   O    doub N N 355 
VAL C   OXT  sing N N 356 
VAL CB  CG1  sing N N 357 
VAL CB  CG2  sing N N 358 
VAL CB  HB   sing N N 359 
VAL CG1 HG11 sing N N 360 
VAL CG1 HG12 sing N N 361 
VAL CG1 HG13 sing N N 362 
VAL CG2 HG21 sing N N 363 
VAL CG2 HG22 sing N N 364 
VAL CG2 HG23 sing N N 365 
VAL OXT HXT  sing N N 366 
# 
_atom_sites.entry_id                    2OTA 
_atom_sites.fract_transf_matrix[1][1]   0.01866744 
_atom_sites.fract_transf_matrix[1][2]   0.01734610 
_atom_sites.fract_transf_matrix[1][3]   -0.00726522 
_atom_sites.fract_transf_matrix[2][1]   0.00987825 
_atom_sites.fract_transf_matrix[2][2]   -0.00520442 
_atom_sites.fract_transf_matrix[2][3]   0.01295557 
_atom_sites.fract_transf_matrix[3][1]   0.00691420 
_atom_sites.fract_transf_matrix[3][2]   -0.01160083 
_atom_sites.fract_transf_matrix[3][3]   -0.00993208 
_atom_sites.fract_transf_vector[1]      0.645894 
_atom_sites.fract_transf_vector[2]      0.552948 
_atom_sites.fract_transf_vector[3]      0.241865 
# 
loop_
_atom_type.symbol 
C  
N  
O  
S  
SE 
# 
loop_
_atom_site.group_PDB 
_atom_site.id 
_atom_site.type_symbol 
_atom_site.label_atom_id 
_atom_site.label_alt_id 
_atom_site.label_comp_id 
_atom_site.label_asym_id 
_atom_site.label_entity_id 
_atom_site.label_seq_id 
_atom_site.pdbx_PDB_ins_code 
_atom_site.Cartn_x 
_atom_site.Cartn_y 
_atom_site.Cartn_z 
_atom_site.occupancy 
_atom_site.B_iso_or_equiv 
_atom_site.pdbx_formal_charge 
_atom_site.auth_seq_id 
_atom_site.auth_comp_id 
_atom_site.auth_asym_id 
_atom_site.auth_atom_id 
_atom_site.pdbx_PDB_model_num 
ATOM   1    N  N   . TYR A 1 7  ? -12.660 10.862  8.004   1.00 28.07 ? 7   TYR A N   1 
ATOM   2    C  CA  . TYR A 1 7  ? -12.911 9.419   8.269   1.00 28.20 ? 7   TYR A CA  1 
ATOM   3    C  C   . TYR A 1 7  ? -12.620 9.102   9.730   1.00 28.70 ? 7   TYR A C   1 
ATOM   4    O  O   . TYR A 1 7  ? -11.645 9.593   10.296  1.00 28.86 ? 7   TYR A O   1 
ATOM   5    C  CB  . TYR A 1 7  ? -12.027 8.554   7.369   1.00 27.86 ? 7   TYR A CB  1 
ATOM   6    C  CG  . TYR A 1 7  ? -12.185 8.848   5.895   1.00 28.21 ? 7   TYR A CG  1 
ATOM   7    C  CD1 . TYR A 1 7  ? -13.371 8.543   5.224   1.00 28.41 ? 7   TYR A CD1 1 
ATOM   8    C  CD2 . TYR A 1 7  ? -11.154 9.451   5.173   1.00 27.36 ? 7   TYR A CD2 1 
ATOM   9    C  CE1 . TYR A 1 7  ? -13.524 8.836   3.865   1.00 28.04 ? 7   TYR A CE1 1 
ATOM   10   C  CE2 . TYR A 1 7  ? -11.297 9.748   3.824   1.00 26.11 ? 7   TYR A CE2 1 
ATOM   11   C  CZ  . TYR A 1 7  ? -12.482 9.439   3.175   1.00 28.00 ? 7   TYR A CZ  1 
ATOM   12   O  OH  . TYR A 1 7  ? -12.622 9.734   1.838   1.00 28.93 ? 7   TYR A OH  1 
ATOM   13   N  N   . SER A 1 8  ? -13.473 8.285   10.337  1.00 29.62 ? 8   SER A N   1 
ATOM   14   C  CA  . SER A 1 8  ? -13.302 7.902   11.731  1.00 30.41 ? 8   SER A CA  1 
ATOM   15   C  C   . SER A 1 8  ? -12.078 7.004   11.894  1.00 31.33 ? 8   SER A C   1 
ATOM   16   O  O   . SER A 1 8  ? -11.812 6.138   11.054  1.00 30.46 ? 8   SER A O   1 
ATOM   17   C  CB  . SER A 1 8  ? -14.551 7.169   12.229  1.00 30.62 ? 8   SER A CB  1 
ATOM   18   O  OG  . SER A 1 8  ? -14.782 5.988   11.480  1.00 31.05 ? 8   SER A OG  1 
ATOM   19   N  N   . ASN A 1 9  ? -11.335 7.216   12.978  1.00 30.94 ? 9   ASN A N   1 
ATOM   20   C  CA  . ASN A 1 9  ? -10.145 6.422   13.252  1.00 30.51 ? 9   ASN A CA  1 
ATOM   21   C  C   . ASN A 1 9  ? -10.524 4.949   13.253  1.00 29.83 ? 9   ASN A C   1 
ATOM   22   O  O   . ASN A 1 9  ? -9.743  4.098   12.839  1.00 30.24 ? 9   ASN A O   1 
ATOM   23   C  CB  . ASN A 1 9  ? -9.551  6.813   14.598  1.00 31.55 ? 9   ASN A CB  1 
ATOM   24   N  N   . GLU A 1 10 ? -11.740 4.667   13.714  1.00 28.38 ? 10  GLU A N   1 
ATOM   25   C  CA  . GLU A 1 10 ? -12.256 3.305   13.777  1.00 26.51 ? 10  GLU A CA  1 
ATOM   26   C  C   . GLU A 1 10 ? -12.352 2.664   12.400  1.00 24.83 ? 10  GLU A C   1 
ATOM   27   O  O   . GLU A 1 10 ? -11.860 1.558   12.195  1.00 25.66 ? 10  GLU A O   1 
ATOM   28   C  CB  . GLU A 1 10 ? -13.632 3.296   14.451  1.00 26.82 ? 10  GLU A CB  1 
ATOM   29   N  N   . ARG A 1 11 ? -12.997 3.348   11.461  1.00 24.23 ? 11  ARG A N   1 
ATOM   30   C  CA  . ARG A 1 11 ? -13.146 2.810   10.116  1.00 23.25 ? 11  ARG A CA  1 
ATOM   31   C  C   . ARG A 1 11 ? -11.782 2.586   9.475   1.00 23.00 ? 11  ARG A C   1 
ATOM   32   O  O   . ARG A 1 11 ? -11.500 1.508   8.954   1.00 22.75 ? 11  ARG A O   1 
ATOM   33   C  CB  . ARG A 1 11 ? -13.971 3.755   9.239   1.00 24.42 ? 11  ARG A CB  1 
ATOM   34   C  CG  . ARG A 1 11 ? -14.335 3.161   7.878   1.00 25.63 ? 11  ARG A CG  1 
ATOM   35   C  CD  . ARG A 1 11 ? -15.111 4.139   6.999   1.00 26.36 ? 11  ARG A CD  1 
ATOM   36   N  NE  . ARG A 1 11 ? -15.381 3.577   5.677   1.00 29.15 ? 11  ARG A NE  1 
ATOM   37   C  CZ  . ARG A 1 11 ? -15.859 4.269   4.646   1.00 29.45 ? 11  ARG A CZ  1 
ATOM   38   N  NH1 . ARG A 1 11 ? -16.125 5.562   4.777   1.00 28.91 ? 11  ARG A NH1 1 
ATOM   39   N  NH2 . ARG A 1 11 ? -16.061 3.670   3.479   1.00 28.42 ? 11  ARG A NH2 1 
ATOM   40   N  N   . VAL A 1 12 ? -10.938 3.612   9.524   1.00 22.09 ? 12  VAL A N   1 
ATOM   41   C  CA  . VAL A 1 12 ? -9.608  3.539   8.941   1.00 20.74 ? 12  VAL A CA  1 
ATOM   42   C  C   . VAL A 1 12 ? -8.820  2.384   9.538   1.00 21.92 ? 12  VAL A C   1 
ATOM   43   O  O   . VAL A 1 12 ? -8.221  1.587   8.818   1.00 20.50 ? 12  VAL A O   1 
ATOM   44   C  CB  . VAL A 1 12 ? -8.838  4.860   9.171   1.00 21.81 ? 12  VAL A CB  1 
ATOM   45   C  CG1 . VAL A 1 12 ? -7.402  4.738   8.670   1.00 17.55 ? 12  VAL A CG1 1 
ATOM   46   C  CG2 . VAL A 1 12 ? -9.560  6.004   8.458   1.00 20.41 ? 12  VAL A CG2 1 
ATOM   47   N  N   . GLU A 1 13 ? -8.840  2.288   10.862  1.00 22.28 ? 13  GLU A N   1 
ATOM   48   C  CA  . GLU A 1 13 ? -8.113  1.236   11.557  1.00 22.72 ? 13  GLU A CA  1 
ATOM   49   C  C   . GLU A 1 13 ? -8.597  -0.161  11.173  1.00 20.77 ? 13  GLU A C   1 
ATOM   50   O  O   . GLU A 1 13 ? -7.794  -1.065  10.948  1.00 18.66 ? 13  GLU A O   1 
ATOM   51   C  CB  . GLU A 1 13 ? -8.236  1.431   13.068  1.00 25.05 ? 13  GLU A CB  1 
ATOM   52   C  CG  . GLU A 1 13 ? -7.227  0.632   13.869  1.00 32.02 ? 13  GLU A CG  1 
ATOM   53   C  CD  . GLU A 1 13 ? -5.791  1.015   13.542  1.00 35.52 ? 13  GLU A CD  1 
ATOM   54   O  OE1 . GLU A 1 13 ? -5.585  2.005   12.806  1.00 35.91 ? 13  GLU A OE1 1 
ATOM   55   O  OE2 . GLU A 1 13 ? -4.867  0.328   14.028  1.00 39.29 ? 13  GLU A OE2 1 
ATOM   56   N  N   . LYS A 1 14 ? -9.911  -0.333  11.099  1.00 19.82 ? 14  LYS A N   1 
ATOM   57   C  CA  . LYS A 1 14 ? -10.490 -1.622  10.741  1.00 18.25 ? 14  LYS A CA  1 
ATOM   58   C  C   . LYS A 1 14 ? -10.112 -2.037  9.316   1.00 17.53 ? 14  LYS A C   1 
ATOM   59   O  O   . LYS A 1 14 ? -9.817  -3.205  9.054   1.00 18.25 ? 14  LYS A O   1 
ATOM   60   C  CB  . LYS A 1 14 ? -12.001 -1.563  10.884  1.00 17.62 ? 14  LYS A CB  1 
ATOM   61   N  N   . ILE A 1 15 ? -10.124 -1.078  8.397   1.00 16.46 ? 15  ILE A N   1 
ATOM   62   C  CA  . ILE A 1 15 ? -9.783  -1.357  7.009   1.00 15.75 ? 15  ILE A CA  1 
ATOM   63   C  C   . ILE A 1 15 ? -8.327  -1.781  6.883   1.00 14.81 ? 15  ILE A C   1 
ATOM   64   O  O   . ILE A 1 15 ? -8.011  -2.722  6.157   1.00 15.97 ? 15  ILE A O   1 
ATOM   65   C  CB  . ILE A 1 15 ? -10.046 -0.122  6.118   1.00 15.72 ? 15  ILE A CB  1 
ATOM   66   C  CG1 . ILE A 1 15 ? -11.537 0.229   6.165   1.00 13.70 ? 15  ILE A CG1 1 
ATOM   67   C  CG2 . ILE A 1 15 ? -9.607  -0.407  4.687   1.00 14.77 ? 15  ILE A CG2 1 
ATOM   68   C  CD1 . ILE A 1 15 ? -11.903 1.525   5.478   1.00 14.47 ? 15  ILE A CD1 1 
ATOM   69   N  N   . ILE A 1 16 ? -7.442  -1.093  7.593   1.00 13.43 ? 16  ILE A N   1 
ATOM   70   C  CA  . ILE A 1 16 ? -6.023  -1.428  7.551   1.00 15.10 ? 16  ILE A CA  1 
ATOM   71   C  C   . ILE A 1 16 ? -5.823  -2.855  8.055   1.00 15.67 ? 16  ILE A C   1 
ATOM   72   O  O   . ILE A 1 16 ? -5.115  -3.651  7.435   1.00 15.91 ? 16  ILE A O   1 
ATOM   73   C  CB  . ILE A 1 16 ? -5.193  -0.469  8.429   1.00 14.89 ? 16  ILE A CB  1 
ATOM   74   C  CG1 . ILE A 1 16 ? -5.289  0.951   7.877   1.00 10.76 ? 16  ILE A CG1 1 
ATOM   75   C  CG2 . ILE A 1 16 ? -3.741  -0.931  8.481   1.00 16.00 ? 16  ILE A CG2 1 
ATOM   76   C  CD1 . ILE A 1 16 ? -4.671  1.991   8.778   1.00 13.06 ? 16  ILE A CD1 1 
ATOM   77   N  N   . GLN A 1 17 ? -6.463  -3.175  9.175   1.00 14.33 ? 17  GLN A N   1 
ATOM   78   C  CA  . GLN A 1 17 ? -6.351  -4.507  9.752   1.00 15.76 ? 17  GLN A CA  1 
ATOM   79   C  C   . GLN A 1 17 ? -6.917  -5.578  8.822   1.00 14.25 ? 17  GLN A C   1 
ATOM   80   O  O   . GLN A 1 17 ? -6.400  -6.697  8.779   1.00 13.73 ? 17  GLN A O   1 
ATOM   81   C  CB  . GLN A 1 17 ? -7.058  -4.563  11.113  1.00 17.66 ? 17  GLN A CB  1 
ATOM   82   C  CG  . GLN A 1 17 ? -6.819  -5.859  11.873  1.00 21.30 ? 17  GLN A CG  1 
ATOM   83   C  CD  . GLN A 1 17 ? -5.340  -6.174  12.044  1.00 25.42 ? 17  GLN A CD  1 
ATOM   84   O  OE1 . GLN A 1 17 ? -4.827  -7.141  11.476  1.00 28.26 ? 17  GLN A OE1 1 
ATOM   85   N  NE2 . GLN A 1 17 ? -4.647  -5.355  12.827  1.00 27.52 ? 17  GLN A NE2 1 
ATOM   86   N  N   . ASP A 1 18 ? -7.976  -5.243  8.086   1.00 12.63 ? 18  ASP A N   1 
ATOM   87   C  CA  . ASP A 1 18 ? -8.574  -6.194  7.147   1.00 13.40 ? 18  ASP A CA  1 
ATOM   88   C  C   . ASP A 1 18 ? -7.600  -6.435  5.992   1.00 12.61 ? 18  ASP A C   1 
ATOM   89   O  O   . ASP A 1 18 ? -7.513  -7.540  5.448   1.00 10.40 ? 18  ASP A O   1 
ATOM   90   C  CB  . ASP A 1 18 ? -9.901  -5.664  6.579   1.00 15.68 ? 18  ASP A CB  1 
ATOM   91   C  CG  . ASP A 1 18 ? -11.064 -5.796  7.557   1.00 17.75 ? 18  ASP A CG  1 
ATOM   92   O  OD1 . ASP A 1 18 ? -10.972 -6.617  8.492   1.00 19.55 ? 18  ASP A OD1 1 
ATOM   93   O  OD2 . ASP A 1 18 ? -12.082 -5.087  7.378   1.00 18.74 ? 18  ASP A OD2 1 
ATOM   94   N  N   . LEU A 1 19 ? -6.879  -5.382  5.616   1.00 12.39 ? 19  LEU A N   1 
ATOM   95   C  CA  . LEU A 1 19 ? -5.896  -5.469  4.546   1.00 11.43 ? 19  LEU A CA  1 
ATOM   96   C  C   . LEU A 1 19 ? -4.744  -6.369  4.975   1.00 10.68 ? 19  LEU A C   1 
ATOM   97   O  O   . LEU A 1 19 ? -4.295  -7.227  4.214   1.00 9.81  ? 19  LEU A O   1 
ATOM   98   C  CB  . LEU A 1 19 ? -5.356  -4.078  4.207   1.00 11.28 ? 19  LEU A CB  1 
ATOM   99   C  CG  . LEU A 1 19 ? -6.273  -3.166  3.389   1.00 11.44 ? 19  LEU A CG  1 
ATOM   100  C  CD1 . LEU A 1 19 ? -5.633  -1.780  3.236   1.00 7.76  ? 19  LEU A CD1 1 
ATOM   101  C  CD2 . LEU A 1 19 ? -6.528  -3.813  2.027   1.00 9.19  ? 19  LEU A CD2 1 
ATOM   102  N  N   . LEU A 1 20 ? -4.270  -6.168  6.201   1.00 10.50 ? 20  LEU A N   1 
ATOM   103  C  CA  . LEU A 1 20 ? -3.169  -6.959  6.735   1.00 11.95 ? 20  LEU A CA  1 
ATOM   104  C  C   . LEU A 1 20 ? -3.571  -8.408  6.988   1.00 12.48 ? 20  LEU A C   1 
ATOM   105  O  O   . LEU A 1 20 ? -2.739  -9.309  6.889   1.00 13.08 ? 20  LEU A O   1 
ATOM   106  C  CB  . LEU A 1 20 ? -2.652  -6.333  8.033   1.00 12.52 ? 20  LEU A CB  1 
ATOM   107  C  CG  . LEU A 1 20 ? -2.058  -4.926  7.914   1.00 13.02 ? 20  LEU A CG  1 
ATOM   108  C  CD1 . LEU A 1 20 ? -1.769  -4.361  9.313   1.00 10.60 ? 20  LEU A CD1 1 
ATOM   109  C  CD2 . LEU A 1 20 ? -0.785  -4.979  7.071   1.00 10.51 ? 20  LEU A CD2 1 
ATOM   110  N  N   . ASP A 1 21 ? -4.842  -8.632  7.321   1.00 12.69 ? 21  ASP A N   1 
ATOM   111  C  CA  . ASP A 1 21 ? -5.318  -9.985  7.576   1.00 11.18 ? 21  ASP A CA  1 
ATOM   112  C  C   . ASP A 1 21 ? -5.191  -10.835 6.323   1.00 10.62 ? 21  ASP A C   1 
ATOM   113  O  O   . ASP A 1 21 ? -4.801  -11.998 6.394   1.00 9.83  ? 21  ASP A O   1 
ATOM   114  C  CB  . ASP A 1 21 ? -6.777  -9.979  8.040   1.00 14.76 ? 21  ASP A CB  1 
ATOM   115  C  CG  . ASP A 1 21 ? -6.940  -9.463  9.456   1.00 17.38 ? 21  ASP A CG  1 
ATOM   116  O  OD1 . ASP A 1 21 ? -5.962  -9.514  10.232  1.00 17.70 ? 21  ASP A OD1 1 
ATOM   117  O  OD2 . ASP A 1 21 ? -8.055  -9.019  9.798   1.00 21.01 ? 21  ASP A OD2 1 
ATOM   118  N  N   . VAL A 1 22 ? -5.526  -10.248 5.178   1.00 10.23 ? 22  VAL A N   1 
ATOM   119  C  CA  . VAL A 1 22 ? -5.441  -10.943 3.899   1.00 10.68 ? 22  VAL A CA  1 
ATOM   120  C  C   . VAL A 1 22 ? -4.026  -11.482 3.712   1.00 10.86 ? 22  VAL A C   1 
ATOM   121  O  O   . VAL A 1 22 ? -3.829  -12.625 3.297   1.00 11.13 ? 22  VAL A O   1 
ATOM   122  C  CB  . VAL A 1 22 ? -5.784  -9.984  2.724   1.00 10.92 ? 22  VAL A CB  1 
ATOM   123  C  CG1 . VAL A 1 22 ? -5.413  -10.611 1.377   1.00 9.10  ? 22  VAL A CG1 1 
ATOM   124  C  CG2 . VAL A 1 22 ? -7.253  -9.658  2.752   1.00 10.55 ? 22  VAL A CG2 1 
ATOM   125  N  N   . LEU A 1 23 ? -3.043  -10.650 4.032   1.00 11.11 ? 23  LEU A N   1 
ATOM   126  C  CA  . LEU A 1 23 ? -1.643  -11.024 3.897   1.00 11.61 ? 23  LEU A CA  1 
ATOM   127  C  C   . LEU A 1 23 ? -1.225  -12.083 4.922   1.00 11.49 ? 23  LEU A C   1 
ATOM   128  O  O   . LEU A 1 23 ? -0.544  -13.052 4.585   1.00 9.12  ? 23  LEU A O   1 
ATOM   129  C  CB  . LEU A 1 23 ? -0.770  -9.775  4.033   1.00 10.94 ? 23  LEU A CB  1 
ATOM   130  C  CG  . LEU A 1 23 ? -1.077  -8.700  2.991   1.00 10.26 ? 23  LEU A CG  1 
ATOM   131  C  CD1 . LEU A 1 23 ? -0.284  -7.446  3.303   1.00 11.32 ? 23  LEU A CD1 1 
ATOM   132  C  CD2 . LEU A 1 23 ? -0.733  -9.218  1.602   1.00 10.46 ? 23  LEU A CD2 1 
ATOM   133  N  N   . VAL A 1 24 ? -1.628  -11.890 6.172   1.00 11.86 ? 24  VAL A N   1 
ATOM   134  C  CA  . VAL A 1 24 ? -1.303  -12.841 7.223   1.00 13.90 ? 24  VAL A CA  1 
ATOM   135  C  C   . VAL A 1 24 ? -1.901  -14.198 6.867   1.00 14.71 ? 24  VAL A C   1 
ATOM   136  O  O   . VAL A 1 24 ? -1.237  -15.234 6.943   1.00 14.74 ? 24  VAL A O   1 
ATOM   137  C  CB  . VAL A 1 24 ? -1.869  -12.381 8.593   1.00 14.98 ? 24  VAL A CB  1 
ATOM   138  C  CG1 . VAL A 1 24 ? -1.652  -13.469 9.642   1.00 13.74 ? 24  VAL A CG1 1 
ATOM   139  C  CG2 . VAL A 1 24 ? -1.188  -11.088 9.026   1.00 11.75 ? 24  VAL A CG2 1 
ATOM   140  N  N   . LYS A 1 25 ? -3.163  -14.180 6.460   1.00 15.96 ? 25  LYS A N   1 
ATOM   141  C  CA  . LYS A 1 25 ? -3.858  -15.400 6.094   1.00 16.50 ? 25  LYS A CA  1 
ATOM   142  C  C   . LYS A 1 25 ? -3.116  -16.159 4.993   1.00 17.63 ? 25  LYS A C   1 
ATOM   143  O  O   . LYS A 1 25 ? -3.090  -17.388 4.994   1.00 16.73 ? 25  LYS A O   1 
ATOM   144  C  CB  . LYS A 1 25 ? -5.278  -15.070 5.638   1.00 17.46 ? 25  LYS A CB  1 
ATOM   145  C  CG  . LYS A 1 25 ? -6.120  -16.287 5.331   1.00 19.85 ? 25  LYS A CG  1 
ATOM   146  C  CD  . LYS A 1 25 ? -7.543  -15.872 5.041   1.00 25.24 ? 25  LYS A CD  1 
ATOM   147  C  CE  . LYS A 1 25 ? -8.451  -17.065 4.864   1.00 28.14 ? 25  LYS A CE  1 
ATOM   148  N  NZ  . LYS A 1 25 ? -9.845  -16.604 4.617   1.00 33.42 ? 25  LYS A NZ  1 
ATOM   149  N  N   . GLU A 1 26 ? -2.507  -15.424 4.067   1.00 17.04 ? 26  GLU A N   1 
ATOM   150  C  CA  . GLU A 1 26 ? -1.777  -16.039 2.967   1.00 19.51 ? 26  GLU A CA  1 
ATOM   151  C  C   . GLU A 1 26 ? -0.316  -16.381 3.313   1.00 19.97 ? 26  GLU A C   1 
ATOM   152  O  O   . GLU A 1 26 ? 0.417   -16.904 2.480   1.00 18.97 ? 26  GLU A O   1 
ATOM   153  C  CB  . GLU A 1 26 ? -1.830  -15.120 1.739   1.00 23.00 ? 26  GLU A CB  1 
ATOM   154  C  CG  . GLU A 1 26 ? -1.368  -15.775 0.445   1.00 28.42 ? 26  GLU A CG  1 
ATOM   155  C  CD  . GLU A 1 26 ? -2.286  -16.894 -0.017  1.00 29.75 ? 26  GLU A CD  1 
ATOM   156  O  OE1 . GLU A 1 26 ? -1.855  -17.693 -0.875  1.00 32.28 ? 26  GLU A OE1 1 
ATOM   157  O  OE2 . GLU A 1 26 ? -3.437  -16.974 0.464   1.00 30.68 ? 26  GLU A OE2 1 
ATOM   158  N  N   . GLU A 1 27 ? 0.101   -16.090 4.542   1.00 21.57 ? 27  GLU A N   1 
ATOM   159  C  CA  . GLU A 1 27 ? 1.465   -16.383 4.986   1.00 23.07 ? 27  GLU A CA  1 
ATOM   160  C  C   . GLU A 1 27 ? 2.527   -15.898 4.001   1.00 23.62 ? 27  GLU A C   1 
ATOM   161  O  O   . GLU A 1 27 ? 3.461   -16.636 3.663   1.00 25.00 ? 27  GLU A O   1 
ATOM   162  C  CB  . GLU A 1 27 ? 1.638   -17.890 5.208   1.00 23.54 ? 27  GLU A CB  1 
ATOM   163  C  CG  . GLU A 1 27 ? 0.720   -18.462 6.266   1.00 26.44 ? 27  GLU A CG  1 
ATOM   164  C  CD  . GLU A 1 27 ? 0.923   -19.953 6.487   1.00 27.66 ? 27  GLU A CD  1 
ATOM   165  O  OE1 . GLU A 1 27 ? 0.629   -20.743 5.565   1.00 27.20 ? 27  GLU A OE1 1 
ATOM   166  O  OE2 . GLU A 1 27 ? 1.377   -20.332 7.587   1.00 28.78 ? 27  GLU A OE2 1 
ATOM   167  N  N   . VAL A 1 28 ? 2.390   -14.653 3.558   1.00 22.72 ? 28  VAL A N   1 
ATOM   168  C  CA  . VAL A 1 28 ? 3.322   -14.065 2.601   1.00 21.98 ? 28  VAL A CA  1 
ATOM   169  C  C   . VAL A 1 28 ? 4.555   -13.459 3.251   1.00 21.62 ? 28  VAL A C   1 
ATOM   170  O  O   . VAL A 1 28 ? 4.535   -13.094 4.422   1.00 22.72 ? 28  VAL A O   1 
ATOM   171  C  CB  . VAL A 1 28 ? 2.645   -12.948 1.789   1.00 20.51 ? 28  VAL A CB  1 
ATOM   172  C  CG1 . VAL A 1 28 ? 1.416   -13.496 1.087   1.00 21.23 ? 28  VAL A CG1 1 
ATOM   173  C  CG2 . VAL A 1 28 ? 2.274   -11.783 2.712   1.00 19.49 ? 28  VAL A CG2 1 
ATOM   174  N  N   . THR A 1 29 ? 5.630   -13.360 2.476   1.00 23.39 ? 29  THR A N   1 
ATOM   175  C  CA  . THR A 1 29 ? 6.871   -12.753 2.943   1.00 21.70 ? 29  THR A CA  1 
ATOM   176  C  C   . THR A 1 29 ? 6.737   -11.262 2.638   1.00 19.89 ? 29  THR A C   1 
ATOM   177  O  O   . THR A 1 29 ? 5.914   -10.865 1.813   1.00 17.22 ? 29  THR A O   1 
ATOM   178  C  CB  . THR A 1 29 ? 8.108   -13.303 2.188   1.00 23.35 ? 29  THR A CB  1 
ATOM   179  O  OG1 . THR A 1 29 ? 7.980   -13.026 0.787   1.00 23.16 ? 29  THR A OG1 1 
ATOM   180  C  CG2 . THR A 1 29 ? 8.237   -14.807 2.393   1.00 24.76 ? 29  THR A CG2 1 
ATOM   181  N  N   . PRO A 1 30 ? 7.533   -10.416 3.307   1.00 20.49 ? 30  PRO A N   1 
ATOM   182  C  CA  . PRO A 1 30 ? 7.466   -8.971  3.072   1.00 20.38 ? 30  PRO A CA  1 
ATOM   183  C  C   . PRO A 1 30 ? 7.556   -8.561  1.606   1.00 19.55 ? 30  PRO A C   1 
ATOM   184  O  O   . PRO A 1 30 ? 6.797   -7.705  1.156   1.00 19.17 ? 30  PRO A O   1 
ATOM   185  C  CB  . PRO A 1 30 ? 8.624   -8.440  3.908   1.00 21.07 ? 30  PRO A CB  1 
ATOM   186  C  CG  . PRO A 1 30 ? 8.582   -9.350  5.101   1.00 22.05 ? 30  PRO A CG  1 
ATOM   187  C  CD  . PRO A 1 30 ? 8.418   -10.716 4.449   1.00 21.47 ? 30  PRO A CD  1 
ATOM   188  N  N   . ASP A 1 31 ? 8.484   -9.167  0.868   1.00 20.88 ? 31  ASP A N   1 
ATOM   189  C  CA  . ASP A 1 31 ? 8.667   -8.866  -0.553  1.00 21.08 ? 31  ASP A CA  1 
ATOM   190  C  C   . ASP A 1 31 ? 7.393   -9.107  -1.346  1.00 18.96 ? 31  ASP A C   1 
ATOM   191  O  O   . ASP A 1 31 ? 6.999   -8.278  -2.167  1.00 16.60 ? 31  ASP A O   1 
ATOM   192  C  CB  . ASP A 1 31 ? 9.793   -9.720  -1.146  1.00 26.58 ? 31  ASP A CB  1 
ATOM   193  C  CG  . ASP A 1 31 ? 11.166  -9.072  -0.994  1.00 32.97 ? 31  ASP A CG  1 
ATOM   194  O  OD1 . ASP A 1 31 ? 11.502  -8.632  0.126   1.00 35.49 ? 31  ASP A OD1 1 
ATOM   195  O  OD2 . ASP A 1 31 ? 11.912  -9.012  -2.001  1.00 36.33 ? 31  ASP A OD2 1 
ATOM   196  N  N   . LEU A 1 32 ? 6.754   -10.248 -1.110  1.00 16.86 ? 32  LEU A N   1 
ATOM   197  C  CA  . LEU A 1 32 ? 5.518   -10.570 -1.813  1.00 16.98 ? 32  LEU A CA  1 
ATOM   198  C  C   . LEU A 1 32 ? 4.407   -9.616  -1.373  1.00 16.73 ? 32  LEU A C   1 
ATOM   199  O  O   . LEU A 1 32 ? 3.651   -9.100  -2.196  1.00 16.58 ? 32  LEU A O   1 
ATOM   200  C  CB  . LEU A 1 32 ? 5.116   -12.022 -1.533  1.00 16.76 ? 32  LEU A CB  1 
ATOM   201  C  CG  . LEU A 1 32 ? 3.730   -12.473 -2.006  1.00 17.64 ? 32  LEU A CG  1 
ATOM   202  C  CD1 . LEU A 1 32 ? 3.578   -12.199 -3.494  1.00 18.33 ? 32  LEU A CD1 1 
ATOM   203  C  CD2 . LEU A 1 32 ? 3.549   -13.952 -1.716  1.00 16.04 ? 32  LEU A CD2 1 
ATOM   204  N  N   . ALA A 1 33 ? 4.323   -9.377  -0.068  1.00 16.24 ? 33  ALA A N   1 
ATOM   205  C  CA  . ALA A 1 33 ? 3.308   -8.488  0.483   1.00 16.19 ? 33  ALA A CA  1 
ATOM   206  C  C   . ALA A 1 33 ? 3.373   -7.114  -0.185  1.00 15.83 ? 33  ALA A C   1 
ATOM   207  O  O   . ALA A 1 33 ? 2.342   -6.518  -0.509  1.00 15.10 ? 33  ALA A O   1 
ATOM   208  C  CB  . ALA A 1 33 ? 3.504   -8.348  1.993   1.00 14.00 ? 33  ALA A CB  1 
ATOM   209  N  N   . LEU A 1 34 ? 4.589   -6.622  -0.397  1.00 13.53 ? 34  LEU A N   1 
ATOM   210  C  CA  . LEU A 1 34 ? 4.786   -5.318  -1.010  1.00 14.37 ? 34  LEU A CA  1 
ATOM   211  C  C   . LEU A 1 34 ? 4.460   -5.303  -2.495  1.00 14.86 ? 34  LEU A C   1 
ATOM   212  O  O   . LEU A 1 34 ? 3.947   -4.314  -3.014  1.00 14.85 ? 34  LEU A O   1 
ATOM   213  C  CB  . LEU A 1 34 ? 6.224   -4.849  -0.783  1.00 13.75 ? 34  LEU A CB  1 
ATOM   214  C  CG  . LEU A 1 34 ? 6.559   -4.571  0.683   1.00 12.77 ? 34  LEU A CG  1 
ATOM   215  C  CD1 . LEU A 1 34 ? 8.025   -4.188  0.791   1.00 12.87 ? 34  LEU A CD1 1 
ATOM   216  C  CD2 . LEU A 1 34 ? 5.662   -3.458  1.229   1.00 8.95  ? 34  LEU A CD2 1 
HETATM 217  N  N   . MSE A 1 35 ? 4.764   -6.399  -3.178  1.00 16.93 ? 35  MSE A N   1 
HETATM 218  C  CA  . MSE A 1 35 ? 4.475   -6.512  -4.600  1.00 16.96 ? 35  MSE A CA  1 
HETATM 219  C  C   . MSE A 1 35 ? 2.959   -6.410  -4.765  1.00 13.95 ? 35  MSE A C   1 
HETATM 220  O  O   . MSE A 1 35 ? 2.459   -5.751  -5.669  1.00 13.99 ? 35  MSE A O   1 
HETATM 221  C  CB  . MSE A 1 35 ? 4.972   -7.865  -5.119  1.00 24.38 ? 35  MSE A CB  1 
HETATM 222  C  CG  . MSE A 1 35 ? 5.000   -8.010  -6.634  1.00 33.62 ? 35  MSE A CG  1 
HETATM 223  SE SE  . MSE A 1 35 ? 5.433   -9.820  -7.218  1.00 52.11 ? 35  MSE A SE  1 
HETATM 224  C  CE  . MSE A 1 35 ? 6.712   -10.301 -5.847  1.00 38.46 ? 35  MSE A CE  1 
ATOM   225  N  N   . CYS A 1 36 ? 2.229   -7.058  -3.869  1.00 11.78 ? 36  CYS A N   1 
ATOM   226  C  CA  . CYS A 1 36 ? 0.772   -7.046  -3.929  1.00 12.11 ? 36  CYS A CA  1 
ATOM   227  C  C   . CYS A 1 36 ? 0.156   -5.700  -3.538  1.00 10.93 ? 36  CYS A C   1 
ATOM   228  O  O   . CYS A 1 36 ? -0.793  -5.235  -4.169  1.00 9.07  ? 36  CYS A O   1 
ATOM   229  C  CB  . CYS A 1 36 ? 0.215   -8.172  -3.051  1.00 10.25 ? 36  CYS A CB  1 
ATOM   230  S  SG  . CYS A 1 36 ? 0.631   -9.825  -3.684  1.00 14.00 ? 36  CYS A SG  1 
ATOM   231  N  N   . LEU A 1 37 ? 0.692   -5.076  -2.497  1.00 11.54 ? 37  LEU A N   1 
ATOM   232  C  CA  . LEU A 1 37 ? 0.174   -3.789  -2.066  1.00 12.47 ? 37  LEU A CA  1 
ATOM   233  C  C   . LEU A 1 37 ? 0.471   -2.704  -3.099  1.00 12.46 ? 37  LEU A C   1 
ATOM   234  O  O   . LEU A 1 37 ? -0.357  -1.824  -3.332  1.00 14.58 ? 37  LEU A O   1 
ATOM   235  C  CB  . LEU A 1 37 ? 0.763   -3.407  -0.706  1.00 13.61 ? 37  LEU A CB  1 
ATOM   236  C  CG  . LEU A 1 37 ? 0.259   -4.238  0.479   1.00 13.63 ? 37  LEU A CG  1 
ATOM   237  C  CD1 . LEU A 1 37 ? 1.063   -3.909  1.739   1.00 12.01 ? 37  LEU A CD1 1 
ATOM   238  C  CD2 . LEU A 1 37 ? -1.226  -3.960  0.684   1.00 13.06 ? 37  LEU A CD2 1 
ATOM   239  N  N   . GLY A 1 38 ? 1.648   -2.771  -3.717  1.00 12.68 ? 38  GLY A N   1 
ATOM   240  C  CA  . GLY A 1 38 ? 2.020   -1.791  -4.726  1.00 11.40 ? 38  GLY A CA  1 
ATOM   241  C  C   . GLY A 1 38 ? 1.079   -1.844  -5.919  1.00 12.75 ? 38  GLY A C   1 
ATOM   242  O  O   . GLY A 1 38 ? 0.640   -0.809  -6.443  1.00 11.44 ? 38  GLY A O   1 
ATOM   243  N  N   . ASN A 1 39 ? 0.779   -3.062  -6.360  1.00 12.24 ? 39  ASN A N   1 
ATOM   244  C  CA  . ASN A 1 39 ? -0.132  -3.275  -7.475  1.00 12.88 ? 39  ASN A CA  1 
ATOM   245  C  C   . ASN A 1 39 ? -1.526  -2.768  -7.109  1.00 11.19 ? 39  ASN A C   1 
ATOM   246  O  O   . ASN A 1 39 ? -2.235  -2.209  -7.944  1.00 11.45 ? 39  ASN A O   1 
ATOM   247  C  CB  . ASN A 1 39 ? -0.197  -4.761  -7.813  1.00 15.23 ? 39  ASN A CB  1 
ATOM   248  C  CG  . ASN A 1 39 ? 0.753   -5.145  -8.921  1.00 17.72 ? 39  ASN A CG  1 
ATOM   249  O  OD1 . ASN A 1 39 ? 0.475   -4.907  -10.094 1.00 23.17 ? 39  ASN A OD1 1 
ATOM   250  N  ND2 . ASN A 1 39 ? 1.887   -5.728  -8.557  1.00 18.89 ? 39  ASN A ND2 1 
ATOM   251  N  N   . ALA A 1 40 ? -1.910  -2.975  -5.856  1.00 8.85  ? 40  ALA A N   1 
ATOM   252  C  CA  . ALA A 1 40 ? -3.208  -2.540  -5.360  1.00 8.74  ? 40  ALA A CA  1 
ATOM   253  C  C   . ALA A 1 40 ? -3.305  -1.018  -5.426  1.00 9.18  ? 40  ALA A C   1 
ATOM   254  O  O   . ALA A 1 40 ? -4.319  -0.460  -5.851  1.00 9.08  ? 40  ALA A O   1 
ATOM   255  C  CB  . ALA A 1 40 ? -3.397  -3.018  -3.924  1.00 9.53  ? 40  ALA A CB  1 
ATOM   256  N  N   . VAL A 1 41 ? -2.235  -0.357  -5.001  1.00 9.39  ? 41  VAL A N   1 
ATOM   257  C  CA  . VAL A 1 41 ? -2.156  1.097   -4.992  1.00 9.23  ? 41  VAL A CA  1 
ATOM   258  C  C   . VAL A 1 41 ? -2.225  1.673   -6.403  1.00 11.61 ? 41  VAL A C   1 
ATOM   259  O  O   . VAL A 1 41 ? -2.900  2.681   -6.637  1.00 9.61  ? 41  VAL A O   1 
ATOM   260  C  CB  . VAL A 1 41 ? -0.853  1.550   -4.301  1.00 6.59  ? 41  VAL A CB  1 
ATOM   261  C  CG1 . VAL A 1 41 ? -0.709  3.059   -4.365  1.00 6.82  ? 41  VAL A CG1 1 
ATOM   262  C  CG2 . VAL A 1 41 ? -0.867  1.091   -2.859  1.00 5.88  ? 41  VAL A CG2 1 
ATOM   263  N  N   . THR A 1 42 ? -1.524  1.027   -7.339  1.00 13.83 ? 42  THR A N   1 
ATOM   264  C  CA  . THR A 1 42 ? -1.517  1.462   -8.735  1.00 13.13 ? 42  THR A CA  1 
ATOM   265  C  C   . THR A 1 42 ? -2.935  1.352   -9.275  1.00 13.06 ? 42  THR A C   1 
ATOM   266  O  O   . THR A 1 42 ? -3.394  2.210   -10.031 1.00 11.40 ? 42  THR A O   1 
ATOM   267  C  CB  . THR A 1 42 ? -0.566  0.581   -9.602  1.00 15.21 ? 42  THR A CB  1 
ATOM   268  O  OG1 . THR A 1 42 ? 0.776   0.706   -9.118  1.00 16.86 ? 42  THR A OG1 1 
ATOM   269  C  CG2 . THR A 1 42 ? -0.588  1.026   -11.064 1.00 14.84 ? 42  THR A CG2 1 
ATOM   270  N  N   . ASN A 1 43 ? -3.629  0.291   -8.877  1.00 14.64 ? 43  ASN A N   1 
ATOM   271  C  CA  . ASN A 1 43 ? -5.006  0.071   -9.310  1.00 14.22 ? 43  ASN A CA  1 
ATOM   272  C  C   . ASN A 1 43 ? -5.892  1.210   -8.820  1.00 12.99 ? 43  ASN A C   1 
ATOM   273  O  O   . ASN A 1 43 ? -6.754  1.695   -9.550  1.00 13.31 ? 43  ASN A O   1 
ATOM   274  C  CB  . ASN A 1 43 ? -5.519  -1.265  -8.764  1.00 18.12 ? 43  ASN A CB  1 
ATOM   275  C  CG  . ASN A 1 43 ? -6.906  -1.622  -9.283  1.00 22.35 ? 43  ASN A CG  1 
ATOM   276  O  OD1 . ASN A 1 43 ? -7.901  -0.976  -8.944  1.00 23.17 ? 43  ASN A OD1 1 
ATOM   277  N  ND2 . ASN A 1 43 ? -6.976  -2.660  -10.112 1.00 22.61 ? 43  ASN A ND2 1 
ATOM   278  N  N   . ILE A 1 44 ? -5.671  1.652   -7.586  1.00 12.79 ? 44  ILE A N   1 
ATOM   279  C  CA  . ILE A 1 44 ? -6.471  2.732   -7.025  1.00 13.10 ? 44  ILE A CA  1 
ATOM   280  C  C   . ILE A 1 44 ? -6.158  4.085   -7.662  1.00 14.49 ? 44  ILE A C   1 
ATOM   281  O  O   . ILE A 1 44 ? -7.063  4.851   -7.991  1.00 14.15 ? 44  ILE A O   1 
ATOM   282  C  CB  . ILE A 1 44 ? -6.278  2.836   -5.490  1.00 13.13 ? 44  ILE A CB  1 
ATOM   283  C  CG1 . ILE A 1 44 ? -6.833  1.579   -4.804  1.00 15.37 ? 44  ILE A CG1 1 
ATOM   284  C  CG2 . ILE A 1 44 ? -6.968  4.094   -4.951  1.00 14.23 ? 44  ILE A CG2 1 
ATOM   285  C  CD1 . ILE A 1 44 ? -8.280  1.256   -5.140  1.00 13.20 ? 44  ILE A CD1 1 
ATOM   286  N  N   . ILE A 1 45 ? -4.875  4.379   -7.837  1.00 15.53 ? 45  ILE A N   1 
ATOM   287  C  CA  . ILE A 1 45 ? -4.478  5.645   -8.425  1.00 13.55 ? 45  ILE A CA  1 
ATOM   288  C  C   . ILE A 1 45 ? -5.019  5.798   -9.841  1.00 13.14 ? 45  ILE A C   1 
ATOM   289  O  O   . ILE A 1 45 ? -5.248  6.914   -10.310 1.00 10.96 ? 45  ILE A O   1 
ATOM   290  C  CB  . ILE A 1 45 ? -2.940  5.800   -8.390  1.00 14.96 ? 45  ILE A CB  1 
ATOM   291  C  CG1 . ILE A 1 45 ? -2.511  6.089   -6.948  1.00 11.62 ? 45  ILE A CG1 1 
ATOM   292  C  CG2 . ILE A 1 45 ? -2.480  6.918   -9.338  1.00 12.65 ? 45  ILE A CG2 1 
ATOM   293  C  CD1 . ILE A 1 45 ? -1.018  6.226   -6.756  1.00 14.67 ? 45  ILE A CD1 1 
ATOM   294  N  N   . ALA A 1 46 ? -5.235  4.680   -10.521 1.00 12.96 ? 46  ALA A N   1 
ATOM   295  C  CA  . ALA A 1 46 ? -5.784  4.731   -11.872 1.00 15.50 ? 46  ALA A CA  1 
ATOM   296  C  C   . ALA A 1 46 ? -7.268  5.101   -11.788 1.00 15.58 ? 46  ALA A C   1 
ATOM   297  O  O   . ALA A 1 46 ? -7.919  5.334   -12.801 1.00 15.95 ? 46  ALA A O   1 
ATOM   298  C  CB  . ALA A 1 46 ? -5.611  3.382   -12.569 1.00 15.53 ? 46  ALA A CB  1 
ATOM   299  N  N   . GLN A 1 47 ? -7.789  5.164   -10.567 1.00 16.56 ? 47  GLN A N   1 
ATOM   300  C  CA  . GLN A 1 47 ? -9.184  5.515   -10.342 1.00 17.93 ? 47  GLN A CA  1 
ATOM   301  C  C   . GLN A 1 47 ? -9.378  7.023   -10.205 1.00 17.15 ? 47  GLN A C   1 
ATOM   302  O  O   . GLN A 1 47 ? -10.501 7.513   -10.280 1.00 15.38 ? 47  GLN A O   1 
ATOM   303  C  CB  . GLN A 1 47 ? -9.716  4.801   -9.096  1.00 20.62 ? 47  GLN A CB  1 
ATOM   304  C  CG  . GLN A 1 47 ? -9.998  3.316   -9.298  1.00 25.50 ? 47  GLN A CG  1 
ATOM   305  C  CD  . GLN A 1 47 ? -10.287 2.597   -7.991  1.00 29.23 ? 47  GLN A CD  1 
ATOM   306  O  OE1 . GLN A 1 47 ? -10.621 3.223   -6.989  1.00 32.66 ? 47  GLN A OE1 1 
ATOM   307  N  NE2 . GLN A 1 47 ? -10.168 1.276   -8.002  1.00 32.63 ? 47  GLN A NE2 1 
ATOM   308  N  N   . VAL A 1 48 ? -8.292  7.763   -9.999  1.00 15.38 ? 48  VAL A N   1 
ATOM   309  C  CA  . VAL A 1 48 ? -8.412  9.211   -9.897  1.00 14.83 ? 48  VAL A CA  1 
ATOM   310  C  C   . VAL A 1 48 ? -8.091  9.817   -11.260 1.00 13.43 ? 48  VAL A C   1 
ATOM   311  O  O   . VAL A 1 48 ? -7.427  9.190   -12.089 1.00 13.27 ? 48  VAL A O   1 
ATOM   312  C  CB  . VAL A 1 48 ? -7.469  9.808   -8.814  1.00 15.89 ? 48  VAL A CB  1 
ATOM   313  C  CG1 . VAL A 1 48 ? -7.768  9.173   -7.469  1.00 14.17 ? 48  VAL A CG1 1 
ATOM   314  C  CG2 . VAL A 1 48 ? -6.019  9.619   -9.199  1.00 11.62 ? 48  VAL A CG2 1 
ATOM   315  N  N   . PRO A 1 49 ? -8.574  11.039  -11.516 1.00 11.18 ? 49  PRO A N   1 
ATOM   316  C  CA  . PRO A 1 49 ? -8.314  11.691  -12.801 1.00 10.79 ? 49  PRO A CA  1 
ATOM   317  C  C   . PRO A 1 49 ? -6.842  11.671  -13.197 1.00 12.52 ? 49  PRO A C   1 
ATOM   318  O  O   . PRO A 1 49 ? -5.948  11.810  -12.356 1.00 13.94 ? 49  PRO A O   1 
ATOM   319  C  CB  . PRO A 1 49 ? -8.833  13.106  -12.580 1.00 11.07 ? 49  PRO A CB  1 
ATOM   320  C  CG  . PRO A 1 49 ? -9.976  12.896  -11.626 1.00 10.65 ? 49  PRO A CG  1 
ATOM   321  C  CD  . PRO A 1 49 ? -9.398  11.893  -10.642 1.00 10.68 ? 49  PRO A CD  1 
ATOM   322  N  N   . GLU A 1 50 ? -6.596  11.507  -14.489 1.00 10.68 ? 50  GLU A N   1 
ATOM   323  C  CA  . GLU A 1 50 ? -5.242  11.467  -15.006 1.00 12.30 ? 50  GLU A CA  1 
ATOM   324  C  C   . GLU A 1 50 ? -4.469  12.736  -14.639 1.00 12.09 ? 50  GLU A C   1 
ATOM   325  O  O   . GLU A 1 50 ? -3.255  12.701  -14.430 1.00 11.07 ? 50  GLU A O   1 
ATOM   326  C  CB  . GLU A 1 50 ? -5.294  11.294  -16.520 1.00 14.38 ? 50  GLU A CB  1 
ATOM   327  C  CG  . GLU A 1 50 ? -3.952  11.171  -17.198 1.00 18.16 ? 50  GLU A CG  1 
ATOM   328  C  CD  . GLU A 1 50 ? -4.084  11.247  -18.700 1.00 20.90 ? 50  GLU A CD  1 
ATOM   329  O  OE1 . GLU A 1 50 ? -4.729  12.203  -19.180 1.00 23.10 ? 50  GLU A OE1 1 
ATOM   330  O  OE2 . GLU A 1 50 ? -3.548  10.365  -19.399 1.00 25.34 ? 50  GLU A OE2 1 
ATOM   331  N  N   . SER A 1 51 ? -5.179  13.853  -14.537 1.00 12.45 ? 51  SER A N   1 
ATOM   332  C  CA  . SER A 1 51 ? -4.546  15.131  -14.210 1.00 13.07 ? 51  SER A CA  1 
ATOM   333  C  C   . SER A 1 51 ? -4.107  15.253  -12.755 1.00 13.29 ? 51  SER A C   1 
ATOM   334  O  O   . SER A 1 51 ? -3.489  16.248  -12.379 1.00 12.61 ? 51  SER A O   1 
ATOM   335  C  CB  . SER A 1 51 ? -5.500  16.280  -14.521 1.00 10.99 ? 51  SER A CB  1 
ATOM   336  O  OG  . SER A 1 51 ? -6.634  16.216  -13.676 1.00 11.92 ? 51  SER A OG  1 
ATOM   337  N  N   . LYS A 1 52 ? -4.427  14.251  -11.938 1.00 14.28 ? 52  LYS A N   1 
ATOM   338  C  CA  . LYS A 1 52 ? -4.078  14.283  -10.519 1.00 14.53 ? 52  LYS A CA  1 
ATOM   339  C  C   . LYS A 1 52 ? -3.206  13.112  -10.088 1.00 14.51 ? 52  LYS A C   1 
ATOM   340  O  O   . LYS A 1 52 ? -2.776  13.042  -8.930  1.00 14.07 ? 52  LYS A O   1 
ATOM   341  C  CB  . LYS A 1 52 ? -5.345  14.249  -9.661  1.00 16.03 ? 52  LYS A CB  1 
ATOM   342  C  CG  . LYS A 1 52 ? -6.286  15.437  -9.796  1.00 18.51 ? 52  LYS A CG  1 
ATOM   343  C  CD  . LYS A 1 52 ? -7.440  15.277  -8.803  1.00 20.54 ? 52  LYS A CD  1 
ATOM   344  C  CE  . LYS A 1 52 ? -8.468  16.392  -8.913  1.00 24.35 ? 52  LYS A CE  1 
ATOM   345  N  NZ  . LYS A 1 52 ? -9.603  16.159  -7.974  1.00 24.14 ? 52  LYS A NZ  1 
ATOM   346  N  N   . ARG A 1 53 ? -2.954  12.192  -11.013 1.00 13.72 ? 53  ARG A N   1 
ATOM   347  C  CA  . ARG A 1 53 ? -2.182  10.999  -10.709 1.00 13.49 ? 53  ARG A CA  1 
ATOM   348  C  C   . ARG A 1 53 ? -0.724  11.193  -10.309 1.00 12.58 ? 53  ARG A C   1 
ATOM   349  O  O   . ARG A 1 53 ? -0.248  10.529  -9.391  1.00 10.83 ? 53  ARG A O   1 
ATOM   350  C  CB  . ARG A 1 53 ? -2.292  10.012  -11.876 1.00 14.76 ? 53  ARG A CB  1 
ATOM   351  C  CG  . ARG A 1 53 ? -3.714  9.501   -12.048 1.00 16.37 ? 53  ARG A CG  1 
ATOM   352  C  CD  . ARG A 1 53 ? -3.858  8.501   -13.173 1.00 17.03 ? 53  ARG A CD  1 
ATOM   353  N  NE  . ARG A 1 53 ? -5.271  8.264   -13.459 1.00 17.21 ? 53  ARG A NE  1 
ATOM   354  C  CZ  . ARG A 1 53 ? -5.727  7.756   -14.597 1.00 17.10 ? 53  ARG A CZ  1 
ATOM   355  N  NH1 . ARG A 1 53 ? -4.881  7.424   -15.564 1.00 17.56 ? 53  ARG A NH1 1 
ATOM   356  N  NH2 . ARG A 1 53 ? -7.031  7.599   -14.777 1.00 15.38 ? 53  ARG A NH2 1 
ATOM   357  N  N   . VAL A 1 54 ? -0.005  12.088  -10.980 1.00 12.70 ? 54  VAL A N   1 
ATOM   358  C  CA  . VAL A 1 54 ? 1.394   12.294  -10.615 1.00 12.23 ? 54  VAL A CA  1 
ATOM   359  C  C   . VAL A 1 54 ? 1.481   12.919  -9.229  1.00 10.39 ? 54  VAL A C   1 
ATOM   360  O  O   . VAL A 1 54 ? 2.281   12.500  -8.395  1.00 10.46 ? 54  VAL A O   1 
ATOM   361  C  CB  . VAL A 1 54 ? 2.133   13.195  -11.624 1.00 11.49 ? 54  VAL A CB  1 
ATOM   362  C  CG1 . VAL A 1 54 ? 3.517   13.552  -11.090 1.00 12.38 ? 54  VAL A CG1 1 
ATOM   363  C  CG2 . VAL A 1 54 ? 2.276   12.475  -12.948 1.00 11.95 ? 54  VAL A CG2 1 
ATOM   364  N  N   . ALA A 1 55 ? 0.637   13.913  -8.985  1.00 9.37  ? 55  ALA A N   1 
ATOM   365  C  CA  . ALA A 1 55 ? 0.632   14.597  -7.704  1.00 9.60  ? 55  ALA A CA  1 
ATOM   366  C  C   . ALA A 1 55 ? 0.256   13.632  -6.592  1.00 10.09 ? 55  ALA A C   1 
ATOM   367  O  O   . ALA A 1 55 ? 0.932   13.563  -5.561  1.00 12.85 ? 55  ALA A O   1 
ATOM   368  C  CB  . ALA A 1 55 ? -0.342  15.763  -7.741  1.00 6.54  ? 55  ALA A CB  1 
ATOM   369  N  N   . VAL A 1 56 ? -0.818  12.883  -6.804  1.00 8.45  ? 56  VAL A N   1 
ATOM   370  C  CA  . VAL A 1 56 ? -1.274  11.929  -5.809  1.00 8.95  ? 56  VAL A CA  1 
ATOM   371  C  C   . VAL A 1 56 ? -0.198  10.902  -5.487  1.00 9.52  ? 56  VAL A C   1 
ATOM   372  O  O   . VAL A 1 56 ? 0.082   10.647  -4.320  1.00 9.53  ? 56  VAL A O   1 
ATOM   373  C  CB  . VAL A 1 56 ? -2.566  11.211  -6.279  1.00 10.17 ? 56  VAL A CB  1 
ATOM   374  C  CG1 . VAL A 1 56 ? -2.857  9.999   -5.398  1.00 10.37 ? 56  VAL A CG1 1 
ATOM   375  C  CG2 . VAL A 1 56 ? -3.744  12.179  -6.209  1.00 10.54 ? 56  VAL A CG2 1 
ATOM   376  N  N   . VAL A 1 57 ? 0.416   10.317  -6.512  1.00 10.22 ? 57  VAL A N   1 
ATOM   377  C  CA  . VAL A 1 57 ? 1.452   9.323   -6.271  1.00 11.20 ? 57  VAL A CA  1 
ATOM   378  C  C   . VAL A 1 57 ? 2.623   9.952   -5.517  1.00 10.98 ? 57  VAL A C   1 
ATOM   379  O  O   . VAL A 1 57 ? 3.180   9.335   -4.608  1.00 9.97  ? 57  VAL A O   1 
ATOM   380  C  CB  . VAL A 1 57 ? 1.953   8.676   -7.599  1.00 11.46 ? 57  VAL A CB  1 
ATOM   381  C  CG1 . VAL A 1 57 ? 2.701   9.693   -8.442  1.00 13.85 ? 57  VAL A CG1 1 
ATOM   382  C  CG2 . VAL A 1 57 ? 2.838   7.485   -7.296  1.00 13.29 ? 57  VAL A CG2 1 
ATOM   383  N  N   . ASP A 1 58 ? 2.984   11.185  -5.879  1.00 12.74 ? 58  ASP A N   1 
ATOM   384  C  CA  . ASP A 1 58 ? 4.085   11.877  -5.209  1.00 13.35 ? 58  ASP A CA  1 
ATOM   385  C  C   . ASP A 1 58 ? 3.785   12.129  -3.726  1.00 13.74 ? 58  ASP A C   1 
ATOM   386  O  O   . ASP A 1 58 ? 4.661   11.982  -2.884  1.00 13.11 ? 58  ASP A O   1 
ATOM   387  C  CB  . ASP A 1 58 ? 4.393   13.212  -5.899  1.00 14.42 ? 58  ASP A CB  1 
ATOM   388  C  CG  . ASP A 1 58 ? 5.084   13.041  -7.246  1.00 15.37 ? 58  ASP A CG  1 
ATOM   389  O  OD1 . ASP A 1 58 ? 5.378   11.895  -7.650  1.00 17.23 ? 58  ASP A OD1 1 
ATOM   390  O  OD2 . ASP A 1 58 ? 5.332   14.070  -7.903  1.00 18.62 ? 58  ASP A OD2 1 
ATOM   391  N  N   . ASN A 1 59 ? 2.553   12.518  -3.406  1.00 14.92 ? 59  ASN A N   1 
ATOM   392  C  CA  . ASN A 1 59 ? 2.188   12.763  -2.008  1.00 15.60 ? 59  ASN A CA  1 
ATOM   393  C  C   . ASN A 1 59 ? 2.193   11.452  -1.257  1.00 14.87 ? 59  ASN A C   1 
ATOM   394  O  O   . ASN A 1 59 ? 2.626   11.376  -0.110  1.00 15.22 ? 59  ASN A O   1 
ATOM   395  C  CB  . ASN A 1 59 ? 0.783   13.340  -1.891  1.00 17.12 ? 59  ASN A CB  1 
ATOM   396  C  CG  . ASN A 1 59 ? 0.631   14.657  -2.600  1.00 20.80 ? 59  ASN A CG  1 
ATOM   397  O  OD1 . ASN A 1 59 ? -0.455  14.980  -3.077  1.00 22.12 ? 59  ASN A OD1 1 
ATOM   398  N  ND2 . ASN A 1 59 ? 1.706   15.436  -2.668  1.00 19.92 ? 59  ASN A ND2 1 
ATOM   399  N  N   . PHE A 1 60 ? 1.676   10.421  -1.913  1.00 15.31 ? 60  PHE A N   1 
ATOM   400  C  CA  . PHE A 1 60 ? 1.598   9.101   -1.317  1.00 15.09 ? 60  PHE A CA  1 
ATOM   401  C  C   . PHE A 1 60 ? 2.982   8.593   -0.964  1.00 14.47 ? 60  PHE A C   1 
ATOM   402  O  O   . PHE A 1 60 ? 3.212   8.111   0.138   1.00 15.35 ? 60  PHE A O   1 
ATOM   403  C  CB  . PHE A 1 60 ? 0.931   8.118   -2.285  1.00 15.18 ? 60  PHE A CB  1 
ATOM   404  C  CG  . PHE A 1 60 ? 0.795   6.724   -1.733  1.00 15.21 ? 60  PHE A CG  1 
ATOM   405  C  CD1 . PHE A 1 60 ? -0.244  6.402   -0.870  1.00 13.58 ? 60  PHE A CD1 1 
ATOM   406  C  CD2 . PHE A 1 60 ? 1.713   5.734   -2.069  1.00 15.07 ? 60  PHE A CD2 1 
ATOM   407  C  CE1 . PHE A 1 60 ? -0.365  5.116   -0.345  1.00 15.07 ? 60  PHE A CE1 1 
ATOM   408  C  CE2 . PHE A 1 60 ? 1.600   4.444   -1.545  1.00 14.04 ? 60  PHE A CE2 1 
ATOM   409  C  CZ  . PHE A 1 60 ? 0.556   4.137   -0.685  1.00 11.56 ? 60  PHE A CZ  1 
ATOM   410  N  N   . THR A 1 61 ? 3.909   8.705   -1.906  1.00 16.56 ? 61  THR A N   1 
ATOM   411  C  CA  . THR A 1 61 ? 5.261   8.224   -1.682  1.00 16.16 ? 61  THR A CA  1 
ATOM   412  C  C   . THR A 1 61 ? 6.022   9.055   -0.656  1.00 16.67 ? 61  THR A C   1 
ATOM   413  O  O   . THR A 1 61 ? 6.742   8.506   0.185   1.00 15.75 ? 61  THR A O   1 
ATOM   414  C  CB  . THR A 1 61 ? 6.059   8.170   -3.005  1.00 15.96 ? 61  THR A CB  1 
ATOM   415  O  OG1 . THR A 1 61 ? 5.915   9.407   -3.710  1.00 17.96 ? 61  THR A OG1 1 
ATOM   416  C  CG2 . THR A 1 61 ? 5.549   7.042   -3.880  1.00 16.17 ? 61  THR A CG2 1 
ATOM   417  N  N   . LYS A 1 62 ? 5.857   10.372  -0.714  1.00 15.65 ? 62  LYS A N   1 
ATOM   418  C  CA  . LYS A 1 62 ? 6.546   11.255  0.217   1.00 16.84 ? 62  LYS A CA  1 
ATOM   419  C  C   . LYS A 1 62 ? 6.131   10.891  1.642   1.00 15.96 ? 62  LYS A C   1 
ATOM   420  O  O   . LYS A 1 62 ? 6.976   10.631  2.497   1.00 15.81 ? 62  LYS A O   1 
ATOM   421  C  CB  . LYS A 1 62 ? 6.205   12.716  -0.091  1.00 20.00 ? 62  LYS A CB  1 
ATOM   422  C  CG  . LYS A 1 62 ? 7.073   13.733  0.635   1.00 25.40 ? 62  LYS A CG  1 
ATOM   423  C  CD  . LYS A 1 62 ? 6.816   15.142  0.121   1.00 28.80 ? 62  LYS A CD  1 
ATOM   424  C  CE  . LYS A 1 62 ? 7.676   16.166  0.850   1.00 31.85 ? 62  LYS A CE  1 
ATOM   425  N  NZ  . LYS A 1 62 ? 7.374   17.563  0.422   1.00 32.38 ? 62  LYS A NZ  1 
ATOM   426  N  N   . ALA A 1 63 ? 4.825   10.856  1.881   1.00 14.68 ? 63  ALA A N   1 
ATOM   427  C  CA  . ALA A 1 63 ? 4.293   10.509  3.190   1.00 14.76 ? 63  ALA A CA  1 
ATOM   428  C  C   . ALA A 1 63 ? 4.787   9.121   3.604   1.00 15.23 ? 63  ALA A C   1 
ATOM   429  O  O   . ALA A 1 63 ? 5.191   8.908   4.750   1.00 14.60 ? 63  ALA A O   1 
ATOM   430  C  CB  . ALA A 1 63 ? 2.766   10.530  3.152   1.00 15.67 ? 63  ALA A CB  1 
ATOM   431  N  N   . LEU A 1 64 ? 4.758   8.184   2.663   1.00 14.14 ? 64  LEU A N   1 
ATOM   432  C  CA  . LEU A 1 64 ? 5.199   6.818   2.919   1.00 14.56 ? 64  LEU A CA  1 
ATOM   433  C  C   . LEU A 1 64 ? 6.644   6.795   3.424   1.00 15.68 ? 64  LEU A C   1 
ATOM   434  O  O   . LEU A 1 64 ? 6.948   6.190   4.459   1.00 14.65 ? 64  LEU A O   1 
ATOM   435  C  CB  . LEU A 1 64 ? 5.102   5.995   1.636   1.00 17.69 ? 64  LEU A CB  1 
ATOM   436  C  CG  . LEU A 1 64 ? 4.980   4.477   1.773   1.00 19.89 ? 64  LEU A CG  1 
ATOM   437  C  CD1 . LEU A 1 64 ? 5.095   3.845   0.397   1.00 17.99 ? 64  LEU A CD1 1 
ATOM   438  C  CD2 . LEU A 1 64 ? 6.048   3.938   2.698   1.00 21.45 ? 64  LEU A CD2 1 
ATOM   439  N  N   . LYS A 1 65 ? 7.534   7.452   2.685   1.00 14.87 ? 65  LYS A N   1 
ATOM   440  C  CA  . LYS A 1 65 ? 8.942   7.498   3.053   1.00 16.95 ? 65  LYS A CA  1 
ATOM   441  C  C   . LYS A 1 65 ? 9.111   8.120   4.432   1.00 18.16 ? 65  LYS A C   1 
ATOM   442  O  O   . LYS A 1 65 ? 9.817   7.581   5.289   1.00 20.18 ? 65  LYS A O   1 
ATOM   443  C  CB  . LYS A 1 65 ? 9.734   8.298   2.015   1.00 18.53 ? 65  LYS A CB  1 
ATOM   444  N  N   . GLN A 1 66 ? 8.453   9.251   4.642   1.00 17.48 ? 66  GLN A N   1 
ATOM   445  C  CA  . GLN A 1 66 ? 8.536   9.948   5.912   1.00 18.20 ? 66  GLN A CA  1 
ATOM   446  C  C   . GLN A 1 66 ? 8.145   9.025   7.062   1.00 18.95 ? 66  GLN A C   1 
ATOM   447  O  O   . GLN A 1 66 ? 8.840   8.949   8.071   1.00 18.56 ? 66  GLN A O   1 
ATOM   448  C  CB  . GLN A 1 66 ? 7.627   11.180  5.887   1.00 18.84 ? 66  GLN A CB  1 
ATOM   449  N  N   . SER A 1 67 ? 7.030   8.321   6.903   1.00 20.57 ? 67  SER A N   1 
ATOM   450  C  CA  . SER A 1 67 ? 6.553   7.410   7.935   1.00 20.71 ? 67  SER A CA  1 
ATOM   451  C  C   . SER A 1 67 ? 7.539   6.269   8.156   1.00 20.31 ? 67  SER A C   1 
ATOM   452  O  O   . SER A 1 67 ? 7.755   5.831   9.280   1.00 22.40 ? 67  SER A O   1 
ATOM   453  C  CB  . SER A 1 67 ? 5.194   6.855   7.549   1.00 19.80 ? 67  SER A CB  1 
ATOM   454  N  N   . VAL A 1 68 ? 8.138   5.790   7.074   1.00 20.88 ? 68  VAL A N   1 
ATOM   455  C  CA  . VAL A 1 68 ? 9.093   4.696   7.156   1.00 20.18 ? 68  VAL A CA  1 
ATOM   456  C  C   . VAL A 1 68 ? 10.369  5.087   7.899   1.00 20.70 ? 68  VAL A C   1 
ATOM   457  O  O   . VAL A 1 68 ? 10.907  4.286   8.660   1.00 21.55 ? 68  VAL A O   1 
ATOM   458  C  CB  . VAL A 1 68 ? 9.440   4.162   5.742   1.00 20.36 ? 68  VAL A CB  1 
ATOM   459  C  CG1 . VAL A 1 68 ? 10.714  3.333   5.780   1.00 19.28 ? 68  VAL A CG1 1 
ATOM   460  C  CG2 . VAL A 1 68 ? 8.288   3.301   5.228   1.00 20.17 ? 68  VAL A CG2 1 
ATOM   461  N  N   . LEU A 1 69 ? 10.849  6.310   7.686   1.00 20.12 ? 69  LEU A N   1 
ATOM   462  C  CA  . LEU A 1 69 ? 12.061  6.780   8.356   1.00 23.21 ? 69  LEU A CA  1 
ATOM   463  C  C   . LEU A 1 69 ? 11.802  6.955   9.848   1.00 24.80 ? 69  LEU A C   1 
ATOM   464  O  O   . LEU A 1 69 ? 12.647  6.651   10.690  1.00 22.94 ? 69  LEU A O   1 
ATOM   465  C  CB  . LEU A 1 69 ? 12.508  8.125   7.775   1.00 24.92 ? 69  LEU A CB  1 
ATOM   466  C  CG  . LEU A 1 69 ? 12.955  8.183   6.312   1.00 26.12 ? 69  LEU A CG  1 
ATOM   467  C  CD1 . LEU A 1 69 ? 13.262  9.626   5.925   1.00 24.59 ? 69  LEU A CD1 1 
ATOM   468  C  CD2 . LEU A 1 69 ? 14.181  7.301   6.119   1.00 26.43 ? 69  LEU A CD2 1 
ATOM   469  N  N   . GLU A 1 70 ? 10.607  7.444   10.153  1.00 27.90 ? 70  GLU A N   1 
ATOM   470  C  CA  . GLU A 1 70 ? 10.178  7.717   11.515  1.00 30.20 ? 70  GLU A CA  1 
ATOM   471  C  C   . GLU A 1 70 ? 9.914   6.492   12.389  1.00 31.08 ? 70  GLU A C   1 
ATOM   472  O  O   . GLU A 1 70 ? 9.930   6.591   13.617  1.00 30.09 ? 70  GLU A O   1 
ATOM   473  C  CB  . GLU A 1 70 ? 8.937   8.613   11.460  1.00 31.57 ? 70  GLU A CB  1 
ATOM   474  C  CG  . GLU A 1 70 ? 7.968   8.460   12.611  1.00 34.39 ? 70  GLU A CG  1 
ATOM   475  C  CD  . GLU A 1 70 ? 6.696   9.254   12.393  1.00 36.61 ? 70  GLU A CD  1 
ATOM   476  O  OE1 . GLU A 1 70 ? 6.326   9.471   11.217  1.00 37.20 ? 70  GLU A OE1 1 
ATOM   477  O  OE2 . GLU A 1 70 ? 6.060   9.648   13.394  1.00 37.42 ? 70  GLU A OE2 1 
ATOM   478  N  N   . HIS A 1 71 ? 9.684   5.339   11.768  1.00 32.86 ? 71  HIS A N   1 
ATOM   479  C  CA  . HIS A 1 71 ? 9.406   4.125   12.525  1.00 33.45 ? 71  HIS A CA  1 
ATOM   480  C  C   . HIS A 1 71 ? 10.583  3.167   12.645  1.00 34.75 ? 71  HIS A C   1 
ATOM   481  O  O   . HIS A 1 71 ? 10.414  1.946   12.622  1.00 36.62 ? 71  HIS A O   1 
ATOM   482  C  CB  . HIS A 1 71 ? 8.196   3.411   11.926  1.00 34.01 ? 71  HIS A CB  1 
ATOM   483  C  CG  . HIS A 1 71 ? 6.906   4.126   12.175  1.00 35.30 ? 71  HIS A CG  1 
ATOM   484  N  ND1 . HIS A 1 71 ? 6.319   4.186   13.420  1.00 35.78 ? 71  HIS A ND1 1 
ATOM   485  C  CD2 . HIS A 1 71 ? 6.115   4.855   11.349  1.00 34.57 ? 71  HIS A CD2 1 
ATOM   486  C  CE1 . HIS A 1 71 ? 5.223   4.922   13.354  1.00 36.38 ? 71  HIS A CE1 1 
ATOM   487  N  NE2 . HIS A 1 71 ? 5.078   5.339   12.107  1.00 36.08 ? 71  HIS A NE2 1 
ATOM   488  N  N   . HIS A 1 72 ? 11.775  3.733   12.777  1.00 35.30 ? 72  HIS A N   1 
ATOM   489  C  CA  . HIS A 1 72 ? 12.988  2.945   12.940  1.00 35.74 ? 72  HIS A CA  1 
ATOM   490  C  C   . HIS A 1 72 ? 13.318  3.020   14.426  1.00 35.47 ? 72  HIS A C   1 
ATOM   491  O  O   . HIS A 1 72 ? 13.527  4.105   14.966  1.00 36.14 ? 72  HIS A O   1 
ATOM   492  C  CB  . HIS A 1 72 ? 14.129  3.536   12.103  1.00 34.21 ? 72  HIS A CB  1 
ATOM   493  N  N   . HIS A 1 73 ? 13.349  1.865   15.079  1.00 35.42 ? 73  HIS A N   1 
ATOM   494  C  CA  . HIS A 1 73 ? 13.625  1.794   16.505  1.00 34.90 ? 73  HIS A CA  1 
ATOM   495  C  C   . HIS A 1 73 ? 15.119  1.869   16.805  1.00 36.84 ? 73  HIS A C   1 
ATOM   496  O  O   . HIS A 1 73 ? 15.525  2.840   17.479  1.00 38.08 ? 73  HIS A O   1 
ATOM   497  C  CB  . HIS A 1 73 ? 13.030  0.499   17.060  1.00 32.90 ? 73  HIS A CB  1 
ATOM   498  C  CG  . HIS A 1 73 ? 11.583  0.315   16.729  1.00 31.06 ? 73  HIS A CG  1 
ATOM   499  N  ND1 . HIS A 1 73 ? 10.927  -0.886  16.873  1.00 31.57 ? 73  HIS A ND1 1 
ATOM   500  C  CD2 . HIS A 1 73 ? 10.657  1.191   16.259  1.00 29.82 ? 73  HIS A CD2 1 
ATOM   501  C  CE1 . HIS A 1 73 ? 9.663   -0.748  16.510  1.00 28.65 ? 73  HIS A CE1 1 
ATOM   502  N  NE2 . HIS A 1 73 ? 9.478   0.506   16.134  1.00 29.53 ? 73  HIS A NE2 1 
ATOM   503  N  N   . ASN B 1 9  ? 4.076   -16.326 -9.915  1.00 29.22 ? 9   ASN B N   1 
ATOM   504  C  CA  . ASN B 1 9  ? 2.684   -16.932 -9.920  1.00 29.44 ? 9   ASN B CA  1 
ATOM   505  C  C   . ASN B 1 9  ? 1.765   -15.908 -10.620 1.00 30.11 ? 9   ASN B C   1 
ATOM   506  O  O   . ASN B 1 9  ? 2.171   -15.277 -11.592 1.00 32.07 ? 9   ASN B O   1 
ATOM   507  C  CB  . ASN B 1 9  ? 2.231   -16.901 -8.401  1.00 28.07 ? 9   ASN B CB  1 
ATOM   508  N  N   . GLU B 1 10 ? 0.504   -16.205 -10.263 1.00 29.67 ? 10  GLU B N   1 
ATOM   509  C  CA  . GLU B 1 10 ? -0.395  -15.065 -10.085 1.00 27.53 ? 10  GLU B CA  1 
ATOM   510  C  C   . GLU B 1 10 ? -1.265  -15.365 -8.796  1.00 28.12 ? 10  GLU B C   1 
ATOM   511  O  O   . GLU B 1 10 ? -2.422  -14.970 -8.739  1.00 29.09 ? 10  GLU B O   1 
ATOM   512  C  CB  . GLU B 1 10 ? -1.111  -14.432 -11.124 1.00 29.28 ? 10  GLU B CB  1 
ATOM   513  N  N   . ARG B 1 11 ? -0.697  -16.259 -7.959  1.00 26.60 ? 11  ARG B N   1 
ATOM   514  C  CA  . ARG B 1 11 ? -1.101  -16.284 -6.532  1.00 23.83 ? 11  ARG B CA  1 
ATOM   515  C  C   . ARG B 1 11 ? -0.946  -14.761 -6.101  1.00 21.26 ? 11  ARG B C   1 
ATOM   516  O  O   . ARG B 1 11 ? -1.602  -14.323 -5.160  1.00 20.42 ? 11  ARG B O   1 
ATOM   517  C  CB  . ARG B 1 11 ? -0.066  -17.098 -5.753  1.00 24.17 ? 11  ARG B CB  1 
ATOM   518  C  CG  . ARG B 1 11 ? -0.169  -16.945 -4.240  1.00 26.61 ? 11  ARG B CG  1 
ATOM   519  C  CD  . ARG B 1 11 ? 1.021   -17.525 -3.492  1.00 28.20 ? 11  ARG B CD  1 
ATOM   520  N  NE  . ARG B 1 11 ? 0.903   -17.316 -2.050  1.00 30.40 ? 11  ARG B NE  1 
ATOM   521  C  CZ  . ARG B 1 11 ? 1.885   -17.534 -1.180  1.00 31.10 ? 11  ARG B CZ  1 
ATOM   522  N  NH1 . ARG B 1 11 ? 3.063   -17.968 -1.604  1.00 30.89 ? 11  ARG B NH1 1 
ATOM   523  N  NH2 . ARG B 1 11 ? 1.691   -17.315 0.111   1.00 31.21 ? 11  ARG B NH2 1 
ATOM   524  N  N   . VAL B 1 12 ? -0.057  -14.018 -6.772  1.00 19.69 ? 12  VAL B N   1 
ATOM   525  C  CA  . VAL B 1 12 ? 0.030   -12.572 -6.567  1.00 20.33 ? 12  VAL B CA  1 
ATOM   526  C  C   . VAL B 1 12 ? -1.323  -11.947 -6.990  1.00 18.94 ? 12  VAL B C   1 
ATOM   527  O  O   . VAL B 1 12 ? -1.922  -11.192 -6.227  1.00 16.75 ? 12  VAL B O   1 
ATOM   528  C  CB  . VAL B 1 12 ? 1.125   -11.949 -7.467  1.00 21.60 ? 12  VAL B CB  1 
ATOM   529  C  CG1 . VAL B 1 12 ? 1.116   -10.432 -7.333  1.00 22.93 ? 12  VAL B CG1 1 
ATOM   530  C  CG2 . VAL B 1 12 ? 2.479   -12.518 -7.067  1.00 23.88 ? 12  VAL B CG2 1 
ATOM   531  N  N   . GLU B 1 13 ? -1.793  -12.273 -8.198  1.00 19.80 ? 13  GLU B N   1 
ATOM   532  C  CA  . GLU B 1 13 ? -3.048  -11.732 -8.701  1.00 20.19 ? 13  GLU B CA  1 
ATOM   533  C  C   . GLU B 1 13 ? -4.195  -11.992 -7.730  1.00 19.65 ? 13  GLU B C   1 
ATOM   534  O  O   . GLU B 1 13 ? -5.016  -11.108 -7.471  1.00 18.33 ? 13  GLU B O   1 
ATOM   535  C  CB  . GLU B 1 13 ? -3.375  -12.329 -10.070 1.00 22.84 ? 13  GLU B CB  1 
ATOM   536  C  CG  . GLU B 1 13 ? -2.420  -11.903 -11.178 1.00 30.32 ? 13  GLU B CG  1 
ATOM   537  C  CD  . GLU B 1 13 ? -2.302  -10.403 -11.308 1.00 34.80 ? 13  GLU B CD  1 
ATOM   538  O  OE1 . GLU B 1 13 ? -3.349  -9.721  -11.276 1.00 37.30 ? 13  GLU B OE1 1 
ATOM   539  O  OE2 . GLU B 1 13 ? -1.165  -9.900  -11.450 1.00 37.83 ? 13  GLU B OE2 1 
ATOM   540  N  N   . LYS B 1 14 ? -4.247  -13.207 -7.198  1.00 17.01 ? 14  LYS B N   1 
ATOM   541  C  CA  . LYS B 1 14 ? -5.281  -13.576 -6.246  1.00 15.41 ? 14  LYS B CA  1 
ATOM   542  C  C   . LYS B 1 14 ? -5.170  -12.699 -5.003  1.00 14.94 ? 14  LYS B C   1 
ATOM   543  O  O   . LYS B 1 14 ? -6.167  -12.191 -4.500  1.00 14.87 ? 14  LYS B O   1 
ATOM   544  C  CB  . LYS B 1 14 ? -5.142  -15.049 -5.869  1.00 15.67 ? 14  LYS B CB  1 
ATOM   545  N  N   . ILE B 1 15 ? -3.951  -12.527 -4.505  1.00 14.18 ? 15  ILE B N   1 
ATOM   546  C  CA  . ILE B 1 15 ? -3.737  -11.699 -3.325  1.00 13.07 ? 15  ILE B CA  1 
ATOM   547  C  C   . ILE B 1 15 ? -4.107  -10.245 -3.608  1.00 12.62 ? 15  ILE B C   1 
ATOM   548  O  O   . ILE B 1 15 ? -4.804  -9.606  -2.820  1.00 9.51  ? 15  ILE B O   1 
ATOM   549  C  CB  . ILE B 1 15 ? -2.271  -11.762 -2.866  1.00 11.99 ? 15  ILE B CB  1 
ATOM   550  C  CG1 . ILE B 1 15 ? -1.942  -13.183 -2.404  1.00 10.42 ? 15  ILE B CG1 1 
ATOM   551  C  CG2 . ILE B 1 15 ? -2.032  -10.754 -1.741  1.00 13.43 ? 15  ILE B CG2 1 
ATOM   552  C  CD1 . ILE B 1 15 ? -0.467  -13.427 -2.151  1.00 9.70  ? 15  ILE B CD1 1 
ATOM   553  N  N   . ILE B 1 16 ? -3.633  -9.724  -4.734  1.00 12.79 ? 16  ILE B N   1 
ATOM   554  C  CA  . ILE B 1 16 ? -3.928  -8.348  -5.109  1.00 13.56 ? 16  ILE B CA  1 
ATOM   555  C  C   . ILE B 1 16 ? -5.438  -8.127  -5.109  1.00 14.98 ? 16  ILE B C   1 
ATOM   556  O  O   . ILE B 1 16 ? -5.929  -7.151  -4.541  1.00 15.17 ? 16  ILE B O   1 
ATOM   557  C  CB  . ILE B 1 16 ? -3.374  -8.025  -6.516  1.00 14.85 ? 16  ILE B CB  1 
ATOM   558  C  CG1 . ILE B 1 16 ? -1.852  -8.081  -6.498  1.00 13.88 ? 16  ILE B CG1 1 
ATOM   559  C  CG2 . ILE B 1 16 ? -3.836  -6.648  -6.966  1.00 14.14 ? 16  ILE B CG2 1 
ATOM   560  C  CD1 . ILE B 1 16 ? -1.241  -8.046  -7.869  1.00 16.75 ? 16  ILE B CD1 1 
ATOM   561  N  N   . GLN B 1 17 ? -6.168  -9.042  -5.739  1.00 15.10 ? 17  GLN B N   1 
ATOM   562  C  CA  . GLN B 1 17 ? -7.618  -8.930  -5.816  1.00 16.76 ? 17  GLN B CA  1 
ATOM   563  C  C   . GLN B 1 17 ? -8.286  -8.995  -4.443  1.00 15.96 ? 17  GLN B C   1 
ATOM   564  O  O   . GLN B 1 17 ? -9.263  -8.287  -4.188  1.00 13.55 ? 17  GLN B O   1 
ATOM   565  C  CB  . GLN B 1 17 ? -8.185  -10.017 -6.735  1.00 20.33 ? 17  GLN B CB  1 
ATOM   566  C  CG  . GLN B 1 17 ? -9.634  -9.774  -7.123  1.00 23.77 ? 17  GLN B CG  1 
ATOM   567  C  CD  . GLN B 1 17 ? -9.873  -8.342  -7.577  1.00 27.48 ? 17  GLN B CD  1 
ATOM   568  O  OE1 . GLN B 1 17 ? -10.584 -7.579  -6.916  1.00 29.26 ? 17  GLN B OE1 1 
ATOM   569  N  NE2 . GLN B 1 17 ? -9.273  -7.967  -8.704  1.00 27.05 ? 17  GLN B NE2 1 
ATOM   570  N  N   . ASP B 1 18 ? -7.760  -9.843  -3.563  1.00 15.17 ? 18  ASP B N   1 
ATOM   571  C  CA  . ASP B 1 18 ? -8.297  -9.963  -2.214  1.00 15.16 ? 18  ASP B CA  1 
ATOM   572  C  C   . ASP B 1 18 ? -8.124  -8.653  -1.454  1.00 12.56 ? 18  ASP B C   1 
ATOM   573  O  O   . ASP B 1 18 ? -8.945  -8.301  -0.605  1.00 9.87  ? 18  ASP B O   1 
ATOM   574  C  CB  . ASP B 1 18 ? -7.600  -11.088 -1.445  1.00 17.95 ? 18  ASP B CB  1 
ATOM   575  C  CG  . ASP B 1 18 ? -8.188  -12.455 -1.748  1.00 21.53 ? 18  ASP B CG  1 
ATOM   576  O  OD1 . ASP B 1 18 ? -9.202  -12.513 -2.480  1.00 22.53 ? 18  ASP B OD1 1 
ATOM   577  O  OD2 . ASP B 1 18 ? -7.639  -13.465 -1.250  1.00 18.73 ? 18  ASP B OD2 1 
ATOM   578  N  N   . LEU B 1 19 ? -7.044  -7.941  -1.759  1.00 10.72 ? 19  LEU B N   1 
ATOM   579  C  CA  . LEU B 1 19 ? -6.773  -6.664  -1.121  1.00 9.16  ? 19  LEU B CA  1 
ATOM   580  C  C   . LEU B 1 19 ? -7.765  -5.615  -1.612  1.00 8.70  ? 19  LEU B C   1 
ATOM   581  O  O   . LEU B 1 19 ? -8.307  -4.846  -0.822  1.00 8.58  ? 19  LEU B O   1 
ATOM   582  C  CB  . LEU B 1 19 ? -5.346  -6.207  -1.426  1.00 8.92  ? 19  LEU B CB  1 
ATOM   583  C  CG  . LEU B 1 19 ? -4.208  -7.031  -0.816  1.00 8.74  ? 19  LEU B CG  1 
ATOM   584  C  CD1 . LEU B 1 19 ? -2.878  -6.453  -1.271  1.00 3.78  ? 19  LEU B CD1 1 
ATOM   585  C  CD2 . LEU B 1 19 ? -4.317  -7.023  0.710   1.00 7.20  ? 19  LEU B CD2 1 
ATOM   586  N  N   . LEU B 1 20 ? -8.006  -5.591  -2.917  1.00 10.23 ? 20  LEU B N   1 
ATOM   587  C  CA  . LEU B 1 20 ? -8.939  -4.632  -3.500  1.00 11.34 ? 20  LEU B CA  1 
ATOM   588  C  C   . LEU B 1 20 ? -10.387 -4.933  -3.110  1.00 12.04 ? 20  LEU B C   1 
ATOM   589  O  O   . LEU B 1 20 ? -11.198 -4.017  -3.005  1.00 12.15 ? 20  LEU B O   1 
ATOM   590  C  CB  . LEU B 1 20 ? -8.797  -4.621  -5.024  1.00 10.14 ? 20  LEU B CB  1 
ATOM   591  C  CG  . LEU B 1 20 ? -7.445  -4.121  -5.534  1.00 10.49 ? 20  LEU B CG  1 
ATOM   592  C  CD1 . LEU B 1 20 ? -7.308  -4.438  -7.018  1.00 7.91  ? 20  LEU B CD1 1 
ATOM   593  C  CD2 . LEU B 1 20 ? -7.310  -2.624  -5.268  1.00 7.83  ? 20  LEU B CD2 1 
ATOM   594  N  N   . ASP B 1 21 ? -10.706 -6.213  -2.900  1.00 12.97 ? 21  ASP B N   1 
ATOM   595  C  CA  . ASP B 1 21 ? -12.056 -6.608  -2.496  1.00 11.81 ? 21  ASP B CA  1 
ATOM   596  C  C   . ASP B 1 21 ? -12.389 -6.004  -1.134  1.00 12.28 ? 21  ASP B C   1 
ATOM   597  O  O   . ASP B 1 21 ? -13.536 -5.636  -0.869  1.00 13.04 ? 21  ASP B O   1 
ATOM   598  C  CB  . ASP B 1 21 ? -12.195 -8.136  -2.405  1.00 13.62 ? 21  ASP B CB  1 
ATOM   599  C  CG  . ASP B 1 21 ? -12.187 -8.813  -3.767  1.00 14.42 ? 21  ASP B CG  1 
ATOM   600  O  OD1 . ASP B 1 21 ? -12.545 -8.168  -4.769  1.00 18.77 ? 21  ASP B OD1 1 
ATOM   601  O  OD2 . ASP B 1 21 ? -11.837 -10.006 -3.840  1.00 17.50 ? 21  ASP B OD2 1 
ATOM   602  N  N   . VAL B 1 22 ? -11.388 -5.911  -0.265  1.00 11.74 ? 22  VAL B N   1 
ATOM   603  C  CA  . VAL B 1 22 ? -11.605 -5.330  1.056   1.00 12.17 ? 22  VAL B CA  1 
ATOM   604  C  C   . VAL B 1 22 ? -12.047 -3.871  0.896   1.00 11.57 ? 22  VAL B C   1 
ATOM   605  O  O   . VAL B 1 22 ? -13.025 -3.436  1.498   1.00 12.07 ? 22  VAL B O   1 
ATOM   606  C  CB  . VAL B 1 22 ? -10.315 -5.381  1.921   1.00 12.89 ? 22  VAL B CB  1 
ATOM   607  C  CG1 . VAL B 1 22 ? -10.537 -4.642  3.241   1.00 9.78  ? 22  VAL B CG1 1 
ATOM   608  C  CG2 . VAL B 1 22 ? -9.928  -6.829  2.192   1.00 11.34 ? 22  VAL B CG2 1 
ATOM   609  N  N   . LEU B 1 23 ? -11.331 -3.129  0.066   1.00 10.67 ? 23  LEU B N   1 
ATOM   610  C  CA  . LEU B 1 23 ? -11.652 -1.727  -0.167  1.00 13.32 ? 23  LEU B CA  1 
ATOM   611  C  C   . LEU B 1 23 ? -13.020 -1.554  -0.839  1.00 14.09 ? 23  LEU B C   1 
ATOM   612  O  O   . LEU B 1 23 ? -13.796 -0.672  -0.468  1.00 12.75 ? 23  LEU B O   1 
ATOM   613  C  CB  . LEU B 1 23 ? -10.553 -1.088  -1.020  1.00 12.81 ? 23  LEU B CB  1 
ATOM   614  C  CG  . LEU B 1 23 ? -9.146  -1.243  -0.436  1.00 13.28 ? 23  LEU B CG  1 
ATOM   615  C  CD1 . LEU B 1 23 ? -8.126  -0.619  -1.389  1.00 13.84 ? 23  LEU B CD1 1 
ATOM   616  C  CD2 . LEU B 1 23 ? -9.078  -0.588  0.945   1.00 10.95 ? 23  LEU B CD2 1 
ATOM   617  N  N   . VAL B 1 24 ? -13.313 -2.386  -1.832  1.00 15.15 ? 24  VAL B N   1 
ATOM   618  C  CA  . VAL B 1 24 ? -14.603 -2.303  -2.504  1.00 16.98 ? 24  VAL B CA  1 
ATOM   619  C  C   . VAL B 1 24 ? -15.702 -2.568  -1.477  1.00 17.28 ? 24  VAL B C   1 
ATOM   620  O  O   . VAL B 1 24 ? -16.684 -1.830  -1.377  1.00 17.95 ? 24  VAL B O   1 
ATOM   621  C  CB  . VAL B 1 24 ? -14.715 -3.347  -3.639  1.00 16.56 ? 24  VAL B CB  1 
ATOM   622  C  CG1 . VAL B 1 24 ? -16.163 -3.447  -4.120  1.00 17.28 ? 24  VAL B CG1 1 
ATOM   623  C  CG2 . VAL B 1 24 ? -13.815 -2.947  -4.795  1.00 14.04 ? 24  VAL B CG2 1 
ATOM   624  N  N   . LYS B 1 25 ? -15.511 -3.632  -0.712  1.00 18.46 ? 25  LYS B N   1 
ATOM   625  C  CA  . LYS B 1 25 ? -16.451 -4.033  0.317   1.00 18.69 ? 25  LYS B CA  1 
ATOM   626  C  C   . LYS B 1 25 ? -16.777 -2.878  1.256   1.00 19.00 ? 25  LYS B C   1 
ATOM   627  O  O   . LYS B 1 25 ? -17.944 -2.628  1.559   1.00 18.14 ? 25  LYS B O   1 
ATOM   628  C  CB  . LYS B 1 25 ? -15.861 -5.195  1.108   1.00 21.89 ? 25  LYS B CB  1 
ATOM   629  C  CG  . LYS B 1 25 ? -16.867 -5.979  1.911   1.00 24.25 ? 25  LYS B CG  1 
ATOM   630  C  CD  . LYS B 1 25 ? -16.199 -7.187  2.541   1.00 27.50 ? 25  LYS B CD  1 
ATOM   631  C  CE  . LYS B 1 25 ? -17.226 -8.090  3.188   1.00 30.07 ? 25  LYS B CE  1 
ATOM   632  N  NZ  . LYS B 1 25 ? -18.084 -7.319  4.128   1.00 30.11 ? 25  LYS B NZ  1 
ATOM   633  N  N   . GLU B 1 26 ? -15.747 -2.175  1.724   1.00 18.76 ? 26  GLU B N   1 
ATOM   634  C  CA  . GLU B 1 26 ? -15.957 -1.049  2.622   1.00 20.45 ? 26  GLU B CA  1 
ATOM   635  C  C   . GLU B 1 26 ? -16.448 0.182   1.870   1.00 21.45 ? 26  GLU B C   1 
ATOM   636  O  O   . GLU B 1 26 ? -16.626 1.245   2.462   1.00 21.57 ? 26  GLU B O   1 
ATOM   637  C  CB  . GLU B 1 26 ? -14.662 -0.713  3.375   1.00 22.85 ? 26  GLU B CB  1 
ATOM   638  C  CG  . GLU B 1 26 ? -14.313 -1.710  4.467   1.00 24.03 ? 26  GLU B CG  1 
ATOM   639  C  CD  . GLU B 1 26 ? -15.481 -1.956  5.404   1.00 27.04 ? 26  GLU B CD  1 
ATOM   640  O  OE1 . GLU B 1 26 ? -15.965 -0.978  6.017   1.00 27.39 ? 26  GLU B OE1 1 
ATOM   641  O  OE2 . GLU B 1 26 ? -15.918 -3.124  5.522   1.00 28.72 ? 26  GLU B OE2 1 
ATOM   642  N  N   . GLU B 1 27 ? -16.675 0.031   0.569   1.00 22.52 ? 27  GLU B N   1 
ATOM   643  C  CA  . GLU B 1 27 ? -17.138 1.138   -0.265  1.00 24.29 ? 27  GLU B CA  1 
ATOM   644  C  C   . GLU B 1 27 ? -16.239 2.340   -0.036  1.00 23.46 ? 27  GLU B C   1 
ATOM   645  O  O   . GLU B 1 27 ? -16.722 3.437   0.224   1.00 25.77 ? 27  GLU B O   1 
ATOM   646  C  CB  . GLU B 1 27 ? -18.578 1.522   0.098   1.00 24.73 ? 27  GLU B CB  1 
ATOM   647  C  CG  . GLU B 1 27 ? -19.578 0.406   -0.054  1.00 26.01 ? 27  GLU B CG  1 
ATOM   648  C  CD  . GLU B 1 27 ? -20.980 0.805   0.365   1.00 27.31 ? 27  GLU B CD  1 
ATOM   649  O  OE1 . GLU B 1 27 ? -21.518 1.779   -0.205  1.00 26.66 ? 27  GLU B OE1 1 
ATOM   650  O  OE2 . GLU B 1 27 ? -21.545 0.141   1.260   1.00 27.45 ? 27  GLU B OE2 1 
ATOM   651  N  N   . VAL B 1 28 ? -14.932 2.144   -0.144  1.00 24.41 ? 28  VAL B N   1 
ATOM   652  C  CA  . VAL B 1 28 ? -14.004 3.239   0.105   1.00 24.01 ? 28  VAL B CA  1 
ATOM   653  C  C   . VAL B 1 28 ? -13.713 4.224   -1.014  1.00 24.89 ? 28  VAL B C   1 
ATOM   654  O  O   . VAL B 1 28 ? -13.820 3.929   -2.206  1.00 24.67 ? 28  VAL B O   1 
ATOM   655  C  CB  . VAL B 1 28 ? -12.647 2.723   0.611   1.00 23.74 ? 28  VAL B CB  1 
ATOM   656  C  CG1 . VAL B 1 28 ? -12.843 1.934   1.893   1.00 24.18 ? 28  VAL B CG1 1 
ATOM   657  C  CG2 . VAL B 1 28 ? -11.975 1.884   -0.458  1.00 22.36 ? 28  VAL B CG2 1 
ATOM   658  N  N   . THR B 1 29 ? -13.324 5.412   -0.567  1.00 26.06 ? 29  THR B N   1 
ATOM   659  C  CA  . THR B 1 29 ? -12.957 6.545   -1.401  1.00 25.83 ? 29  THR B CA  1 
ATOM   660  C  C   . THR B 1 29 ? -11.497 6.348   -1.811  1.00 22.76 ? 29  THR B C   1 
ATOM   661  O  O   . THR B 1 29 ? -10.709 5.771   -1.059  1.00 20.06 ? 29  THR B O   1 
ATOM   662  C  CB  . THR B 1 29 ? -13.039 7.839   -0.573  1.00 27.90 ? 29  THR B CB  1 
ATOM   663  O  OG1 . THR B 1 29 ? -13.901 7.621   0.556   1.00 32.34 ? 29  THR B OG1 1 
ATOM   664  C  CG2 . THR B 1 29 ? -13.589 8.977   -1.405  1.00 28.74 ? 29  THR B CG2 1 
ATOM   665  N  N   . PRO B 1 30 ? -11.112 6.823   -3.005  1.00 21.68 ? 30  PRO B N   1 
ATOM   666  C  CA  . PRO B 1 30 ? -9.716  6.650   -3.412  1.00 21.23 ? 30  PRO B CA  1 
ATOM   667  C  C   . PRO B 1 30 ? -8.734  7.160   -2.357  1.00 19.88 ? 30  PRO B C   1 
ATOM   668  O  O   . PRO B 1 30 ? -7.733  6.504   -2.064  1.00 17.67 ? 30  PRO B O   1 
ATOM   669  C  CB  . PRO B 1 30 ? -9.648  7.441   -4.714  1.00 21.65 ? 30  PRO B CB  1 
ATOM   670  C  CG  . PRO B 1 30 ? -11.000 7.164   -5.311  1.00 20.28 ? 30  PRO B CG  1 
ATOM   671  C  CD  . PRO B 1 30 ? -11.918 7.369   -4.113  1.00 21.03 ? 30  PRO B CD  1 
ATOM   672  N  N   . ASP B 1 31 ? -9.029  8.320   -1.775  1.00 19.61 ? 31  ASP B N   1 
ATOM   673  C  CA  . ASP B 1 31 ? -8.155  8.897   -0.759  1.00 20.14 ? 31  ASP B CA  1 
ATOM   674  C  C   . ASP B 1 31 ? -8.126  8.044   0.501   1.00 18.75 ? 31  ASP B C   1 
ATOM   675  O  O   . ASP B 1 31 ? -7.071  7.860   1.105   1.00 17.99 ? 31  ASP B O   1 
ATOM   676  C  CB  . ASP B 1 31 ? -8.585  10.334  -0.420  1.00 25.73 ? 31  ASP B CB  1 
ATOM   677  C  CG  . ASP B 1 31 ? -9.925  10.400  0.294   1.00 29.43 ? 31  ASP B CG  1 
ATOM   678  O  OD1 . ASP B 1 31 ? -10.875 9.714   -0.137  1.00 33.09 ? 31  ASP B OD1 1 
ATOM   679  O  OD2 . ASP B 1 31 ? -10.035 11.154  1.283   1.00 32.62 ? 31  ASP B OD2 1 
ATOM   680  N  N   . LEU B 1 32 ? -9.279  7.517   0.896   1.00 16.67 ? 32  LEU B N   1 
ATOM   681  C  CA  . LEU B 1 32 ? -9.344  6.663   2.080   1.00 16.29 ? 32  LEU B CA  1 
ATOM   682  C  C   . LEU B 1 32 ? -8.584  5.374   1.743   1.00 14.54 ? 32  LEU B C   1 
ATOM   683  O  O   . LEU B 1 32 ? -7.849  4.833   2.567   1.00 13.64 ? 32  LEU B O   1 
ATOM   684  C  CB  . LEU B 1 32 ? -10.798 6.326   2.421   1.00 18.47 ? 32  LEU B CB  1 
ATOM   685  C  CG  . LEU B 1 32 ? -11.171 6.063   3.886   1.00 20.69 ? 32  LEU B CG  1 
ATOM   686  C  CD1 . LEU B 1 32 ? -12.522 5.374   3.925   1.00 18.83 ? 32  LEU B CD1 1 
ATOM   687  C  CD2 . LEU B 1 32 ? -10.127 5.204   4.576   1.00 20.42 ? 32  LEU B CD2 1 
ATOM   688  N  N   . ALA B 1 33 ? -8.769  4.895   0.517   1.00 13.02 ? 33  ALA B N   1 
ATOM   689  C  CA  . ALA B 1 33 ? -8.105  3.686   0.056   1.00 14.02 ? 33  ALA B CA  1 
ATOM   690  C  C   . ALA B 1 33 ? -6.584  3.853   0.152   1.00 14.02 ? 33  ALA B C   1 
ATOM   691  O  O   . ALA B 1 33 ? -5.891  3.006   0.715   1.00 12.95 ? 33  ALA B O   1 
ATOM   692  C  CB  . ALA B 1 33 ? -8.518  3.386   -1.382  1.00 10.60 ? 33  ALA B CB  1 
ATOM   693  N  N   . LEU B 1 34 ? -6.074  4.955   -0.387  1.00 12.99 ? 34  LEU B N   1 
ATOM   694  C  CA  . LEU B 1 34 ? -4.646  5.220   -0.354  1.00 13.54 ? 34  LEU B CA  1 
ATOM   695  C  C   . LEU B 1 34 ? -4.136  5.388   1.074   1.00 13.53 ? 34  LEU B C   1 
ATOM   696  O  O   . LEU B 1 34 ? -3.025  4.974   1.402   1.00 13.01 ? 34  LEU B O   1 
ATOM   697  C  CB  . LEU B 1 34 ? -4.327  6.474   -1.171  1.00 13.22 ? 34  LEU B CB  1 
ATOM   698  C  CG  . LEU B 1 34 ? -4.613  6.381   -2.672  1.00 12.31 ? 34  LEU B CG  1 
ATOM   699  C  CD1 . LEU B 1 34 ? -4.350  7.727   -3.316  1.00 12.53 ? 34  LEU B CD1 1 
ATOM   700  C  CD2 . LEU B 1 34 ? -3.753  5.295   -3.306  1.00 9.18  ? 34  LEU B CD2 1 
HETATM 701  N  N   . MSE B 1 35 ? -4.947  5.997   1.926   1.00 14.99 ? 35  MSE B N   1 
HETATM 702  C  CA  . MSE B 1 35 ? -4.546  6.196   3.309   1.00 16.28 ? 35  MSE B CA  1 
HETATM 703  C  C   . MSE B 1 35 ? -4.407  4.854   4.029   1.00 12.44 ? 35  MSE B C   1 
HETATM 704  O  O   . MSE B 1 35 ? -3.532  4.678   4.870   1.00 10.68 ? 35  MSE B O   1 
HETATM 705  C  CB  . MSE B 1 35 ? -5.574  7.061   4.033   1.00 21.87 ? 35  MSE B CB  1 
HETATM 706  C  CG  . MSE B 1 35 ? -5.107  7.557   5.385   1.00 32.29 ? 35  MSE B CG  1 
HETATM 707  SE SE  . MSE B 1 35 ? -6.517  8.433   6.374   1.00 50.69 ? 35  MSE B SE  1 
HETATM 708  C  CE  . MSE B 1 35 ? -7.482  9.240   4.906   1.00 37.20 ? 35  MSE B CE  1 
ATOM   709  N  N   . CYS B 1 36 ? -5.278  3.907   3.704   1.00 10.57 ? 36  CYS B N   1 
ATOM   710  C  CA  . CYS B 1 36 ? -5.231  2.594   4.340   1.00 10.41 ? 36  CYS B CA  1 
ATOM   711  C  C   . CYS B 1 36 ? -4.122  1.724   3.740   1.00 8.87  ? 36  CYS B C   1 
ATOM   712  O  O   . CYS B 1 36 ? -3.408  1.027   4.459   1.00 7.54  ? 36  CYS B O   1 
ATOM   713  C  CB  . CYS B 1 36 ? -6.601  1.907   4.212   1.00 8.89  ? 36  CYS B CB  1 
ATOM   714  S  SG  . CYS B 1 36 ? -7.919  2.690   5.229   1.00 12.49 ? 36  CYS B SG  1 
ATOM   715  N  N   . LEU B 1 37 ? -3.972  1.778   2.421   1.00 8.43  ? 37  LEU B N   1 
ATOM   716  C  CA  . LEU B 1 37 ? -2.935  1.004   1.747   1.00 11.03 ? 37  LEU B CA  1 
ATOM   717  C  C   . LEU B 1 37 ? -1.564  1.461   2.239   1.00 9.57  ? 37  LEU B C   1 
ATOM   718  O  O   . LEU B 1 37 ? -0.686  0.640   2.502   1.00 11.36 ? 37  LEU B O   1 
ATOM   719  C  CB  . LEU B 1 37 ? -3.036  1.192   0.227   1.00 10.41 ? 37  LEU B CB  1 
ATOM   720  C  CG  . LEU B 1 37 ? -3.557  0.068   -0.684  1.00 14.17 ? 37  LEU B CG  1 
ATOM   721  C  CD1 . LEU B 1 37 ? -4.175  -1.068  0.124   1.00 13.98 ? 37  LEU B CD1 1 
ATOM   722  C  CD2 . LEU B 1 37 ? -4.570  0.663   -1.676  1.00 11.35 ? 37  LEU B CD2 1 
ATOM   723  N  N   . GLY B 1 38 ? -1.390  2.774   2.362   1.00 8.56  ? 38  GLY B N   1 
ATOM   724  C  CA  . GLY B 1 38 ? -0.128  3.319   2.827   1.00 10.29 ? 38  GLY B CA  1 
ATOM   725  C  C   . GLY B 1 38 ? 0.230   2.818   4.214   1.00 12.71 ? 38  GLY B C   1 
ATOM   726  O  O   . GLY B 1 38 ? 1.371   2.427   4.474   1.00 13.23 ? 38  GLY B O   1 
ATOM   727  N  N   . ASN B 1 39 ? -0.741  2.839   5.119   1.00 14.27 ? 39  ASN B N   1 
ATOM   728  C  CA  . ASN B 1 39 ? -0.506  2.358   6.472   1.00 15.34 ? 39  ASN B CA  1 
ATOM   729  C  C   . ASN B 1 39 ? -0.152  0.880   6.457   1.00 13.32 ? 39  ASN B C   1 
ATOM   730  O  O   . ASN B 1 39 ? 0.697   0.428   7.224   1.00 11.99 ? 39  ASN B O   1 
ATOM   731  C  CB  . ASN B 1 39 ? -1.739  2.591   7.340   1.00 18.66 ? 39  ASN B CB  1 
ATOM   732  C  CG  . ASN B 1 39 ? -1.693  3.924   8.056   1.00 22.18 ? 39  ASN B CG  1 
ATOM   733  O  OD1 . ASN B 1 39 ? -0.872  4.129   8.954   1.00 25.99 ? 39  ASN B OD1 1 
ATOM   734  N  ND2 . ASN B 1 39 ? -2.563  4.843   7.656   1.00 23.94 ? 39  ASN B ND2 1 
ATOM   735  N  N   . ALA B 1 40 ? -0.806  0.134   5.572   1.00 13.08 ? 40  ALA B N   1 
ATOM   736  C  CA  . ALA B 1 40 ? -0.556  -1.295  5.442   1.00 12.01 ? 40  ALA B CA  1 
ATOM   737  C  C   . ALA B 1 40 ? 0.896   -1.506  5.031   1.00 11.06 ? 40  ALA B C   1 
ATOM   738  O  O   . ALA B 1 40 ? 1.606   -2.349  5.586   1.00 10.29 ? 40  ALA B O   1 
ATOM   739  C  CB  . ALA B 1 40 ? -1.489  -1.891  4.392   1.00 11.99 ? 40  ALA B CB  1 
ATOM   740  N  N   . VAL B 1 41 ? 1.329   -0.719  4.055   1.00 11.57 ? 41  VAL B N   1 
ATOM   741  C  CA  . VAL B 1 41 ? 2.687   -0.804  3.538   1.00 11.24 ? 41  VAL B CA  1 
ATOM   742  C  C   . VAL B 1 41 ? 3.739   -0.441  4.586   1.00 12.58 ? 41  VAL B C   1 
ATOM   743  O  O   . VAL B 1 41 ? 4.758   -1.117  4.699   1.00 10.24 ? 41  VAL B O   1 
ATOM   744  C  CB  . VAL B 1 41 ? 2.847   0.108   2.301   1.00 9.92  ? 41  VAL B CB  1 
ATOM   745  C  CG1 . VAL B 1 41 ? 4.281   0.065   1.786   1.00 8.33  ? 41  VAL B CG1 1 
ATOM   746  C  CG2 . VAL B 1 41 ? 1.890   -0.336  1.223   1.00 5.95  ? 41  VAL B CG2 1 
ATOM   747  N  N   . THR B 1 42 ? 3.501   0.629   5.343   1.00 13.96 ? 42  THR B N   1 
ATOM   748  C  CA  . THR B 1 42 ? 4.447   1.037   6.376   1.00 15.28 ? 42  THR B CA  1 
ATOM   749  C  C   . THR B 1 42 ? 4.598   -0.097  7.386   1.00 14.50 ? 42  THR B C   1 
ATOM   750  O  O   . THR B 1 42 ? 5.691   -0.363  7.891   1.00 13.38 ? 42  THR B O   1 
ATOM   751  C  CB  . THR B 1 42 ? 3.963   2.292   7.134   1.00 16.21 ? 42  THR B CB  1 
ATOM   752  O  OG1 . THR B 1 42 ? 2.709   2.010   7.762   1.00 20.21 ? 42  THR B OG1 1 
ATOM   753  C  CG2 . THR B 1 42 ? 3.793   3.461   6.185   1.00 18.69 ? 42  THR B CG2 1 
ATOM   754  N  N   . ASN B 1 43 ? 3.485   -0.756  7.679   1.00 14.56 ? 43  ASN B N   1 
ATOM   755  C  CA  . ASN B 1 43 ? 3.461   -1.866  8.616   1.00 14.01 ? 43  ASN B CA  1 
ATOM   756  C  C   . ASN B 1 43 ? 4.323   -3.023  8.111   1.00 13.46 ? 43  ASN B C   1 
ATOM   757  O  O   . ASN B 1 43 ? 4.971   -3.715  8.891   1.00 14.14 ? 43  ASN B O   1 
ATOM   758  C  CB  . ASN B 1 43 ? 2.023   -2.356  8.798   1.00 15.96 ? 43  ASN B CB  1 
ATOM   759  C  CG  . ASN B 1 43 ? 1.922   -3.534  9.757   1.00 19.41 ? 43  ASN B CG  1 
ATOM   760  O  OD1 . ASN B 1 43 ? 1.684   -3.358  10.956  1.00 17.69 ? 43  ASN B OD1 1 
ATOM   761  N  ND2 . ASN B 1 43 ? 2.118   -4.742  9.232   1.00 19.20 ? 43  ASN B ND2 1 
ATOM   762  N  N   . ILE B 1 44 ? 4.327   -3.236  6.801   1.00 12.65 ? 44  ILE B N   1 
ATOM   763  C  CA  . ILE B 1 44 ? 5.102   -4.326  6.230   1.00 12.30 ? 44  ILE B CA  1 
ATOM   764  C  C   . ILE B 1 44 ? 6.585   -3.987  6.243   1.00 12.82 ? 44  ILE B C   1 
ATOM   765  O  O   . ILE B 1 44 ? 7.421   -4.804  6.622   1.00 13.68 ? 44  ILE B O   1 
ATOM   766  C  CB  . ILE B 1 44 ? 4.661   -4.629  4.780   1.00 12.37 ? 44  ILE B CB  1 
ATOM   767  C  CG1 . ILE B 1 44 ? 3.179   -5.015  4.748   1.00 13.25 ? 44  ILE B CG1 1 
ATOM   768  C  CG2 . ILE B 1 44 ? 5.520   -5.752  4.198   1.00 12.63 ? 44  ILE B CG2 1 
ATOM   769  C  CD1 . ILE B 1 44 ? 2.831   -6.296  5.496   1.00 9.92  ? 44  ILE B CD1 1 
ATOM   770  N  N   . ILE B 1 45 ? 6.908   -2.770  5.832   1.00 11.79 ? 45  ILE B N   1 
ATOM   771  C  CA  . ILE B 1 45 ? 8.289   -2.329  5.793   1.00 12.11 ? 45  ILE B CA  1 
ATOM   772  C  C   . ILE B 1 45 ? 8.917   -2.370  7.186   1.00 13.21 ? 45  ILE B C   1 
ATOM   773  O  O   . ILE B 1 45 ? 10.126  -2.563  7.327   1.00 11.65 ? 45  ILE B O   1 
ATOM   774  C  CB  . ILE B 1 45 ? 8.368   -0.918  5.169   1.00 11.72 ? 45  ILE B CB  1 
ATOM   775  C  CG1 . ILE B 1 45 ? 7.950   -1.010  3.698   1.00 8.77  ? 45  ILE B CG1 1 
ATOM   776  C  CG2 . ILE B 1 45 ? 9.770   -0.343  5.306   1.00 12.60 ? 45  ILE B CG2 1 
ATOM   777  C  CD1 . ILE B 1 45 ? 7.994   0.317   2.951   1.00 15.70 ? 45  ILE B CD1 1 
ATOM   778  N  N   . ALA B 1 46 ? 8.091   -2.205  8.217   1.00 13.52 ? 46  ALA B N   1 
ATOM   779  C  CA  . ALA B 1 46 ? 8.582   -2.266  9.591   1.00 15.47 ? 46  ALA B CA  1 
ATOM   780  C  C   . ALA B 1 46 ? 8.917   -3.722  9.919   1.00 17.08 ? 46  ALA B C   1 
ATOM   781  O  O   . ALA B 1 46 ? 9.422   -4.030  10.999  1.00 17.89 ? 46  ALA B O   1 
ATOM   782  C  CB  . ALA B 1 46 ? 7.523   -1.751  10.553  1.00 15.50 ? 46  ALA B CB  1 
ATOM   783  N  N   . GLN B 1 47 ? 8.640   -4.611  8.971   1.00 17.60 ? 47  GLN B N   1 
ATOM   784  C  CA  . GLN B 1 47 ? 8.897   -6.031  9.155   1.00 19.09 ? 47  GLN B CA  1 
ATOM   785  C  C   . GLN B 1 47 ? 10.182  -6.466  8.479   1.00 18.25 ? 47  GLN B C   1 
ATOM   786  O  O   . GLN B 1 47 ? 10.518  -7.646  8.476   1.00 17.88 ? 47  GLN B O   1 
ATOM   787  C  CB  . GLN B 1 47 ? 7.730   -6.861  8.611   1.00 22.82 ? 47  GLN B CB  1 
ATOM   788  C  CG  . GLN B 1 47 ? 6.454   -6.768  9.435   1.00 26.61 ? 47  GLN B CG  1 
ATOM   789  C  CD  . GLN B 1 47 ? 5.306   -7.543  8.818   1.00 31.50 ? 47  GLN B CD  1 
ATOM   790  O  OE1 . GLN B 1 47 ? 5.472   -8.224  7.804   1.00 35.11 ? 47  GLN B OE1 1 
ATOM   791  N  NE2 . GLN B 1 47 ? 4.133   -7.445  9.427   1.00 34.31 ? 47  GLN B NE2 1 
ATOM   792  N  N   . VAL B 1 48 ? 10.900  -5.520  7.891   1.00 17.05 ? 48  VAL B N   1 
ATOM   793  C  CA  . VAL B 1 48 ? 12.155  -5.861  7.247   1.00 16.40 ? 48  VAL B CA  1 
ATOM   794  C  C   . VAL B 1 48 ? 13.271  -5.173  8.014   1.00 14.70 ? 48  VAL B C   1 
ATOM   795  O  O   . VAL B 1 48 ? 13.039  -4.187  8.709   1.00 14.67 ? 48  VAL B O   1 
ATOM   796  C  CB  . VAL B 1 48 ? 12.175  -5.424  5.760   1.00 18.20 ? 48  VAL B CB  1 
ATOM   797  C  CG1 . VAL B 1 48 ? 10.963  -6.007  5.040   1.00 16.91 ? 48  VAL B CG1 1 
ATOM   798  C  CG2 . VAL B 1 48 ? 12.195  -3.919  5.649   1.00 17.57 ? 48  VAL B CG2 1 
ATOM   799  N  N   . PRO B 1 49 ? 14.497  -5.697  7.915   1.00 13.47 ? 49  PRO B N   1 
ATOM   800  C  CA  . PRO B 1 49 ? 15.647  -5.114  8.609   1.00 13.44 ? 49  PRO B CA  1 
ATOM   801  C  C   . PRO B 1 49 ? 15.782  -3.621  8.337   1.00 14.88 ? 49  PRO B C   1 
ATOM   802  O  O   . PRO B 1 49 ? 15.608  -3.171  7.203   1.00 15.06 ? 49  PRO B O   1 
ATOM   803  C  CB  . PRO B 1 49 ? 16.816  -5.906  8.045   1.00 13.50 ? 49  PRO B CB  1 
ATOM   804  C  CG  . PRO B 1 49 ? 16.223  -7.240  7.840   1.00 10.64 ? 49  PRO B CG  1 
ATOM   805  C  CD  . PRO B 1 49 ? 14.905  -6.900  7.171   1.00 12.16 ? 49  PRO B CD  1 
ATOM   806  N  N   . GLU B 1 50 ? 16.094  -2.858  9.380   1.00 14.21 ? 50  GLU B N   1 
ATOM   807  C  CA  . GLU B 1 50 ? 16.251  -1.417  9.247   1.00 15.64 ? 50  GLU B CA  1 
ATOM   808  C  C   . GLU B 1 50 ? 17.291  -1.037  8.202   1.00 14.32 ? 50  GLU B C   1 
ATOM   809  O  O   . GLU B 1 50 ? 17.167  -0.016  7.528   1.00 14.73 ? 50  GLU B O   1 
ATOM   810  C  CB  . GLU B 1 50 ? 16.622  -0.800  10.596  1.00 17.97 ? 50  GLU B CB  1 
ATOM   811  C  CG  . GLU B 1 50 ? 15.423  -0.545  11.495  1.00 23.94 ? 50  GLU B CG  1 
ATOM   812  C  CD  . GLU B 1 50 ? 15.794  0.156   12.785  1.00 24.78 ? 50  GLU B CD  1 
ATOM   813  O  OE1 . GLU B 1 50 ? 16.543  1.155   12.725  1.00 24.58 ? 50  GLU B OE1 1 
ATOM   814  O  OE2 . GLU B 1 50 ? 15.326  -0.285  13.856  1.00 28.40 ? 50  GLU B OE2 1 
ATOM   815  N  N   . SER B 1 51 ? 18.320  -1.861  8.062   1.00 13.96 ? 51  SER B N   1 
ATOM   816  C  CA  . SER B 1 51 ? 19.368  -1.590  7.092   1.00 13.88 ? 51  SER B CA  1 
ATOM   817  C  C   . SER B 1 51 ? 18.861  -1.707  5.656   1.00 12.91 ? 51  SER B C   1 
ATOM   818  O  O   . SER B 1 51 ? 19.547  -1.311  4.722   1.00 13.16 ? 51  SER B O   1 
ATOM   819  C  CB  . SER B 1 51 ? 20.523  -2.556  7.306   1.00 13.60 ? 51  SER B CB  1 
ATOM   820  O  OG  . SER B 1 51 ? 20.076  -3.886  7.135   1.00 18.33 ? 51  SER B OG  1 
ATOM   821  N  N   . LYS B 1 52 ? 17.658  -2.249  5.488   1.00 13.47 ? 52  LYS B N   1 
ATOM   822  C  CA  . LYS B 1 52 ? 17.069  -2.431  4.167   1.00 13.85 ? 52  LYS B CA  1 
ATOM   823  C  C   . LYS B 1 52 ? 15.837  -1.553  3.904   1.00 12.89 ? 52  LYS B C   1 
ATOM   824  O  O   . LYS B 1 52 ? 15.383  -1.443  2.760   1.00 14.31 ? 52  LYS B O   1 
ATOM   825  C  CB  . LYS B 1 52 ? 16.660  -3.900  3.973   1.00 15.04 ? 52  LYS B CB  1 
ATOM   826  C  CG  . LYS B 1 52 ? 17.804  -4.899  3.784   1.00 18.42 ? 52  LYS B CG  1 
ATOM   827  C  CD  . LYS B 1 52 ? 17.238  -6.319  3.671   1.00 20.54 ? 52  LYS B CD  1 
ATOM   828  C  CE  . LYS B 1 52 ? 18.274  -7.336  3.211   1.00 24.80 ? 52  LYS B CE  1 
ATOM   829  N  NZ  . LYS B 1 52 ? 19.478  -7.394  4.089   1.00 25.99 ? 52  LYS B NZ  1 
ATOM   830  N  N   . ARG B 1 53 ? 15.296  -0.930  4.947   1.00 11.18 ? 53  ARG B N   1 
ATOM   831  C  CA  . ARG B 1 53 ? 14.086  -0.123  4.803   1.00 11.46 ? 53  ARG B CA  1 
ATOM   832  C  C   . ARG B 1 53 ? 14.083  1.041   3.811   1.00 11.62 ? 53  ARG B C   1 
ATOM   833  O  O   . ARG B 1 53 ? 13.122  1.197   3.053   1.00 10.12 ? 53  ARG B O   1 
ATOM   834  C  CB  . ARG B 1 53 ? 13.613  0.342   6.180   1.00 12.18 ? 53  ARG B CB  1 
ATOM   835  C  CG  . ARG B 1 53 ? 13.209  -0.840  7.042   1.00 14.33 ? 53  ARG B CG  1 
ATOM   836  C  CD  . ARG B 1 53 ? 12.593  -0.456  8.361   1.00 14.35 ? 53  ARG B CD  1 
ATOM   837  N  NE  . ARG B 1 53 ? 12.595  -1.611  9.256   1.00 14.81 ? 53  ARG B NE  1 
ATOM   838  C  CZ  . ARG B 1 53 ? 12.239  -1.569  10.533  1.00 15.66 ? 53  ARG B CZ  1 
ATOM   839  N  NH1 . ARG B 1 53 ? 11.842  -0.423  11.076  1.00 16.92 ? 53  ARG B NH1 1 
ATOM   840  N  NH2 . ARG B 1 53 ? 12.297  -2.670  11.271  1.00 11.86 ? 53  ARG B NH2 1 
ATOM   841  N  N   . VAL B 1 54 ? 15.128  1.861   3.800   1.00 10.24 ? 54  VAL B N   1 
ATOM   842  C  CA  . VAL B 1 54 ? 15.159  2.968   2.849   1.00 11.22 ? 54  VAL B CA  1 
ATOM   843  C  C   . VAL B 1 54 ? 15.183  2.439   1.413   1.00 10.74 ? 54  VAL B C   1 
ATOM   844  O  O   . VAL B 1 54 ? 14.430  2.905   0.561   1.00 11.33 ? 54  VAL B O   1 
ATOM   845  C  CB  . VAL B 1 54 ? 16.378  3.890   3.087   1.00 10.82 ? 54  VAL B CB  1 
ATOM   846  C  CG1 . VAL B 1 54 ? 16.500  4.910   1.960   1.00 11.58 ? 54  VAL B CG1 1 
ATOM   847  C  CG2 . VAL B 1 54 ? 16.214  4.613   4.404   1.00 10.56 ? 54  VAL B CG2 1 
ATOM   848  N  N   . ALA B 1 55 ? 16.040  1.457   1.149   1.00 12.15 ? 55  ALA B N   1 
ATOM   849  C  CA  . ALA B 1 55 ? 16.133  0.873   -0.188  1.00 12.06 ? 55  ALA B CA  1 
ATOM   850  C  C   . ALA B 1 55 ? 14.773  0.302   -0.605  1.00 12.38 ? 55  ALA B C   1 
ATOM   851  O  O   . ALA B 1 55 ? 14.306  0.525   -1.720  1.00 13.49 ? 55  ALA B O   1 
ATOM   852  C  CB  . ALA B 1 55 ? 17.204  -0.225  -0.212  1.00 8.58  ? 55  ALA B CB  1 
ATOM   853  N  N   . VAL B 1 56 ? 14.140  -0.436  0.301   1.00 12.28 ? 56  VAL B N   1 
ATOM   854  C  CA  . VAL B 1 56 ? 12.831  -1.020  0.028   1.00 12.35 ? 56  VAL B CA  1 
ATOM   855  C  C   . VAL B 1 56 ? 11.777  0.049   -0.269  1.00 12.66 ? 56  VAL B C   1 
ATOM   856  O  O   . VAL B 1 56 ? 11.053  -0.050  -1.256  1.00 11.27 ? 56  VAL B O   1 
ATOM   857  C  CB  . VAL B 1 56 ? 12.352  -1.885  1.222   1.00 13.91 ? 56  VAL B CB  1 
ATOM   858  C  CG1 . VAL B 1 56 ? 10.933  -2.382  0.985   1.00 11.01 ? 56  VAL B CG1 1 
ATOM   859  C  CG2 . VAL B 1 56 ? 13.295  -3.065  1.415   1.00 12.27 ? 56  VAL B CG2 1 
ATOM   860  N  N   . VAL B 1 57 ? 11.682  1.074   0.572   1.00 13.45 ? 57  VAL B N   1 
ATOM   861  C  CA  . VAL B 1 57 ? 10.684  2.104   0.319   1.00 12.93 ? 57  VAL B CA  1 
ATOM   862  C  C   . VAL B 1 57 ? 10.974  2.836   -0.991  1.00 12.58 ? 57  VAL B C   1 
ATOM   863  O  O   . VAL B 1 57 ? 10.052  3.127   -1.752  1.00 12.50 ? 57  VAL B O   1 
ATOM   864  C  CB  . VAL B 1 57 ? 10.586  3.106   1.495   1.00 12.93 ? 57  VAL B CB  1 
ATOM   865  C  CG1 . VAL B 1 57 ? 11.830  3.980   1.567   1.00 14.29 ? 57  VAL B CG1 1 
ATOM   866  C  CG2 . VAL B 1 57 ? 9.327   3.940   1.350   1.00 14.58 ? 57  VAL B CG2 1 
ATOM   867  N  N   . ASP B 1 58 ? 12.251  3.108   -1.265  1.00 14.01 ? 58  ASP B N   1 
ATOM   868  C  CA  . ASP B 1 58 ? 12.649  3.790   -2.502  1.00 13.56 ? 58  ASP B CA  1 
ATOM   869  C  C   . ASP B 1 58 ? 12.275  2.985   -3.751  1.00 15.33 ? 58  ASP B C   1 
ATOM   870  O  O   . ASP B 1 58 ? 11.786  3.544   -4.733  1.00 14.02 ? 58  ASP B O   1 
ATOM   871  C  CB  . ASP B 1 58 ? 14.164  4.039   -2.523  1.00 15.07 ? 58  ASP B CB  1 
ATOM   872  C  CG  . ASP B 1 58 ? 14.595  5.177   -1.611  1.00 17.45 ? 58  ASP B CG  1 
ATOM   873  O  OD1 . ASP B 1 58 ? 13.752  5.735   -0.877  1.00 19.00 ? 58  ASP B OD1 1 
ATOM   874  O  OD2 . ASP B 1 58 ? 15.798  5.513   -1.628  1.00 18.61 ? 58  ASP B OD2 1 
ATOM   875  N  N   . ASN B 1 59 ? 12.517  1.675   -3.723  1.00 15.47 ? 59  ASN B N   1 
ATOM   876  C  CA  . ASN B 1 59 ? 12.203  0.835   -4.878  1.00 15.89 ? 59  ASN B CA  1 
ATOM   877  C  C   . ASN B 1 59 ? 10.696  0.733   -5.051  1.00 15.26 ? 59  ASN B C   1 
ATOM   878  O  O   . ASN B 1 59 ? 10.171  0.740   -6.168  1.00 13.06 ? 59  ASN B O   1 
ATOM   879  C  CB  . ASN B 1 59 ? 12.791  -0.572  -4.713  1.00 17.61 ? 59  ASN B CB  1 
ATOM   880  C  CG  . ASN B 1 59 ? 14.307  -0.567  -4.603  1.00 21.21 ? 59  ASN B CG  1 
ATOM   881  O  OD1 . ASN B 1 59 ? 14.985  0.269   -5.201  1.00 23.27 ? 59  ASN B OD1 1 
ATOM   882  N  ND2 . ASN B 1 59 ? 14.848  -1.518  -3.850  1.00 22.42 ? 59  ASN B ND2 1 
ATOM   883  N  N   . PHE B 1 60 ? 10.005  0.638   -3.923  1.00 14.36 ? 60  PHE B N   1 
ATOM   884  C  CA  . PHE B 1 60 ? 8.560   0.532   -3.916  1.00 13.32 ? 60  PHE B CA  1 
ATOM   885  C  C   . PHE B 1 60 ? 7.930   1.800   -4.474  1.00 14.04 ? 60  PHE B C   1 
ATOM   886  O  O   . PHE B 1 60 ? 6.971   1.741   -5.245  1.00 14.07 ? 60  PHE B O   1 
ATOM   887  C  CB  . PHE B 1 60 ? 8.079   0.273   -2.488  1.00 11.95 ? 60  PHE B CB  1 
ATOM   888  C  CG  . PHE B 1 60 ? 6.586   0.240   -2.334  1.00 12.48 ? 60  PHE B CG  1 
ATOM   889  C  CD1 . PHE B 1 60 ? 5.863   1.420   -2.133  1.00 10.36 ? 60  PHE B CD1 1 
ATOM   890  C  CD2 . PHE B 1 60 ? 5.901   -0.964  -2.377  1.00 8.02  ? 60  PHE B CD2 1 
ATOM   891  C  CE1 . PHE B 1 60 ? 4.487   1.396   -1.953  1.00 7.79  ? 60  PHE B CE1 1 
ATOM   892  C  CE2 . PHE B 1 60 ? 4.522   -0.995  -2.198  1.00 12.57 ? 60  PHE B CE2 1 
ATOM   893  C  CZ  . PHE B 1 60 ? 3.812   0.192   -1.993  1.00 9.03  ? 60  PHE B CZ  1 
ATOM   894  N  N   . THR B 1 61 ? 8.472   2.950   -4.091  1.00 13.99 ? 61  THR B N   1 
ATOM   895  C  CA  . THR B 1 61 ? 7.936   4.212   -4.566  1.00 14.39 ? 61  THR B CA  1 
ATOM   896  C  C   . THR B 1 61 ? 8.252   4.432   -6.037  1.00 14.28 ? 61  THR B C   1 
ATOM   897  O  O   . THR B 1 61 ? 7.420   4.941   -6.787  1.00 14.32 ? 61  THR B O   1 
ATOM   898  C  CB  . THR B 1 61 ? 8.499   5.390   -3.765  1.00 15.40 ? 61  THR B CB  1 
ATOM   899  O  OG1 . THR B 1 61 ? 9.927   5.341   -3.799  1.00 19.14 ? 61  THR B OG1 1 
ATOM   900  C  CG2 . THR B 1 61 ? 8.008   5.337   -2.323  1.00 16.44 ? 61  THR B CG2 1 
ATOM   901  N  N   . LYS B 1 62 ? 9.458   4.046   -6.442  1.00 13.70 ? 62  LYS B N   1 
ATOM   902  C  CA  . LYS B 1 62 ? 9.894   4.203   -7.825  1.00 15.79 ? 62  LYS B CA  1 
ATOM   903  C  C   . LYS B 1 62 ? 8.982   3.368   -8.722  1.00 15.98 ? 62  LYS B C   1 
ATOM   904  O  O   . LYS B 1 62 ? 8.563   3.818   -9.791  1.00 16.00 ? 62  LYS B O   1 
ATOM   905  C  CB  . LYS B 1 62 ? 11.353  3.742   -7.963  1.00 19.46 ? 62  LYS B CB  1 
ATOM   906  C  CG  . LYS B 1 62 ? 12.062  4.164   -9.253  1.00 24.24 ? 62  LYS B CG  1 
ATOM   907  C  CD  . LYS B 1 62 ? 13.491  3.613   -9.280  1.00 27.01 ? 62  LYS B CD  1 
ATOM   908  C  CE  . LYS B 1 62 ? 14.256  4.018   -10.534 1.00 29.46 ? 62  LYS B CE  1 
ATOM   909  N  NZ  . LYS B 1 62 ? 14.696  5.439   -10.505 1.00 32.46 ? 62  LYS B NZ  1 
ATOM   910  N  N   . ALA B 1 63 ? 8.671   2.154   -8.272  1.00 14.37 ? 63  ALA B N   1 
ATOM   911  C  CA  . ALA B 1 63 ? 7.797   1.250   -9.011  1.00 14.65 ? 63  ALA B CA  1 
ATOM   912  C  C   . ALA B 1 63 ? 6.444   1.907   -9.271  1.00 14.84 ? 63  ALA B C   1 
ATOM   913  O  O   . ALA B 1 63 ? 5.959   1.918   -10.403 1.00 15.09 ? 63  ALA B O   1 
ATOM   914  C  CB  . ALA B 1 63 ? 7.605   -0.054  -8.229  1.00 14.43 ? 63  ALA B CB  1 
ATOM   915  N  N   . LEU B 1 64 ? 5.837   2.453   -8.219  1.00 16.14 ? 64  LEU B N   1 
ATOM   916  C  CA  . LEU B 1 64 ? 4.540   3.119   -8.341  1.00 17.62 ? 64  LEU B CA  1 
ATOM   917  C  C   . LEU B 1 64 ? 4.600   4.301   -9.303  1.00 18.84 ? 64  LEU B C   1 
ATOM   918  O  O   . LEU B 1 64 ? 3.692   4.503   -10.112 1.00 19.48 ? 64  LEU B O   1 
ATOM   919  C  CB  . LEU B 1 64 ? 4.056   3.622   -6.976  1.00 18.03 ? 64  LEU B CB  1 
ATOM   920  C  CG  . LEU B 1 64 ? 3.696   2.591   -5.904  1.00 20.93 ? 64  LEU B CG  1 
ATOM   921  C  CD1 . LEU B 1 64 ? 3.316   3.308   -4.610  1.00 20.20 ? 64  LEU B CD1 1 
ATOM   922  C  CD2 . LEU B 1 64 ? 2.549   1.720   -6.395  1.00 21.11 ? 64  LEU B CD2 1 
ATOM   923  N  N   . LYS B 1 65 ? 5.666   5.088   -9.205  1.00 19.89 ? 65  LYS B N   1 
ATOM   924  C  CA  . LYS B 1 65 ? 5.832   6.253   -10.063 1.00 21.45 ? 65  LYS B CA  1 
ATOM   925  C  C   . LYS B 1 65 ? 5.995   5.864   -11.527 1.00 23.23 ? 65  LYS B C   1 
ATOM   926  O  O   . LYS B 1 65 ? 5.604   6.617   -12.424 1.00 21.80 ? 65  LYS B O   1 
ATOM   927  C  CB  . LYS B 1 65 ? 7.038   7.081   -9.604  1.00 22.75 ? 65  LYS B CB  1 
ATOM   928  C  CG  . LYS B 1 65 ? 6.818   7.797   -8.277  1.00 24.94 ? 65  LYS B CG  1 
ATOM   929  C  CD  . LYS B 1 65 ? 8.012   8.649   -7.895  1.00 25.93 ? 65  LYS B CD  1 
ATOM   930  C  CE  . LYS B 1 65 ? 7.785   9.340   -6.566  1.00 28.15 ? 65  LYS B CE  1 
ATOM   931  N  NZ  . LYS B 1 65 ? 8.884   10.294  -6.260  1.00 30.45 ? 65  LYS B NZ  1 
ATOM   932  N  N   . GLN B 1 66 ? 6.575   4.691   -11.771 1.00 23.42 ? 66  GLN B N   1 
ATOM   933  C  CA  . GLN B 1 66 ? 6.771   4.220   -13.137 1.00 24.12 ? 66  GLN B CA  1 
ATOM   934  C  C   . GLN B 1 66 ? 5.482   3.629   -13.707 1.00 24.72 ? 66  GLN B C   1 
ATOM   935  O  O   . GLN B 1 66 ? 5.212   3.751   -14.898 1.00 24.40 ? 66  GLN B O   1 
ATOM   936  C  CB  . GLN B 1 66 ? 7.870   3.149   -13.189 1.00 24.01 ? 66  GLN B CB  1 
ATOM   937  C  CG  . GLN B 1 66 ? 9.285   3.641   -12.905 1.00 24.54 ? 66  GLN B CG  1 
ATOM   938  C  CD  . GLN B 1 66 ? 9.740   4.718   -13.869 1.00 26.23 ? 66  GLN B CD  1 
ATOM   939  O  OE1 . GLN B 1 66 ? 9.592   4.583   -15.087 1.00 25.61 ? 66  GLN B OE1 1 
ATOM   940  N  NE2 . GLN B 1 66 ? 10.309  5.792   -13.330 1.00 26.18 ? 66  GLN B NE2 1 
ATOM   941  N  N   . SER B 1 67 ? 4.689   2.994   -12.850 1.00 25.74 ? 67  SER B N   1 
ATOM   942  C  CA  . SER B 1 67 ? 3.449   2.356   -13.282 1.00 27.74 ? 67  SER B CA  1 
ATOM   943  C  C   . SER B 1 67 ? 2.284   3.321   -13.398 1.00 27.43 ? 67  SER B C   1 
ATOM   944  O  O   . SER B 1 67 ? 1.247   2.990   -13.960 1.00 28.08 ? 67  SER B O   1 
ATOM   945  C  CB  . SER B 1 67 ? 3.092   1.219   -12.330 1.00 26.97 ? 67  SER B CB  1 
ATOM   946  N  N   . VAL B 1 68 ? 2.452   4.516   -12.853 1.00 29.33 ? 68  VAL B N   1 
ATOM   947  C  CA  . VAL B 1 68 ? 1.404   5.516   -12.924 1.00 30.49 ? 68  VAL B CA  1 
ATOM   948  C  C   . VAL B 1 68 ? 1.548   6.269   -14.234 1.00 32.11 ? 68  VAL B C   1 
ATOM   949  O  O   . VAL B 1 68 ? 0.564   6.786   -14.774 1.00 33.66 ? 68  VAL B O   1 
ATOM   950  C  CB  . VAL B 1 68 ? 1.488   6.496   -11.723 1.00 31.60 ? 68  VAL B CB  1 
ATOM   951  C  CG1 . VAL B 1 68 ? 1.021   7.885   -12.125 1.00 29.88 ? 68  VAL B CG1 1 
ATOM   952  C  CG2 . VAL B 1 68 ? 0.627   5.973   -10.585 1.00 30.60 ? 68  VAL B CG2 1 
ATOM   953  N  N   . LEU B 1 69 ? 2.774   6.321   -14.749 1.00 32.16 ? 69  LEU B N   1 
ATOM   954  C  CA  . LEU B 1 69 ? 3.026   7.007   -16.003 1.00 33.23 ? 69  LEU B CA  1 
ATOM   955  C  C   . LEU B 1 69 ? 3.022   6.040   -17.173 1.00 34.11 ? 69  LEU B C   1 
ATOM   956  O  O   . LEU B 1 69 ? 2.428   6.402   -18.212 1.00 35.91 ? 69  LEU B O   1 
ATOM   957  C  CB  . LEU B 1 69 ? 4.351   7.792   -15.953 1.00 32.97 ? 69  LEU B CB  1 
ATOM   958  C  CG  . LEU B 1 69 ? 5.767   7.214   -15.859 1.00 30.01 ? 69  LEU B CG  1 
ATOM   959  C  CD1 . LEU B 1 69 ? 6.188   6.524   -17.147 1.00 29.09 ? 69  LEU B CD1 1 
ATOM   960  C  CD2 . LEU B 1 69 ? 6.706   8.379   -15.574 1.00 27.69 ? 69  LEU B CD2 1 
HETATM 961  O  O   . HOH C 2 .  ? -8.976  11.128  -16.203 1.00 14.23 ? 77  HOH A O   1 
HETATM 962  O  O   . HOH C 2 .  ? -7.964  14.101  -16.075 1.00 13.98 ? 78  HOH A O   1 
HETATM 963  O  O   . HOH C 2 .  ? -9.277  -9.388  5.707   1.00 14.58 ? 79  HOH A O   1 
HETATM 964  O  O   . HOH C 2 .  ? -5.899  -13.943 2.191   1.00 7.64  ? 80  HOH A O   1 
HETATM 965  O  O   . HOH C 2 .  ? 10.241  1.770   9.364   1.00 15.63 ? 81  HOH A O   1 
HETATM 966  O  O   . HOH C 2 .  ? 10.929  -10.423 1.803   1.00 22.51 ? 82  HOH A O   1 
HETATM 967  O  O   . HOH C 2 .  ? -16.793 7.353   8.086   1.00 27.22 ? 83  HOH A O   1 
HETATM 968  O  O   . HOH C 2 .  ? -1.407  17.309  -13.886 1.00 11.71 ? 84  HOH A O   1 
HETATM 969  O  O   . HOH C 2 .  ? -8.679  -12.085 5.420   1.00 23.23 ? 85  HOH A O   1 
HETATM 970  O  O   . HOH C 2 .  ? -11.973 0.742   -4.286  1.00 19.09 ? 86  HOH A O   1 
HETATM 971  O  O   . HOH C 2 .  ? -3.356  15.923  -4.550  1.00 28.56 ? 87  HOH A O   1 
HETATM 972  O  O   . HOH C 2 .  ? -6.905  18.662  -12.192 1.00 30.57 ? 88  HOH A O   1 
HETATM 973  O  O   . HOH C 2 .  ? -4.100  -21.780 1.275   1.00 39.43 ? 89  HOH A O   1 
HETATM 974  O  O   . HOH C 2 .  ? 7.245   -14.486 -3.606  1.00 36.38 ? 90  HOH A O   1 
HETATM 975  O  O   . HOH C 2 .  ? -4.656  13.614  -21.218 1.00 19.96 ? 91  HOH A O   1 
HETATM 976  O  O   . HOH C 2 .  ? -0.684  13.787  -13.496 1.00 18.88 ? 92  HOH A O   1 
HETATM 977  O  O   . HOH C 2 .  ? 4.363   15.928  -3.149  1.00 26.27 ? 93  HOH A O   1 
HETATM 978  O  O   . HOH C 2 .  ? -10.765 14.285  -2.827  1.00 37.85 ? 94  HOH A O   1 
HETATM 979  O  O   . HOH C 2 .  ? -8.295  -13.559 2.848   1.00 25.27 ? 95  HOH A O   1 
HETATM 980  O  O   . HOH C 2 .  ? 6.578   11.712  -10.983 1.00 26.40 ? 96  HOH A O   1 
HETATM 981  O  O   . HOH C 2 .  ? 18.518  2.701   15.639  1.00 39.34 ? 97  HOH A O   1 
HETATM 982  O  O   . HOH C 2 .  ? 10.401  12.804  6.464   1.00 29.29 ? 98  HOH A O   1 
HETATM 983  O  O   . HOH C 2 .  ? -10.648 -1.834  -7.035  1.00 38.83 ? 99  HOH A O   1 
HETATM 984  O  O   . HOH C 2 .  ? -11.986 9.487   -10.260 1.00 23.46 ? 100 HOH A O   1 
HETATM 985  O  O   . HOH C 2 .  ? 0.922   7.017   2.314   1.00 25.70 ? 101 HOH A O   1 
HETATM 986  O  O   . HOH C 2 .  ? -9.906  -9.683  8.351   1.00 27.07 ? 102 HOH A O   1 
HETATM 987  O  O   . HOH C 2 .  ? -6.523  -12.969 8.208   1.00 43.24 ? 103 HOH A O   1 
HETATM 988  O  O   . HOH C 2 .  ? -13.987 14.034  -5.182  1.00 30.99 ? 104 HOH A O   1 
HETATM 989  O  O   . HOH C 2 .  ? -1.808  3.996   -11.236 1.00 29.59 ? 105 HOH A O   1 
HETATM 990  O  O   . HOH C 2 .  ? -13.241 0.072   -7.205  1.00 23.81 ? 106 HOH A O   1 
HETATM 991  O  O   . HOH C 2 .  ? -16.404 10.708  4.677   1.00 48.71 ? 107 HOH A O   1 
HETATM 992  O  O   . HOH C 2 .  ? -8.424  0.487   -11.587 1.00 35.30 ? 108 HOH A O   1 
HETATM 993  O  O   . HOH C 2 .  ? -7.201  -17.774 -1.606  1.00 42.93 ? 109 HOH A O   1 
HETATM 994  O  O   . HOH C 2 .  ? -5.143  20.062  -7.487  1.00 37.51 ? 110 HOH A O   1 
HETATM 995  O  O   . HOH C 2 .  ? -5.790  -5.917  -10.858 1.00 37.46 ? 111 HOH A O   1 
HETATM 996  O  O   . HOH C 2 .  ? 5.142   13.814  2.952   1.00 38.11 ? 112 HOH A O   1 
HETATM 997  O  O   . HOH C 2 .  ? -4.223  17.757  -6.364  1.00 29.08 ? 113 HOH A O   1 
HETATM 998  O  O   . HOH C 2 .  ? -14.985 4.940   16.662  1.00 39.26 ? 114 HOH A O   1 
HETATM 999  O  O   . HOH C 2 .  ? 2.994   13.919  1.147   1.00 30.77 ? 115 HOH A O   1 
HETATM 1000 O  O   . HOH C 2 .  ? -4.833  4.300   11.740  1.00 35.81 ? 116 HOH A O   1 
HETATM 1001 O  O   . HOH C 2 .  ? -7.004  15.291  -3.912  1.00 42.23 ? 117 HOH A O   1 
HETATM 1002 O  O   . HOH C 2 .  ? -15.413 10.884  0.280   1.00 41.71 ? 118 HOH A O   1 
HETATM 1003 O  O   . HOH C 2 .  ? -2.701  14.543  -2.639  1.00 35.44 ? 119 HOH A O   1 
HETATM 1004 O  O   . HOH C 2 .  ? 3.481   7.008   10.805  1.00 48.13 ? 120 HOH A O   1 
HETATM 1005 O  O   . HOH C 2 .  ? 10.691  -5.358  -1.461  1.00 34.88 ? 121 HOH A O   1 
HETATM 1006 O  O   . HOH C 2 .  ? -5.186  -16.246 -2.133  1.00 40.73 ? 122 HOH A O   1 
HETATM 1007 O  O   . HOH C 2 .  ? -8.944  16.175  -15.186 1.00 18.34 ? 123 HOH A O   1 
HETATM 1008 O  O   . HOH C 2 .  ? -10.317 13.082  9.396   1.00 25.57 ? 124 HOH A O   1 
HETATM 1009 O  O   . HOH C 2 .  ? -12.034 13.473  7.642   1.00 34.13 ? 125 HOH A O   1 
HETATM 1010 O  O   . HOH C 2 .  ? -9.084  10.008  8.020   1.00 33.09 ? 126 HOH A O   1 
HETATM 1011 O  O   . HOH C 2 .  ? -3.724  6.366   -21.278 1.00 39.76 ? 127 HOH A O   1 
HETATM 1012 O  O   . HOH C 2 .  ? -2.264  17.551  -9.902  1.00 38.56 ? 128 HOH A O   1 
HETATM 1013 O  O   . HOH C 2 .  ? 2.466   -12.776 6.241   1.00 27.74 ? 129 HOH A O   1 
HETATM 1014 O  O   . HOH C 2 .  ? -1.519  -7.215  11.266  1.00 33.29 ? 130 HOH A O   1 
HETATM 1015 O  O   . HOH C 2 .  ? 8.413   0.561   19.110  1.00 38.38 ? 131 HOH A O   1 
HETATM 1016 O  O   . HOH C 2 .  ? -9.047  7.600   -16.767 1.00 32.93 ? 132 HOH A O   1 
HETATM 1017 O  O   . HOH D 2 .  ? 16.322  -4.456  11.800  1.00 14.09 ? 77  HOH B O   1 
HETATM 1018 O  O   . HOH D 2 .  ? -13.539 -8.892  1.119   1.00 34.53 ? 78  HOH B O   1 
HETATM 1019 O  O   . HOH D 2 .  ? 15.152  3.004   8.524   1.00 20.28 ? 79  HOH B O   1 
HETATM 1020 O  O   . HOH D 2 .  ? 19.376  -4.242  10.120  1.00 13.76 ? 80  HOH B O   1 
HETATM 1021 O  O   . HOH D 2 .  ? 19.009  -2.458  13.244  1.00 32.22 ? 81  HOH B O   1 
HETATM 1022 O  O   . HOH D 2 .  ? 22.446  -8.447  4.014   1.00 38.85 ? 82  HOH B O   1 
HETATM 1023 O  O   . HOH D 2 .  ? 7.709   11.494  -4.077  1.00 21.65 ? 83  HOH B O   1 
HETATM 1024 O  O   . HOH D 2 .  ? 21.141  0.753   4.927   1.00 15.10 ? 84  HOH B O   1 
HETATM 1025 O  O   . HOH D 2 .  ? -2.306  5.230   -14.026 1.00 33.50 ? 85  HOH B O   1 
HETATM 1026 O  O   . HOH D 2 .  ? 15.457  2.903   -6.219  1.00 31.84 ? 86  HOH B O   1 
HETATM 1027 O  O   . HOH D 2 .  ? -17.010 8.101   2.263   1.00 38.44 ? 87  HOH B O   1 
HETATM 1028 O  O   . HOH D 2 .  ? -13.838 -11.832 -1.985  1.00 43.26 ? 88  HOH B O   1 
HETATM 1029 O  O   . HOH D 2 .  ? 17.195  2.264   6.177   1.00 22.65 ? 89  HOH B O   1 
HETATM 1030 O  O   . HOH D 2 .  ? 17.116  7.674   -1.171  1.00 22.24 ? 90  HOH B O   1 
HETATM 1031 O  O   . HOH D 2 .  ? 7.744   1.387   8.626   1.00 25.19 ? 91  HOH B O   1 
HETATM 1032 O  O   . HOH D 2 .  ? 4.762   -10.052 5.558   1.00 29.43 ? 92  HOH B O   1 
HETATM 1033 O  O   . HOH D 2 .  ? 22.756  -5.129  5.413   1.00 37.35 ? 93  HOH B O   1 
HETATM 1034 O  O   . HOH D 2 .  ? -2.518  -17.997 -10.590 1.00 34.45 ? 94  HOH B O   1 
HETATM 1035 O  O   . HOH D 2 .  ? 2.129   -10.062 6.259   1.00 23.75 ? 95  HOH B O   1 
HETATM 1036 O  O   . HOH D 2 .  ? -7.435  12.116  -4.246  1.00 39.42 ? 96  HOH B O   1 
HETATM 1037 O  O   . HOH D 2 .  ? 5.441   -15.484 -5.266  1.00 32.24 ? 97  HOH B O   1 
HETATM 1038 O  O   . HOH D 2 .  ? -17.771 -0.003  -2.988  1.00 28.89 ? 98  HOH B O   1 
HETATM 1039 O  O   . HOH D 2 .  ? 0.889   -7.599  9.970   1.00 33.14 ? 99  HOH B O   1 
HETATM 1040 O  O   . HOH D 2 .  ? 17.297  4.259   -3.111  1.00 22.20 ? 100 HOH B O   1 
HETATM 1041 O  O   . HOH D 2 .  ? -19.558 1.578   3.953   1.00 32.78 ? 101 HOH B O   1 
HETATM 1042 O  O   . HOH D 2 .  ? 17.893  -1.982  -3.808  1.00 39.46 ? 102 HOH B O   1 
HETATM 1043 O  O   . HOH D 2 .  ? 12.814  7.917   -2.950  1.00 37.19 ? 103 HOH B O   1 
HETATM 1044 O  O   . HOH D 2 .  ? 2.694   -20.688 -0.571  1.00 42.35 ? 104 HOH B O   1 
HETATM 1045 O  O   . HOH D 2 .  ? 21.102  -2.296  14.746  1.00 35.61 ? 105 HOH B O   1 
HETATM 1046 O  O   . HOH D 2 .  ? -10.881 -9.870  0.196   1.00 32.19 ? 106 HOH B O   1 
HETATM 1047 O  O   . HOH D 2 .  ? 0.266   3.602   -18.767 1.00 41.44 ? 107 HOH B O   1 
HETATM 1048 O  O   . HOH D 2 .  ? 11.282  7.572   -7.515  1.00 29.18 ? 108 HOH B O   1 
HETATM 1049 O  O   . HOH D 2 .  ? 3.542   2.625   3.332   1.00 47.93 ? 109 HOH B O   1 
HETATM 1050 O  O   . HOH D 2 .  ? 15.459  7.515   -8.581  1.00 36.45 ? 110 HOH B O   1 
HETATM 1051 O  O   . HOH D 2 .  ? -3.381  -10.796 -14.087 1.00 45.13 ? 111 HOH B O   1 
HETATM 1052 O  O   . HOH D 2 .  ? 6.522   -12.775 -8.183  1.00 46.74 ? 112 HOH B O   1 
# 
